data_5NOC
#
_entry.id   5NOC
#
_entity_poly.entity_id   1
_entity_poly.type   'polypeptide(L)'
_entity_poly.pdbx_seq_one_letter_code
;GPGQNVPRETKKKEPVKDAVLKERESYLQNYFGTTVNIKRQKKKGKIEIEFFSNEDLDRILELLSERES
;
_entity_poly.pdbx_strand_id   A,B
#
# COMPACT_ATOMS: atom_id res chain seq x y z
N VAL A 16 11.89 -16.11 -8.26
CA VAL A 16 11.65 -15.08 -7.22
C VAL A 16 11.23 -15.73 -5.90
N LYS A 17 11.80 -15.26 -4.81
CA LYS A 17 11.47 -15.76 -3.49
C LYS A 17 10.81 -14.68 -2.65
N ASP A 18 9.68 -15.02 -2.06
CA ASP A 18 8.85 -14.06 -1.32
C ASP A 18 9.56 -13.49 -0.12
N ALA A 19 10.64 -14.16 0.31
CA ALA A 19 11.43 -13.70 1.45
C ALA A 19 11.93 -12.28 1.24
N VAL A 20 12.23 -11.94 -0.02
CA VAL A 20 12.74 -10.62 -0.36
C VAL A 20 11.68 -9.55 -0.13
N LEU A 21 10.44 -9.91 -0.41
CA LEU A 21 9.33 -9.00 -0.25
C LEU A 21 8.82 -9.04 1.19
N LYS A 22 9.01 -10.18 1.84
CA LYS A 22 8.52 -10.38 3.19
C LYS A 22 9.37 -9.63 4.20
N GLU A 23 10.66 -9.50 3.90
CA GLU A 23 11.54 -8.70 4.75
C GLU A 23 11.17 -7.23 4.61
N ARG A 24 10.57 -6.89 3.48
CA ARG A 24 10.06 -5.54 3.26
C ARG A 24 8.78 -5.33 4.06
N GLU A 25 7.97 -6.38 4.21
CA GLU A 25 6.79 -6.33 5.07
C GLU A 25 7.18 -5.85 6.46
N SER A 26 8.28 -6.38 6.97
CA SER A 26 8.79 -6.04 8.29
C SER A 26 9.10 -4.54 8.38
N TYR A 27 9.70 -4.00 7.33
CA TYR A 27 10.08 -2.60 7.29
C TYR A 27 8.86 -1.71 7.12
N LEU A 28 7.91 -2.15 6.30
CA LEU A 28 6.69 -1.37 6.04
C LEU A 28 5.85 -1.22 7.31
N GLN A 29 5.78 -2.29 8.10
CA GLN A 29 5.03 -2.26 9.35
C GLN A 29 5.59 -1.21 10.30
N ASN A 30 6.91 -1.16 10.39
CA ASN A 30 7.59 -0.20 11.26
C ASN A 30 7.48 1.21 10.69
N TYR A 31 7.45 1.30 9.37
CA TYR A 31 7.41 2.57 8.67
C TYR A 31 6.18 3.37 9.06
N PHE A 32 5.00 2.77 8.92
CA PHE A 32 3.76 3.47 9.25
C PHE A 32 3.33 3.18 10.68
N GLY A 33 4.02 2.24 11.31
CA GLY A 33 3.65 1.81 12.65
C GLY A 33 2.32 1.07 12.65
N THR A 34 2.16 0.18 11.68
CA THR A 34 0.90 -0.50 11.47
C THR A 34 1.13 -1.91 10.94
N THR A 35 0.07 -2.67 10.76
CA THR A 35 0.16 -4.02 10.25
C THR A 35 0.13 -4.04 8.72
N VAL A 36 1.00 -4.84 8.12
CA VAL A 36 1.12 -4.94 6.68
C VAL A 36 1.18 -6.40 6.26
N ASN A 37 0.49 -6.76 5.18
CA ASN A 37 0.48 -8.14 4.70
C ASN A 37 0.53 -8.18 3.18
N ILE A 38 1.50 -8.90 2.63
CA ILE A 38 1.55 -9.14 1.20
C ILE A 38 0.99 -10.53 0.90
N LYS A 39 0.15 -10.63 -0.12
CA LYS A 39 -0.41 -11.90 -0.52
C LYS A 39 0.27 -12.40 -1.78
N ARG A 40 1.16 -13.38 -1.61
CA ARG A 40 1.85 -14.00 -2.74
C ARG A 40 0.99 -15.08 -3.36
N GLN A 41 0.31 -14.75 -4.45
CA GLN A 41 -0.62 -15.67 -5.08
C GLN A 41 -0.39 -15.71 -6.60
N LYS A 42 0.62 -16.47 -7.02
CA LYS A 42 0.93 -16.63 -8.45
C LYS A 42 1.26 -15.28 -9.09
N LYS A 43 1.92 -14.41 -8.31
CA LYS A 43 2.24 -13.04 -8.73
C LYS A 43 1.00 -12.16 -8.80
N LYS A 44 -0.17 -12.78 -8.66
CA LYS A 44 -1.44 -12.07 -8.73
C LYS A 44 -1.97 -11.82 -7.33
N GLY A 45 -1.27 -10.97 -6.60
CA GLY A 45 -1.61 -10.74 -5.21
C GLY A 45 -1.86 -9.29 -4.91
N LYS A 46 -1.57 -8.87 -3.69
CA LYS A 46 -1.84 -7.51 -3.24
C LYS A 46 -1.14 -7.23 -1.91
N ILE A 47 -0.73 -6.00 -1.71
CA ILE A 47 -0.18 -5.57 -0.43
C ILE A 47 -1.23 -4.77 0.30
N GLU A 48 -1.62 -5.22 1.48
CA GLU A 48 -2.63 -4.52 2.25
C GLU A 48 -2.02 -3.83 3.45
N ILE A 49 -2.04 -2.51 3.43
CA ILE A 49 -1.55 -1.71 4.54
C ILE A 49 -2.73 -1.35 5.43
N GLU A 50 -2.74 -1.88 6.63
CA GLU A 50 -3.86 -1.66 7.53
C GLU A 50 -3.72 -0.31 8.23
N PHE A 51 -4.83 0.28 8.63
CA PHE A 51 -4.80 1.52 9.36
C PHE A 51 -5.88 1.52 10.41
N PHE A 52 -5.60 2.14 11.55
CA PHE A 52 -6.56 2.18 12.65
C PHE A 52 -7.19 3.56 12.79
N SER A 53 -6.70 4.51 11.99
CA SER A 53 -7.28 5.84 11.97
C SER A 53 -7.31 6.33 10.53
N ASN A 54 -8.12 7.36 10.28
CA ASN A 54 -8.15 7.98 8.95
C ASN A 54 -6.91 8.86 8.77
N GLU A 55 -6.23 9.13 9.89
CA GLU A 55 -5.00 9.91 9.86
C GLU A 55 -3.87 9.08 9.26
N ASP A 56 -3.76 7.83 9.71
CA ASP A 56 -2.78 6.91 9.16
C ASP A 56 -3.09 6.65 7.70
N LEU A 57 -4.37 6.56 7.39
CA LEU A 57 -4.85 6.34 6.02
C LEU A 57 -4.31 7.44 5.09
N ASP A 58 -4.52 8.69 5.48
CA ASP A 58 -4.08 9.82 4.68
C ASP A 58 -2.56 9.80 4.51
N ARG A 59 -1.86 9.44 5.59
CA ARG A 59 -0.41 9.36 5.58
C ARG A 59 0.09 8.21 4.69
N ILE A 60 -0.56 7.05 4.78
CA ILE A 60 -0.12 5.88 4.01
C ILE A 60 -0.29 6.15 2.51
N LEU A 61 -1.41 6.74 2.15
CA LEU A 61 -1.67 7.13 0.77
C LEU A 61 -0.64 8.14 0.29
N GLU A 62 -0.13 8.94 1.22
CA GLU A 62 0.86 9.96 0.89
C GLU A 62 2.17 9.32 0.48
N LEU A 63 2.55 8.24 1.16
CA LEU A 63 3.77 7.51 0.81
C LEU A 63 3.58 6.80 -0.53
N LEU A 64 2.40 6.23 -0.73
CA LEU A 64 2.08 5.56 -1.99
C LEU A 64 2.13 6.54 -3.16
N SER A 65 1.87 7.81 -2.88
CA SER A 65 1.91 8.85 -3.88
C SER A 65 3.33 9.38 -4.03
N GLU A 66 4.13 9.24 -2.98
CA GLU A 66 5.50 9.76 -2.94
C GLU A 66 5.55 11.18 -3.51
N ARG A 67 4.91 12.10 -2.80
CA ARG A 67 4.82 13.48 -3.23
C ARG A 67 6.06 14.25 -2.81
N GLU A 68 6.90 13.60 -2.02
CA GLU A 68 8.17 14.18 -1.59
C GLU A 68 9.15 14.25 -2.75
N SER A 69 8.89 13.47 -3.79
CA SER A 69 9.72 13.47 -4.98
C SER A 69 9.16 14.45 -6.01
N VAL B 16 -14.95 12.93 8.86
CA VAL B 16 -14.13 12.52 7.70
C VAL B 16 -14.99 11.84 6.65
N LYS B 17 -14.75 12.18 5.39
CA LYS B 17 -15.48 11.58 4.29
C LYS B 17 -14.54 10.80 3.39
N ASP B 18 -14.92 9.57 3.10
CA ASP B 18 -14.07 8.63 2.36
C ASP B 18 -13.78 9.12 0.95
N ALA B 19 -14.57 10.06 0.46
CA ALA B 19 -14.39 10.63 -0.87
C ALA B 19 -12.98 11.18 -1.03
N VAL B 20 -12.42 11.73 0.05
CA VAL B 20 -11.10 12.34 0.02
C VAL B 20 -10.04 11.27 -0.20
N LEU B 21 -10.26 10.11 0.37
CA LEU B 21 -9.33 9.00 0.24
C LEU B 21 -9.61 8.23 -1.03
N LYS B 22 -10.87 8.25 -1.47
CA LYS B 22 -11.28 7.50 -2.64
C LYS B 22 -10.80 8.16 -3.92
N GLU B 23 -10.68 9.48 -3.91
CA GLU B 23 -10.11 10.19 -5.04
C GLU B 23 -8.62 9.89 -5.13
N ARG B 24 -8.03 9.52 -3.99
CA ARG B 24 -6.64 9.11 -3.96
C ARG B 24 -6.51 7.69 -4.52
N GLU B 25 -7.53 6.85 -4.31
CA GLU B 25 -7.56 5.52 -4.92
C GLU B 25 -7.37 5.63 -6.43
N SER B 26 -8.06 6.61 -7.02
CA SER B 26 -8.00 6.84 -8.46
C SER B 26 -6.57 7.16 -8.90
N TYR B 27 -5.88 7.97 -8.10
CA TYR B 27 -4.53 8.39 -8.41
C TYR B 27 -3.53 7.25 -8.18
N LEU B 28 -3.76 6.46 -7.13
CA LEU B 28 -2.87 5.34 -6.81
C LEU B 28 -2.92 4.27 -7.90
N GLN B 29 -4.11 4.03 -8.44
CA GLN B 29 -4.27 3.04 -9.50
C GLN B 29 -3.45 3.43 -10.72
N ASN B 30 -3.51 4.71 -11.08
CA ASN B 30 -2.76 5.21 -12.23
C ASN B 30 -1.27 5.25 -11.94
N TYR B 31 -0.94 5.49 -10.68
CA TYR B 31 0.45 5.62 -10.25
C TYR B 31 1.24 4.35 -10.55
N PHE B 32 0.75 3.21 -10.07
CA PHE B 32 1.45 1.94 -10.29
C PHE B 32 0.91 1.24 -11.52
N GLY B 33 -0.16 1.76 -12.08
CA GLY B 33 -0.82 1.13 -13.21
C GLY B 33 -1.46 -0.19 -12.81
N THR B 34 -2.14 -0.18 -11.68
CA THR B 34 -2.70 -1.39 -11.12
C THR B 34 -4.00 -1.08 -10.37
N THR B 35 -4.64 -2.11 -9.84
CA THR B 35 -5.88 -1.95 -9.10
C THR B 35 -5.61 -1.68 -7.62
N VAL B 36 -6.33 -0.72 -7.05
CA VAL B 36 -6.17 -0.31 -5.66
C VAL B 36 -7.53 -0.21 -4.99
N ASN B 37 -7.64 -0.68 -3.76
CA ASN B 37 -8.90 -0.63 -3.02
C ASN B 37 -8.65 -0.28 -1.55
N ILE B 38 -9.31 0.76 -1.07
CA ILE B 38 -9.29 1.09 0.35
C ILE B 38 -10.55 0.57 1.02
N LYS B 39 -10.40 -0.05 2.18
CA LYS B 39 -11.54 -0.56 2.91
C LYS B 39 -11.84 0.35 4.10
N ARG B 40 -12.88 1.16 3.96
CA ARG B 40 -13.32 2.06 5.03
C ARG B 40 -14.21 1.31 6.00
N GLN B 41 -13.64 0.86 7.11
CA GLN B 41 -14.37 0.06 8.09
C GLN B 41 -14.15 0.57 9.50
N LYS B 42 -14.86 1.64 9.87
CA LYS B 42 -14.77 2.23 11.22
C LYS B 42 -13.35 2.70 11.50
N LYS B 43 -12.69 3.21 10.46
CA LYS B 43 -11.27 3.65 10.54
C LYS B 43 -10.33 2.45 10.66
N LYS B 44 -10.89 1.27 10.87
CA LYS B 44 -10.10 0.06 11.04
C LYS B 44 -10.10 -0.73 9.74
N GLY B 45 -9.43 -0.17 8.74
CA GLY B 45 -9.46 -0.79 7.42
C GLY B 45 -8.07 -1.06 6.91
N LYS B 46 -7.92 -1.00 5.58
CA LYS B 46 -6.65 -1.32 4.94
C LYS B 46 -6.67 -0.90 3.48
N ILE B 47 -5.51 -0.50 2.96
CA ILE B 47 -5.37 -0.21 1.55
C ILE B 47 -4.66 -1.37 0.88
N GLU B 48 -5.30 -1.98 -0.10
CA GLU B 48 -4.70 -3.12 -0.78
C GLU B 48 -4.29 -2.73 -2.19
N ILE B 49 -2.99 -2.72 -2.42
CA ILE B 49 -2.44 -2.46 -3.74
C ILE B 49 -2.19 -3.77 -4.44
N GLU B 50 -2.93 -4.04 -5.49
CA GLU B 50 -2.82 -5.30 -6.18
C GLU B 50 -1.63 -5.26 -7.14
N PHE B 51 -1.07 -6.42 -7.45
CA PHE B 51 0.02 -6.51 -8.39
C PHE B 51 -0.12 -7.78 -9.21
N PHE B 52 0.26 -7.72 -10.47
CA PHE B 52 0.14 -8.87 -11.35
C PHE B 52 1.51 -9.48 -11.65
N SER B 53 2.56 -8.84 -11.16
CA SER B 53 3.91 -9.36 -11.29
C SER B 53 4.67 -9.10 -9.99
N ASN B 54 5.77 -9.82 -9.80
CA ASN B 54 6.62 -9.57 -8.64
C ASN B 54 7.45 -8.31 -8.87
N GLU B 55 7.46 -7.85 -10.12
CA GLU B 55 8.15 -6.62 -10.48
C GLU B 55 7.39 -5.42 -9.95
N ASP B 56 6.08 -5.42 -10.18
CA ASP B 56 5.21 -4.38 -9.64
C ASP B 56 5.26 -4.40 -8.12
N LEU B 57 5.30 -5.61 -7.57
CA LEU B 57 5.38 -5.79 -6.12
C LEU B 57 6.59 -5.07 -5.54
N ASP B 58 7.76 -5.32 -6.12
CA ASP B 58 9.00 -4.70 -5.65
C ASP B 58 8.92 -3.18 -5.78
N ARG B 59 8.31 -2.72 -6.87
CA ARG B 59 8.14 -1.30 -7.13
C ARG B 59 7.16 -0.66 -6.15
N ILE B 60 6.05 -1.33 -5.87
CA ILE B 60 5.02 -0.78 -4.99
C ILE B 60 5.56 -0.64 -3.56
N LEU B 61 6.30 -1.66 -3.13
CA LEU B 61 6.94 -1.63 -1.82
C LEU B 61 7.97 -0.50 -1.75
N GLU B 62 8.54 -0.18 -2.90
CA GLU B 62 9.54 0.87 -2.98
C GLU B 62 8.91 2.24 -2.70
N LEU B 63 7.71 2.46 -3.21
CA LEU B 63 6.98 3.70 -2.96
C LEU B 63 6.55 3.77 -1.50
N LEU B 64 6.10 2.64 -0.96
CA LEU B 64 5.70 2.55 0.44
C LEU B 64 6.89 2.85 1.36
N SER B 65 8.08 2.57 0.88
CA SER B 65 9.30 2.84 1.64
C SER B 65 9.76 4.28 1.41
N GLU B 66 9.37 4.85 0.28
CA GLU B 66 9.80 6.18 -0.12
C GLU B 66 11.29 6.37 0.13
N ARG B 67 12.09 5.63 -0.61
CA ARG B 67 13.53 5.66 -0.43
C ARG B 67 14.14 6.81 -1.23
N GLU B 68 13.30 7.46 -2.02
CA GLU B 68 13.72 8.62 -2.78
C GLU B 68 13.95 9.82 -1.86
N SER B 69 13.39 9.75 -0.67
CA SER B 69 13.56 10.80 0.32
C SER B 69 14.76 10.49 1.21
N VAL A 16 10.00 -16.01 -7.14
CA VAL A 16 10.36 -15.20 -5.96
C VAL A 16 9.89 -15.87 -4.68
N LYS A 17 10.74 -15.83 -3.66
CA LYS A 17 10.43 -16.44 -2.37
C LYS A 17 9.68 -15.44 -1.49
N ASP A 18 8.66 -15.92 -0.80
CA ASP A 18 7.84 -15.07 0.06
C ASP A 18 8.64 -14.54 1.24
N ALA A 19 9.79 -15.16 1.49
CA ALA A 19 10.71 -14.71 2.52
C ALA A 19 11.30 -13.35 2.14
N VAL A 20 11.41 -13.10 0.85
CA VAL A 20 11.92 -11.83 0.36
C VAL A 20 10.89 -10.73 0.60
N LEU A 21 9.63 -11.10 0.41
CA LEU A 21 8.52 -10.22 0.73
C LEU A 21 8.52 -9.91 2.21
N LYS A 22 8.79 -10.94 3.02
CA LYS A 22 8.85 -10.79 4.48
C LYS A 22 9.87 -9.72 4.87
N GLU A 23 10.99 -9.70 4.17
CA GLU A 23 12.05 -8.74 4.44
C GLU A 23 11.57 -7.31 4.19
N ARG A 24 10.83 -7.13 3.10
CA ARG A 24 10.30 -5.81 2.77
C ARG A 24 9.15 -5.45 3.70
N GLU A 25 8.28 -6.43 3.97
CA GLU A 25 7.13 -6.23 4.86
C GLU A 25 7.58 -5.77 6.24
N SER A 26 8.70 -6.32 6.71
CA SER A 26 9.23 -5.96 8.02
C SER A 26 9.56 -4.47 8.07
N TYR A 27 10.17 -3.96 7.01
CA TYR A 27 10.52 -2.54 6.94
C TYR A 27 9.27 -1.68 6.76
N LEU A 28 8.33 -2.16 5.97
CA LEU A 28 7.09 -1.41 5.70
C LEU A 28 6.29 -1.20 7.00
N GLN A 29 6.17 -2.27 7.79
CA GLN A 29 5.44 -2.21 9.05
C GLN A 29 6.04 -1.17 9.98
N ASN A 30 7.36 -1.17 10.06
CA ASN A 30 8.07 -0.28 10.98
C ASN A 30 8.04 1.16 10.48
N TYR A 31 8.07 1.33 9.17
CA TYR A 31 8.19 2.65 8.58
C TYR A 31 6.95 3.51 8.85
N PHE A 32 5.75 2.97 8.57
CA PHE A 32 4.52 3.73 8.84
C PHE A 32 3.90 3.32 10.17
N GLY A 33 4.63 2.50 10.92
CA GLY A 33 4.20 2.12 12.26
C GLY A 33 2.85 1.43 12.28
N THR A 34 2.62 0.55 11.30
CA THR A 34 1.34 -0.11 11.18
C THR A 34 1.54 -1.55 10.70
N THR A 35 0.45 -2.29 10.60
CA THR A 35 0.50 -3.66 10.17
C THR A 35 0.43 -3.76 8.63
N VAL A 36 1.33 -4.56 8.06
CA VAL A 36 1.43 -4.71 6.62
C VAL A 36 1.52 -6.19 6.26
N ASN A 37 0.76 -6.61 5.26
CA ASN A 37 0.80 -7.99 4.80
C ASN A 37 0.78 -8.06 3.28
N ILE A 38 1.71 -8.77 2.70
CA ILE A 38 1.69 -9.00 1.26
C ILE A 38 1.23 -10.41 0.97
N LYS A 39 0.17 -10.53 0.21
CA LYS A 39 -0.39 -11.84 -0.12
C LYS A 39 0.19 -12.32 -1.43
N ARG A 40 1.09 -13.28 -1.35
CA ARG A 40 1.68 -13.89 -2.55
C ARG A 40 0.81 -15.05 -3.01
N GLN A 41 0.31 -14.95 -4.22
CA GLN A 41 -0.60 -15.96 -4.77
C GLN A 41 -0.17 -16.33 -6.20
N LYS A 42 1.05 -16.85 -6.34
CA LYS A 42 1.59 -17.24 -7.64
C LYS A 42 1.65 -16.03 -8.57
N LYS A 43 2.61 -15.15 -8.29
CA LYS A 43 2.76 -13.87 -9.02
C LYS A 43 1.66 -12.88 -8.67
N LYS A 44 0.44 -13.37 -8.57
CA LYS A 44 -0.70 -12.52 -8.24
C LYS A 44 -0.68 -12.23 -6.75
N GLY A 45 -1.36 -11.17 -6.34
CA GLY A 45 -1.47 -10.87 -4.93
C GLY A 45 -1.74 -9.41 -4.67
N LYS A 46 -1.47 -8.97 -3.45
CA LYS A 46 -1.76 -7.60 -3.05
C LYS A 46 -1.04 -7.26 -1.75
N ILE A 47 -0.62 -6.01 -1.63
CA ILE A 47 -0.11 -5.48 -0.38
C ILE A 47 -1.25 -4.80 0.36
N GLU A 48 -1.54 -5.25 1.57
CA GLU A 48 -2.63 -4.65 2.33
C GLU A 48 -2.08 -3.96 3.58
N ILE A 49 -2.29 -2.65 3.64
CA ILE A 49 -1.82 -1.85 4.77
C ILE A 49 -2.98 -1.54 5.69
N GLU A 50 -2.90 -2.01 6.92
CA GLU A 50 -3.97 -1.79 7.90
C GLU A 50 -3.90 -0.38 8.46
N PHE A 51 -5.05 0.18 8.81
CA PHE A 51 -5.10 1.44 9.52
C PHE A 51 -6.29 1.45 10.47
N PHE A 52 -6.36 2.44 11.34
CA PHE A 52 -7.37 2.46 12.39
C PHE A 52 -8.08 3.81 12.52
N SER A 53 -7.66 4.79 11.71
CA SER A 53 -8.35 6.06 11.67
C SER A 53 -7.99 6.81 10.39
N ASN A 54 -8.44 8.06 10.27
CA ASN A 54 -8.17 8.84 9.07
C ASN A 54 -6.81 9.54 9.16
N GLU A 55 -6.33 9.73 10.38
CA GLU A 55 -5.03 10.39 10.59
C GLU A 55 -3.90 9.50 10.10
N ASP A 56 -3.89 8.26 10.59
CA ASP A 56 -2.91 7.27 10.17
C ASP A 56 -3.12 6.89 8.71
N LEU A 57 -4.39 6.87 8.29
CA LEU A 57 -4.75 6.69 6.89
C LEU A 57 -3.98 7.68 6.01
N ASP A 58 -4.05 8.95 6.40
CA ASP A 58 -3.41 10.01 5.63
C ASP A 58 -1.92 9.77 5.51
N ARG A 59 -1.28 9.46 6.63
CA ARG A 59 0.18 9.27 6.67
C ARG A 59 0.60 8.05 5.85
N ILE A 60 -0.25 7.03 5.81
CA ILE A 60 0.07 5.81 5.06
C ILE A 60 -0.08 6.05 3.56
N LEU A 61 -1.13 6.76 3.18
CA LEU A 61 -1.34 7.08 1.78
C LEU A 61 -0.30 8.06 1.27
N GLU A 62 0.38 8.74 2.19
CA GLU A 62 1.51 9.59 1.83
C GLU A 62 2.59 8.77 1.13
N LEU A 63 2.77 7.54 1.62
CA LEU A 63 3.71 6.60 1.03
C LEU A 63 3.34 6.33 -0.42
N LEU A 64 2.06 6.04 -0.64
CA LEU A 64 1.57 5.68 -1.96
C LEU A 64 1.46 6.89 -2.87
N SER A 65 1.53 8.08 -2.29
CA SER A 65 1.48 9.30 -3.08
C SER A 65 2.83 9.60 -3.71
N GLU A 66 3.89 9.45 -2.91
CA GLU A 66 5.26 9.67 -3.36
C GLU A 66 5.39 10.98 -4.13
N ARG A 67 5.27 12.10 -3.43
CA ARG A 67 5.34 13.41 -4.05
C ARG A 67 6.77 13.94 -4.03
N GLU A 68 7.62 13.29 -3.25
CA GLU A 68 9.00 13.71 -3.12
C GLU A 68 9.90 12.99 -4.12
N SER A 69 9.30 12.46 -5.17
CA SER A 69 10.04 11.77 -6.21
C SER A 69 9.98 12.57 -7.51
N VAL B 16 -14.92 10.85 8.14
CA VAL B 16 -14.38 11.00 6.77
C VAL B 16 -15.26 10.26 5.77
N LYS B 17 -15.46 10.89 4.62
CA LYS B 17 -16.28 10.33 3.56
C LYS B 17 -15.43 9.45 2.66
N ASP B 18 -15.97 8.30 2.27
CA ASP B 18 -15.24 7.35 1.44
C ASP B 18 -15.00 7.92 0.04
N ALA B 19 -15.73 8.98 -0.29
CA ALA B 19 -15.52 9.69 -1.54
C ALA B 19 -14.15 10.37 -1.56
N VAL B 20 -13.67 10.73 -0.38
CA VAL B 20 -12.37 11.36 -0.25
C VAL B 20 -11.29 10.32 -0.51
N LEU B 21 -11.53 9.12 -0.02
CA LEU B 21 -10.66 7.98 -0.29
C LEU B 21 -10.64 7.71 -1.78
N LYS B 22 -11.81 7.79 -2.41
CA LYS B 22 -11.95 7.57 -3.85
C LYS B 22 -11.03 8.51 -4.63
N GLU B 23 -10.94 9.75 -4.17
CA GLU B 23 -10.11 10.76 -4.83
C GLU B 23 -8.65 10.36 -4.77
N ARG B 24 -8.22 9.86 -3.62
CA ARG B 24 -6.83 9.44 -3.47
C ARG B 24 -6.59 8.12 -4.21
N GLU B 25 -7.54 7.20 -4.11
CA GLU B 25 -7.46 5.91 -4.79
C GLU B 25 -7.27 6.09 -6.30
N SER B 26 -7.97 7.08 -6.85
CA SER B 26 -7.89 7.36 -8.27
C SER B 26 -6.46 7.69 -8.68
N TYR B 27 -5.80 8.52 -7.87
CA TYR B 27 -4.42 8.91 -8.15
C TYR B 27 -3.47 7.72 -7.92
N LEU B 28 -3.73 6.94 -6.88
CA LEU B 28 -2.87 5.80 -6.55
C LEU B 28 -2.87 4.78 -7.68
N GLN B 29 -4.06 4.47 -8.21
CA GLN B 29 -4.19 3.50 -9.30
C GLN B 29 -3.39 3.94 -10.51
N ASN B 30 -3.48 5.22 -10.84
CA ASN B 30 -2.82 5.75 -12.03
C ASN B 30 -1.32 5.85 -11.82
N TYR B 31 -0.91 6.14 -10.59
CA TYR B 31 0.51 6.40 -10.32
C TYR B 31 1.36 5.15 -10.50
N PHE B 32 0.95 4.02 -9.92
CA PHE B 32 1.72 2.78 -10.08
C PHE B 32 1.10 1.90 -11.16
N GLY B 33 0.12 2.44 -11.88
CA GLY B 33 -0.49 1.75 -13.00
C GLY B 33 -1.10 0.42 -12.63
N THR B 34 -1.74 0.37 -11.48
CA THR B 34 -2.30 -0.87 -10.99
C THR B 34 -3.63 -0.61 -10.28
N THR B 35 -4.28 -1.69 -9.84
CA THR B 35 -5.55 -1.59 -9.16
C THR B 35 -5.35 -1.35 -7.66
N VAL B 36 -6.07 -0.38 -7.11
CA VAL B 36 -5.95 0.01 -5.72
C VAL B 36 -7.34 0.13 -5.10
N ASN B 37 -7.52 -0.43 -3.90
CA ASN B 37 -8.80 -0.33 -3.20
C ASN B 37 -8.57 -0.07 -1.73
N ILE B 38 -9.22 0.97 -1.20
CA ILE B 38 -9.16 1.21 0.24
C ILE B 38 -10.48 0.80 0.88
N LYS B 39 -10.38 -0.11 1.84
CA LYS B 39 -11.56 -0.62 2.51
C LYS B 39 -11.83 0.19 3.77
N ARG B 40 -12.84 1.05 3.71
CA ARG B 40 -13.24 1.83 4.86
C ARG B 40 -14.24 1.05 5.70
N GLN B 41 -13.88 0.79 6.94
CA GLN B 41 -14.71 0.00 7.84
C GLN B 41 -14.83 0.68 9.20
N LYS B 42 -15.39 1.89 9.20
CA LYS B 42 -15.56 2.67 10.43
C LYS B 42 -14.20 2.94 11.08
N LYS B 43 -13.44 3.84 10.46
CA LYS B 43 -12.06 4.18 10.89
C LYS B 43 -11.10 3.05 10.56
N LYS B 44 -11.52 1.81 10.78
CA LYS B 44 -10.69 0.66 10.51
C LYS B 44 -10.68 0.37 9.01
N GLY B 45 -9.68 -0.34 8.55
CA GLY B 45 -9.65 -0.73 7.16
C GLY B 45 -8.24 -1.00 6.67
N LYS B 46 -8.06 -0.98 5.36
CA LYS B 46 -6.78 -1.30 4.75
C LYS B 46 -6.73 -0.84 3.31
N ILE B 47 -5.54 -0.42 2.87
CA ILE B 47 -5.31 -0.16 1.46
C ILE B 47 -4.71 -1.40 0.83
N GLU B 48 -5.36 -1.94 -0.19
CA GLU B 48 -4.85 -3.14 -0.84
C GLU B 48 -4.44 -2.83 -2.27
N ILE B 49 -3.16 -3.01 -2.56
CA ILE B 49 -2.61 -2.76 -3.89
C ILE B 49 -2.41 -4.08 -4.61
N GLU B 50 -3.10 -4.25 -5.73
CA GLU B 50 -3.01 -5.48 -6.50
C GLU B 50 -1.74 -5.49 -7.33
N PHE B 51 -1.19 -6.68 -7.56
CA PHE B 51 -0.08 -6.84 -8.49
C PHE B 51 -0.19 -8.20 -9.18
N PHE B 52 0.63 -8.41 -10.21
CA PHE B 52 0.50 -9.60 -11.02
C PHE B 52 1.84 -10.28 -11.28
N SER B 53 2.93 -9.71 -10.78
CA SER B 53 4.22 -10.35 -10.85
C SER B 53 5.18 -9.72 -9.84
N ASN B 54 6.45 -10.12 -9.88
CA ASN B 54 7.44 -9.61 -8.93
C ASN B 54 8.03 -8.28 -9.42
N GLU B 55 7.95 -8.03 -10.72
CA GLU B 55 8.48 -6.79 -11.28
C GLU B 55 7.62 -5.60 -10.85
N ASP B 56 6.33 -5.72 -11.09
CA ASP B 56 5.36 -4.69 -10.68
C ASP B 56 5.29 -4.63 -9.15
N LEU B 57 5.42 -5.78 -8.51
CA LEU B 57 5.53 -5.87 -7.06
C LEU B 57 6.62 -4.92 -6.55
N ASP B 58 7.80 -5.04 -7.16
CA ASP B 58 8.95 -4.24 -6.76
C ASP B 58 8.65 -2.76 -6.87
N ARG B 59 8.09 -2.35 -8.01
CA ARG B 59 7.81 -0.95 -8.28
C ARG B 59 6.75 -0.40 -7.33
N ILE B 60 5.80 -1.24 -6.93
CA ILE B 60 4.74 -0.81 -6.04
C ILE B 60 5.26 -0.65 -4.61
N LEU B 61 6.09 -1.59 -4.18
CA LEU B 61 6.68 -1.53 -2.85
C LEU B 61 7.68 -0.37 -2.76
N GLU B 62 8.13 0.13 -3.90
CA GLU B 62 8.96 1.32 -3.93
C GLU B 62 8.22 2.49 -3.29
N LEU B 63 6.93 2.56 -3.57
CA LEU B 63 6.05 3.57 -2.98
C LEU B 63 6.09 3.48 -1.46
N LEU B 64 5.91 2.27 -0.96
CA LEU B 64 5.84 2.04 0.47
C LEU B 64 7.21 2.12 1.14
N SER B 65 8.25 2.12 0.33
CA SER B 65 9.60 2.23 0.86
C SER B 65 9.94 3.69 1.15
N GLU B 66 9.59 4.57 0.22
CA GLU B 66 9.80 6.01 0.35
C GLU B 66 11.23 6.33 0.82
N ARG B 67 12.19 6.09 -0.07
CA ARG B 67 13.59 6.31 0.27
C ARG B 67 14.02 7.72 -0.12
N GLU B 68 13.19 8.39 -0.91
CA GLU B 68 13.50 9.72 -1.39
C GLU B 68 12.94 10.79 -0.45
N SER B 69 12.65 10.38 0.78
CA SER B 69 12.13 11.29 1.78
C SER B 69 13.15 11.50 2.88
N VAL A 16 10.42 -16.60 -7.41
CA VAL A 16 10.23 -15.50 -6.44
C VAL A 16 10.08 -16.07 -5.04
N LYS A 17 10.87 -15.54 -4.11
CA LYS A 17 10.84 -15.98 -2.73
C LYS A 17 10.02 -15.00 -1.90
N ASP A 18 8.92 -15.49 -1.33
CA ASP A 18 8.01 -14.64 -0.55
C ASP A 18 8.73 -14.04 0.66
N ALA A 19 9.79 -14.70 1.10
CA ALA A 19 10.57 -14.23 2.24
C ALA A 19 11.25 -12.90 1.92
N VAL A 20 11.57 -12.70 0.65
CA VAL A 20 12.24 -11.49 0.20
C VAL A 20 11.28 -10.31 0.26
N LEU A 21 10.02 -10.58 0.01
CA LEU A 21 8.99 -9.56 0.08
C LEU A 21 8.54 -9.40 1.52
N LYS A 22 8.61 -10.47 2.30
CA LYS A 22 8.19 -10.44 3.69
C LYS A 22 9.16 -9.62 4.53
N GLU A 23 10.44 -9.67 4.19
CA GLU A 23 11.42 -8.86 4.89
C GLU A 23 11.25 -7.40 4.51
N ARG A 24 10.65 -7.15 3.36
CA ARG A 24 10.29 -5.79 2.97
C ARG A 24 9.07 -5.34 3.76
N GLU A 25 8.15 -6.28 4.00
CA GLU A 25 7.00 -6.04 4.86
C GLU A 25 7.47 -5.53 6.23
N SER A 26 8.51 -6.18 6.75
CA SER A 26 9.09 -5.81 8.04
C SER A 26 9.58 -4.36 8.02
N TYR A 27 10.12 -3.94 6.88
CA TYR A 27 10.62 -2.57 6.73
C TYR A 27 9.46 -1.59 6.56
N LEU A 28 8.43 -2.01 5.84
CA LEU A 28 7.27 -1.15 5.59
C LEU A 28 6.51 -0.88 6.88
N GLN A 29 6.35 -1.92 7.71
CA GLN A 29 5.62 -1.79 8.97
C GLN A 29 6.27 -0.75 9.86
N ASN A 30 7.59 -0.71 9.85
CA ASN A 30 8.33 0.23 10.68
C ASN A 30 8.36 1.62 10.04
N TYR A 31 8.36 1.66 8.71
CA TYR A 31 8.52 2.92 7.99
C TYR A 31 7.34 3.86 8.25
N PHE A 32 6.11 3.38 8.02
CA PHE A 32 4.94 4.21 8.27
C PHE A 32 4.19 3.78 9.53
N GLY A 33 4.84 2.91 10.31
CA GLY A 33 4.36 2.60 11.65
C GLY A 33 2.99 1.96 11.69
N THR A 34 2.76 0.95 10.86
CA THR A 34 1.50 0.26 10.85
C THR A 34 1.69 -1.19 10.40
N THR A 35 0.63 -1.98 10.49
CA THR A 35 0.67 -3.38 10.10
C THR A 35 0.55 -3.54 8.59
N VAL A 36 1.43 -4.36 8.01
CA VAL A 36 1.48 -4.56 6.57
C VAL A 36 1.62 -6.05 6.25
N ASN A 37 0.84 -6.54 5.30
CA ASN A 37 0.91 -7.95 4.91
C ASN A 37 0.82 -8.08 3.40
N ILE A 38 1.73 -8.84 2.81
CA ILE A 38 1.66 -9.13 1.39
C ILE A 38 1.17 -10.56 1.16
N LYS A 39 0.23 -10.72 0.24
CA LYS A 39 -0.28 -12.02 -0.10
C LYS A 39 0.34 -12.50 -1.41
N ARG A 40 1.03 -13.62 -1.35
CA ARG A 40 1.73 -14.15 -2.52
C ARG A 40 0.93 -15.29 -3.14
N GLN A 41 0.46 -15.07 -4.37
CA GLN A 41 -0.37 -16.07 -5.05
C GLN A 41 0.17 -16.33 -6.46
N LYS A 42 1.40 -16.84 -6.54
CA LYS A 42 2.03 -17.17 -7.83
C LYS A 42 2.17 -15.91 -8.69
N LYS A 43 3.11 -15.05 -8.31
CA LYS A 43 3.32 -13.74 -8.98
C LYS A 43 2.21 -12.76 -8.63
N LYS A 44 0.99 -13.27 -8.51
CA LYS A 44 -0.17 -12.44 -8.21
C LYS A 44 -0.28 -12.22 -6.71
N GLY A 45 -1.15 -11.31 -6.31
CA GLY A 45 -1.43 -11.12 -4.91
C GLY A 45 -1.88 -9.71 -4.61
N LYS A 46 -1.72 -9.31 -3.36
CA LYS A 46 -2.13 -7.98 -2.92
C LYS A 46 -1.36 -7.57 -1.66
N ILE A 47 -0.95 -6.31 -1.60
CA ILE A 47 -0.38 -5.77 -0.37
C ILE A 47 -1.47 -5.05 0.39
N GLU A 48 -1.75 -5.46 1.61
CA GLU A 48 -2.80 -4.84 2.39
C GLU A 48 -2.23 -4.11 3.59
N ILE A 49 -2.48 -2.81 3.65
CA ILE A 49 -2.01 -1.97 4.73
C ILE A 49 -3.15 -1.75 5.73
N GLU A 50 -2.86 -1.96 7.01
CA GLU A 50 -3.87 -1.82 8.05
C GLU A 50 -3.88 -0.40 8.59
N PHE A 51 -5.05 0.05 9.03
CA PHE A 51 -5.17 1.32 9.72
C PHE A 51 -6.44 1.33 10.56
N PHE A 52 -6.37 1.93 11.74
CA PHE A 52 -7.52 1.99 12.62
C PHE A 52 -7.91 3.43 12.89
N SER A 53 -7.24 4.35 12.22
CA SER A 53 -7.52 5.77 12.35
C SER A 53 -7.39 6.43 10.99
N ASN A 54 -8.21 7.45 10.75
CA ASN A 54 -8.22 8.13 9.46
C ASN A 54 -6.97 8.99 9.29
N GLU A 55 -6.29 9.25 10.39
CA GLU A 55 -5.00 9.92 10.35
C GLU A 55 -3.97 9.00 9.71
N ASP A 56 -3.92 7.76 10.18
CA ASP A 56 -3.04 6.76 9.62
C ASP A 56 -3.31 6.60 8.13
N LEU A 57 -4.58 6.52 7.79
CA LEU A 57 -5.00 6.36 6.40
C LEU A 57 -4.44 7.48 5.54
N ASP A 58 -4.48 8.70 6.06
CA ASP A 58 -4.01 9.87 5.34
C ASP A 58 -2.51 9.75 5.04
N ARG A 59 -1.72 9.46 6.07
CA ARG A 59 -0.27 9.39 5.90
C ARG A 59 0.19 8.11 5.21
N ILE A 60 -0.62 7.05 5.26
CA ILE A 60 -0.28 5.82 4.55
C ILE A 60 -0.46 6.03 3.05
N LEU A 61 -1.54 6.69 2.68
CA LEU A 61 -1.77 7.06 1.29
C LEU A 61 -0.69 8.03 0.81
N GLU A 62 -0.18 8.81 1.75
CA GLU A 62 0.89 9.77 1.46
C GLU A 62 2.16 9.03 1.04
N LEU A 63 2.36 7.84 1.58
CA LEU A 63 3.45 6.96 1.16
C LEU A 63 3.28 6.56 -0.30
N LEU A 64 2.09 6.07 -0.63
CA LEU A 64 1.79 5.60 -1.98
C LEU A 64 1.74 6.76 -2.98
N SER A 65 1.46 7.95 -2.47
CA SER A 65 1.45 9.15 -3.30
C SER A 65 2.87 9.60 -3.58
N GLU A 66 3.82 9.16 -2.76
CA GLU A 66 5.23 9.47 -2.94
C GLU A 66 5.43 10.97 -3.17
N ARG A 67 4.99 11.76 -2.21
CA ARG A 67 5.03 13.20 -2.31
C ARG A 67 6.44 13.72 -2.10
N GLU A 68 7.32 12.82 -1.69
CA GLU A 68 8.74 13.13 -1.52
C GLU A 68 9.43 13.29 -2.86
N SER A 69 8.76 12.84 -3.92
CA SER A 69 9.32 12.95 -5.25
C SER A 69 8.76 14.19 -5.94
N VAL B 16 -15.51 11.30 8.44
CA VAL B 16 -14.60 10.95 7.31
C VAL B 16 -15.40 10.52 6.11
N LYS B 17 -15.11 11.13 4.97
CA LYS B 17 -15.79 10.81 3.72
C LYS B 17 -14.94 9.87 2.90
N ASP B 18 -15.45 8.67 2.64
CA ASP B 18 -14.73 7.65 1.89
C ASP B 18 -14.41 8.14 0.48
N ALA B 19 -15.20 9.06 -0.02
CA ALA B 19 -15.00 9.63 -1.35
C ALA B 19 -13.67 10.38 -1.42
N VAL B 20 -13.26 10.94 -0.30
CA VAL B 20 -12.02 11.71 -0.23
C VAL B 20 -10.82 10.78 -0.34
N LEU B 21 -10.97 9.59 0.18
CA LEU B 21 -9.92 8.59 0.10
C LEU B 21 -10.00 7.86 -1.22
N LYS B 22 -11.22 7.76 -1.76
CA LYS B 22 -11.42 7.08 -3.04
C LYS B 22 -10.83 7.88 -4.18
N GLU B 23 -10.89 9.20 -4.08
CA GLU B 23 -10.28 10.04 -5.10
C GLU B 23 -8.76 9.97 -5.00
N ARG B 24 -8.27 9.62 -3.82
CA ARG B 24 -6.86 9.38 -3.64
C ARG B 24 -6.49 8.04 -4.27
N GLU B 25 -7.40 7.07 -4.14
CA GLU B 25 -7.25 5.78 -4.81
C GLU B 25 -7.04 5.98 -6.31
N SER B 26 -7.84 6.88 -6.89
CA SER B 26 -7.75 7.20 -8.31
C SER B 26 -6.35 7.72 -8.67
N TYR B 27 -5.75 8.48 -7.76
CA TYR B 27 -4.43 9.03 -7.98
C TYR B 27 -3.36 7.95 -7.79
N LEU B 28 -3.58 7.07 -6.81
CA LEU B 28 -2.62 6.01 -6.52
C LEU B 28 -2.54 5.01 -7.67
N GLN B 29 -3.71 4.66 -8.22
CA GLN B 29 -3.78 3.71 -9.33
C GLN B 29 -2.96 4.20 -10.52
N ASN B 30 -3.01 5.49 -10.77
CA ASN B 30 -2.28 6.08 -11.89
C ASN B 30 -0.80 6.27 -11.56
N TYR B 31 -0.50 6.52 -10.28
CA TYR B 31 0.86 6.85 -9.87
C TYR B 31 1.79 5.65 -10.08
N PHE B 32 1.44 4.50 -9.54
CA PHE B 32 2.27 3.30 -9.72
C PHE B 32 1.65 2.32 -10.70
N GLY B 33 0.61 2.78 -11.41
CA GLY B 33 0.10 2.04 -12.55
C GLY B 33 -0.47 0.67 -12.21
N THR B 34 -1.28 0.61 -11.16
CA THR B 34 -1.89 -0.66 -10.78
C THR B 34 -3.23 -0.42 -10.08
N THR B 35 -3.96 -1.48 -9.82
CA THR B 35 -5.26 -1.40 -9.19
C THR B 35 -5.12 -1.22 -7.68
N VAL B 36 -5.86 -0.27 -7.12
CA VAL B 36 -5.79 0.05 -5.70
C VAL B 36 -7.21 0.22 -5.14
N ASN B 37 -7.47 -0.36 -3.97
CA ASN B 37 -8.78 -0.24 -3.33
C ASN B 37 -8.62 -0.05 -1.83
N ILE B 38 -9.31 0.94 -1.29
CA ILE B 38 -9.32 1.16 0.15
C ILE B 38 -10.65 0.68 0.73
N LYS B 39 -10.57 -0.05 1.83
CA LYS B 39 -11.77 -0.52 2.50
C LYS B 39 -12.02 0.33 3.74
N ARG B 40 -13.17 0.98 3.78
CA ARG B 40 -13.51 1.88 4.88
C ARG B 40 -14.46 1.20 5.86
N GLN B 41 -13.99 0.97 7.07
CA GLN B 41 -14.78 0.28 8.08
C GLN B 41 -14.81 1.07 9.38
N LYS B 42 -15.37 2.28 9.34
CA LYS B 42 -15.48 3.15 10.53
C LYS B 42 -14.10 3.48 11.07
N LYS B 43 -13.38 4.35 10.37
CA LYS B 43 -11.99 4.72 10.71
C LYS B 43 -11.02 3.57 10.40
N LYS B 44 -11.47 2.34 10.61
CA LYS B 44 -10.64 1.17 10.38
C LYS B 44 -10.70 0.78 8.91
N GLY B 45 -9.84 -0.14 8.51
CA GLY B 45 -9.90 -0.69 7.18
C GLY B 45 -8.55 -1.16 6.69
N LYS B 46 -8.39 -1.24 5.38
CA LYS B 46 -7.14 -1.69 4.78
C LYS B 46 -7.04 -1.17 3.35
N ILE B 47 -5.84 -0.76 2.96
CA ILE B 47 -5.58 -0.43 1.57
C ILE B 47 -4.93 -1.62 0.89
N GLU B 48 -5.56 -2.16 -0.15
CA GLU B 48 -5.03 -3.33 -0.81
C GLU B 48 -4.58 -2.98 -2.23
N ILE B 49 -3.30 -3.22 -2.49
CA ILE B 49 -2.71 -2.96 -3.80
C ILE B 49 -2.62 -4.26 -4.58
N GLU B 50 -3.09 -4.23 -5.82
CA GLU B 50 -3.08 -5.42 -6.66
C GLU B 50 -1.79 -5.51 -7.45
N PHE B 51 -1.36 -6.72 -7.75
CA PHE B 51 -0.24 -6.95 -8.64
C PHE B 51 -0.32 -8.35 -9.21
N PHE B 52 0.05 -8.50 -10.48
CA PHE B 52 0.01 -9.80 -11.13
C PHE B 52 1.39 -10.22 -11.60
N SER B 53 2.38 -9.40 -11.25
CA SER B 53 3.77 -9.67 -11.61
C SER B 53 4.66 -9.27 -10.45
N ASN B 54 5.76 -9.99 -10.27
CA ASN B 54 6.66 -9.75 -9.15
C ASN B 54 7.48 -8.48 -9.39
N GLU B 55 7.46 -8.02 -10.64
CA GLU B 55 8.07 -6.73 -10.97
C GLU B 55 7.23 -5.61 -10.37
N ASP B 56 5.92 -5.68 -10.58
CA ASP B 56 4.99 -4.72 -10.01
C ASP B 56 5.13 -4.70 -8.50
N LEU B 57 5.19 -5.89 -7.91
CA LEU B 57 5.32 -6.03 -6.47
C LEU B 57 6.55 -5.29 -5.96
N ASP B 58 7.65 -5.42 -6.70
CA ASP B 58 8.89 -4.77 -6.32
C ASP B 58 8.75 -3.25 -6.28
N ARG B 59 8.22 -2.68 -7.37
CA ARG B 59 8.11 -1.23 -7.48
C ARG B 59 6.96 -0.67 -6.65
N ILE B 60 5.95 -1.49 -6.34
CA ILE B 60 4.87 -1.05 -5.47
C ILE B 60 5.36 -0.93 -4.04
N LEU B 61 6.14 -1.91 -3.60
CA LEU B 61 6.78 -1.85 -2.29
C LEU B 61 7.75 -0.68 -2.22
N GLU B 62 8.31 -0.34 -3.38
CA GLU B 62 9.24 0.78 -3.48
C GLU B 62 8.52 2.10 -3.17
N LEU B 63 7.24 2.16 -3.50
CA LEU B 63 6.40 3.30 -3.13
C LEU B 63 6.29 3.40 -1.61
N LEU B 64 5.94 2.29 -0.97
CA LEU B 64 5.76 2.25 0.48
C LEU B 64 7.08 2.43 1.21
N SER B 65 8.18 2.08 0.54
CA SER B 65 9.50 2.25 1.10
C SER B 65 9.92 3.72 1.03
N GLU B 66 9.27 4.47 0.13
CA GLU B 66 9.53 5.90 -0.02
C GLU B 66 11.04 6.16 -0.11
N ARG B 67 11.64 5.56 -1.12
CA ARG B 67 13.07 5.65 -1.31
C ARG B 67 13.46 7.01 -1.88
N GLU B 68 12.45 7.77 -2.25
CA GLU B 68 12.64 9.12 -2.75
C GLU B 68 12.99 10.08 -1.62
N SER B 69 12.80 9.62 -0.39
CA SER B 69 13.14 10.43 0.77
C SER B 69 14.51 10.03 1.29
N VAL A 16 8.89 -15.72 -7.46
CA VAL A 16 9.21 -14.71 -6.43
C VAL A 16 9.33 -15.35 -5.06
N LYS A 17 10.31 -14.91 -4.30
CA LYS A 17 10.57 -15.46 -2.98
C LYS A 17 9.85 -14.63 -1.93
N ASP A 18 8.96 -15.28 -1.19
CA ASP A 18 8.16 -14.62 -0.15
C ASP A 18 9.06 -13.98 0.90
N ALA A 19 10.23 -14.57 1.09
CA ALA A 19 11.20 -14.07 2.04
C ALA A 19 11.59 -12.63 1.73
N VAL A 20 11.66 -12.30 0.45
CA VAL A 20 12.05 -10.97 0.01
C VAL A 20 11.00 -9.94 0.41
N LEU A 21 9.75 -10.31 0.20
CA LEU A 21 8.64 -9.43 0.56
C LEU A 21 8.50 -9.35 2.06
N LYS A 22 8.80 -10.46 2.73
CA LYS A 22 8.69 -10.52 4.18
C LYS A 22 9.75 -9.64 4.83
N GLU A 23 10.87 -9.46 4.14
CA GLU A 23 11.93 -8.58 4.60
C GLU A 23 11.51 -7.12 4.45
N ARG A 24 10.64 -6.86 3.49
CA ARG A 24 10.13 -5.51 3.30
C ARG A 24 8.92 -5.26 4.19
N GLU A 25 8.10 -6.28 4.39
CA GLU A 25 6.93 -6.18 5.26
C GLU A 25 7.33 -5.72 6.66
N SER A 26 8.41 -6.30 7.17
CA SER A 26 8.89 -5.97 8.51
C SER A 26 9.31 -4.51 8.60
N TYR A 27 9.95 -4.02 7.55
CA TYR A 27 10.41 -2.64 7.49
C TYR A 27 9.24 -1.69 7.27
N LEU A 28 8.30 -2.08 6.41
CA LEU A 28 7.15 -1.23 6.10
C LEU A 28 6.29 -1.00 7.35
N GLN A 29 6.12 -2.05 8.16
CA GLN A 29 5.34 -1.94 9.39
C GLN A 29 5.93 -0.87 10.30
N ASN A 30 7.24 -0.90 10.45
CA ASN A 30 7.94 0.03 11.33
C ASN A 30 8.06 1.41 10.67
N TYR A 31 7.96 1.44 9.35
CA TYR A 31 8.17 2.68 8.60
C TYR A 31 6.91 3.56 8.64
N PHE A 32 5.72 2.96 8.58
CA PHE A 32 4.50 3.76 8.68
C PHE A 32 3.95 3.74 10.10
N GLY A 33 4.47 2.82 10.91
CA GLY A 33 3.96 2.65 12.26
C GLY A 33 2.61 1.96 12.28
N THR A 34 2.48 0.88 11.52
CA THR A 34 1.23 0.16 11.41
C THR A 34 1.48 -1.28 10.96
N THR A 35 0.41 -2.06 10.85
CA THR A 35 0.52 -3.44 10.42
C THR A 35 0.48 -3.55 8.88
N VAL A 36 1.30 -4.43 8.33
CA VAL A 36 1.42 -4.61 6.88
C VAL A 36 1.47 -6.10 6.54
N ASN A 37 0.73 -6.51 5.52
CA ASN A 37 0.74 -7.90 5.06
C ASN A 37 0.69 -7.97 3.55
N ILE A 38 1.61 -8.71 2.96
CA ILE A 38 1.59 -8.91 1.51
C ILE A 38 1.18 -10.34 1.20
N LYS A 39 0.31 -10.49 0.21
CA LYS A 39 -0.17 -11.80 -0.20
C LYS A 39 0.41 -12.18 -1.55
N ARG A 40 1.31 -13.15 -1.55
CA ARG A 40 1.90 -13.65 -2.79
C ARG A 40 1.09 -14.85 -3.31
N GLN A 41 0.38 -14.65 -4.40
CA GLN A 41 -0.48 -15.70 -4.95
C GLN A 41 -0.21 -15.89 -6.43
N LYS A 42 0.89 -16.57 -6.76
CA LYS A 42 1.23 -16.87 -8.16
C LYS A 42 1.42 -15.57 -8.95
N LYS A 43 2.10 -14.61 -8.33
CA LYS A 43 2.32 -13.27 -8.90
C LYS A 43 1.01 -12.46 -8.95
N LYS A 44 -0.08 -13.07 -8.56
CA LYS A 44 -1.38 -12.41 -8.59
C LYS A 44 -1.85 -12.13 -7.17
N GLY A 45 -1.21 -11.17 -6.52
CA GLY A 45 -1.51 -10.90 -5.13
C GLY A 45 -1.78 -9.45 -4.86
N LYS A 46 -1.51 -9.03 -3.64
CA LYS A 46 -1.82 -7.66 -3.21
C LYS A 46 -1.10 -7.33 -1.90
N ILE A 47 -0.76 -6.06 -1.73
CA ILE A 47 -0.23 -5.58 -0.46
C ILE A 47 -1.33 -4.85 0.29
N GLU A 48 -1.60 -5.25 1.51
CA GLU A 48 -2.63 -4.58 2.30
C GLU A 48 -2.05 -3.94 3.55
N ILE A 49 -2.25 -2.64 3.68
CA ILE A 49 -1.76 -1.88 4.81
C ILE A 49 -2.92 -1.55 5.75
N GLU A 50 -2.77 -1.89 7.03
CA GLU A 50 -3.84 -1.67 7.99
C GLU A 50 -3.78 -0.23 8.50
N PHE A 51 -4.93 0.29 8.88
CA PHE A 51 -4.98 1.56 9.59
C PHE A 51 -6.10 1.51 10.63
N PHE A 52 -5.86 2.13 11.78
CA PHE A 52 -6.84 2.10 12.87
C PHE A 52 -7.36 3.50 13.16
N SER A 53 -7.07 4.41 12.24
CA SER A 53 -7.48 5.80 12.34
C SER A 53 -7.35 6.45 10.98
N ASN A 54 -8.10 7.52 10.78
CA ASN A 54 -8.05 8.25 9.52
C ASN A 54 -6.74 9.04 9.43
N GLU A 55 -6.08 9.18 10.59
CA GLU A 55 -4.78 9.82 10.64
C GLU A 55 -3.73 8.90 10.02
N ASP A 56 -3.78 7.63 10.42
CA ASP A 56 -2.91 6.63 9.83
C ASP A 56 -3.19 6.51 8.34
N LEU A 57 -4.48 6.46 8.02
CA LEU A 57 -4.95 6.32 6.64
C LEU A 57 -4.34 7.38 5.73
N ASP A 58 -4.44 8.64 6.13
CA ASP A 58 -3.88 9.74 5.34
C ASP A 58 -2.38 9.58 5.17
N ARG A 59 -1.74 9.09 6.22
CA ARG A 59 -0.29 8.89 6.20
C ARG A 59 0.09 7.70 5.33
N ILE A 60 -0.72 6.65 5.33
CA ILE A 60 -0.42 5.46 4.53
C ILE A 60 -0.43 5.81 3.05
N LEU A 61 -1.46 6.53 2.64
CA LEU A 61 -1.59 6.98 1.26
C LEU A 61 -0.51 8.01 0.93
N GLU A 62 0.02 8.64 1.97
CA GLU A 62 1.11 9.59 1.80
C GLU A 62 2.39 8.86 1.40
N LEU A 63 2.59 7.67 1.96
CA LEU A 63 3.69 6.80 1.56
C LEU A 63 3.48 6.34 0.12
N LEU A 64 2.29 5.82 -0.15
CA LEU A 64 1.94 5.34 -1.48
C LEU A 64 2.09 6.43 -2.54
N SER A 65 1.86 7.67 -2.13
CA SER A 65 1.97 8.80 -3.02
C SER A 65 3.43 9.14 -3.30
N GLU A 66 4.32 8.77 -2.38
CA GLU A 66 5.72 9.16 -2.45
C GLU A 66 5.81 10.66 -2.74
N ARG A 67 5.48 11.44 -1.73
CA ARG A 67 5.30 12.87 -1.88
C ARG A 67 6.63 13.62 -1.91
N GLU A 68 7.72 12.87 -1.74
CA GLU A 68 9.04 13.45 -1.86
C GLU A 68 9.66 13.07 -3.20
N SER A 69 8.82 12.63 -4.11
CA SER A 69 9.25 12.31 -5.47
C SER A 69 9.36 13.59 -6.28
N VAL B 16 -14.53 9.84 8.60
CA VAL B 16 -13.74 9.96 7.36
C VAL B 16 -14.65 9.80 6.14
N LYS B 17 -14.42 10.63 5.14
CA LYS B 17 -15.22 10.61 3.93
C LYS B 17 -14.56 9.72 2.88
N ASP B 18 -15.29 8.68 2.47
CA ASP B 18 -14.79 7.71 1.49
C ASP B 18 -14.42 8.41 0.19
N ALA B 19 -15.10 9.51 -0.10
CA ALA B 19 -14.84 10.29 -1.30
C ALA B 19 -13.39 10.75 -1.37
N VAL B 20 -12.83 11.07 -0.20
CA VAL B 20 -11.46 11.57 -0.11
C VAL B 20 -10.48 10.48 -0.50
N LEU B 21 -10.72 9.29 0.01
CA LEU B 21 -9.87 8.16 -0.30
C LEU B 21 -10.06 7.72 -1.73
N LYS B 22 -11.29 7.86 -2.23
CA LYS B 22 -11.62 7.47 -3.58
C LYS B 22 -10.93 8.40 -4.58
N GLU B 23 -10.71 9.64 -4.16
CA GLU B 23 -9.99 10.61 -4.98
C GLU B 23 -8.51 10.26 -5.05
N ARG B 24 -8.01 9.60 -4.01
CA ARG B 24 -6.62 9.17 -3.99
C ARG B 24 -6.47 7.82 -4.67
N GLU B 25 -7.47 6.95 -4.51
CA GLU B 25 -7.46 5.63 -5.15
C GLU B 25 -7.30 5.76 -6.66
N SER B 26 -8.04 6.70 -7.25
CA SER B 26 -7.99 6.92 -8.69
C SER B 26 -6.60 7.35 -9.14
N TYR B 27 -5.96 8.19 -8.33
CA TYR B 27 -4.62 8.68 -8.64
C TYR B 27 -3.57 7.59 -8.40
N LEU B 28 -3.74 6.84 -7.32
CA LEU B 28 -2.78 5.78 -6.97
C LEU B 28 -2.74 4.71 -8.04
N GLN B 29 -3.91 4.35 -8.60
CA GLN B 29 -3.99 3.35 -9.65
C GLN B 29 -3.15 3.78 -10.85
N ASN B 30 -3.28 5.04 -11.23
CA ASN B 30 -2.57 5.56 -12.39
C ASN B 30 -1.11 5.84 -12.05
N TYR B 31 -0.82 6.00 -10.77
CA TYR B 31 0.52 6.37 -10.33
C TYR B 31 1.46 5.15 -10.31
N PHE B 32 0.95 3.99 -9.91
CA PHE B 32 1.78 2.79 -9.93
C PHE B 32 1.51 1.97 -11.20
N GLY B 33 0.43 2.30 -11.89
CA GLY B 33 0.04 1.54 -13.07
C GLY B 33 -0.56 0.19 -12.70
N THR B 34 -1.46 0.20 -11.73
CA THR B 34 -2.08 -1.03 -11.25
C THR B 34 -3.43 -0.72 -10.58
N THR B 35 -4.10 -1.77 -10.12
CA THR B 35 -5.38 -1.61 -9.45
C THR B 35 -5.19 -1.35 -7.94
N VAL B 36 -6.00 -0.45 -7.39
CA VAL B 36 -5.91 -0.07 -5.98
C VAL B 36 -7.30 0.02 -5.37
N ASN B 37 -7.47 -0.52 -4.16
CA ASN B 37 -8.75 -0.45 -3.47
C ASN B 37 -8.52 -0.20 -1.98
N ILE B 38 -9.19 0.80 -1.43
CA ILE B 38 -9.13 1.07 -0.01
C ILE B 38 -10.45 0.69 0.66
N LYS B 39 -10.34 0.03 1.81
CA LYS B 39 -11.53 -0.39 2.54
C LYS B 39 -11.68 0.43 3.80
N ARG B 40 -12.69 1.30 3.84
CA ARG B 40 -12.98 2.10 5.02
C ARG B 40 -14.00 1.38 5.89
N GLN B 41 -13.56 0.90 7.04
CA GLN B 41 -14.43 0.15 7.93
C GLN B 41 -14.36 0.70 9.35
N LYS B 42 -15.03 1.82 9.59
CA LYS B 42 -15.08 2.43 10.93
C LYS B 42 -13.67 2.80 11.40
N LYS B 43 -12.89 3.37 10.48
CA LYS B 43 -11.47 3.72 10.73
C LYS B 43 -10.60 2.47 10.87
N LYS B 44 -11.21 1.30 10.83
CA LYS B 44 -10.47 0.05 10.96
C LYS B 44 -10.44 -0.68 9.63
N GLY B 45 -9.66 -0.16 8.70
CA GLY B 45 -9.64 -0.71 7.36
C GLY B 45 -8.25 -1.00 6.87
N LYS B 46 -8.08 -0.97 5.55
CA LYS B 46 -6.81 -1.34 4.93
C LYS B 46 -6.78 -0.88 3.48
N ILE B 47 -5.58 -0.55 2.99
CA ILE B 47 -5.38 -0.26 1.59
C ILE B 47 -4.73 -1.47 0.92
N GLU B 48 -5.34 -1.99 -0.13
CA GLU B 48 -4.78 -3.14 -0.82
C GLU B 48 -4.42 -2.80 -2.26
N ILE B 49 -3.16 -2.99 -2.60
CA ILE B 49 -2.65 -2.71 -3.94
C ILE B 49 -2.44 -4.03 -4.69
N GLU B 50 -3.03 -4.14 -5.87
CA GLU B 50 -2.93 -5.36 -6.65
C GLU B 50 -1.62 -5.39 -7.43
N PHE B 51 -1.11 -6.58 -7.69
CA PHE B 51 0.00 -6.74 -8.61
C PHE B 51 -0.18 -8.04 -9.39
N PHE B 52 0.20 -8.01 -10.65
CA PHE B 52 0.02 -9.18 -11.52
C PHE B 52 1.38 -9.71 -11.99
N SER B 53 2.41 -9.24 -11.31
CA SER B 53 3.78 -9.63 -11.62
C SER B 53 4.67 -9.23 -10.46
N ASN B 54 5.81 -9.90 -10.33
CA ASN B 54 6.76 -9.58 -9.27
C ASN B 54 7.46 -8.27 -9.60
N GLU B 55 7.35 -7.85 -10.85
CA GLU B 55 7.89 -6.56 -11.27
C GLU B 55 7.05 -5.44 -10.70
N ASP B 56 5.73 -5.59 -10.81
CA ASP B 56 4.80 -4.64 -10.21
C ASP B 56 4.99 -4.64 -8.70
N LEU B 57 5.07 -5.84 -8.14
CA LEU B 57 5.23 -6.03 -6.70
C LEU B 57 6.40 -5.23 -6.16
N ASP B 58 7.56 -5.37 -6.76
CA ASP B 58 8.76 -4.66 -6.33
C ASP B 58 8.55 -3.16 -6.41
N ARG B 59 7.83 -2.73 -7.45
CA ARG B 59 7.56 -1.32 -7.66
C ARG B 59 6.53 -0.79 -6.66
N ILE B 60 5.54 -1.62 -6.30
CA ILE B 60 4.51 -1.21 -5.35
C ILE B 60 5.14 -0.91 -4.00
N LEU B 61 5.98 -1.83 -3.55
CA LEU B 61 6.69 -1.67 -2.29
C LEU B 61 7.69 -0.53 -2.37
N GLU B 62 8.09 -0.19 -3.59
CA GLU B 62 8.98 0.92 -3.82
C GLU B 62 8.27 2.24 -3.52
N LEU B 63 6.99 2.31 -3.88
CA LEU B 63 6.15 3.45 -3.53
C LEU B 63 5.98 3.51 -2.01
N LEU B 64 5.59 2.39 -1.43
CA LEU B 64 5.39 2.29 0.02
C LEU B 64 6.66 2.66 0.78
N SER B 65 7.80 2.38 0.19
CA SER B 65 9.07 2.69 0.82
C SER B 65 9.37 4.17 0.74
N GLU B 66 8.78 4.87 -0.23
CA GLU B 66 9.10 6.26 -0.50
C GLU B 66 10.61 6.44 -0.55
N ARG B 67 11.20 5.93 -1.61
CA ARG B 67 12.66 5.83 -1.71
C ARG B 67 13.30 7.14 -2.09
N GLU B 68 12.49 8.16 -2.30
CA GLU B 68 13.00 9.51 -2.54
C GLU B 68 12.83 10.36 -1.30
N SER B 69 12.63 9.70 -0.17
CA SER B 69 12.54 10.38 1.12
C SER B 69 13.95 10.66 1.64
N VAL A 16 8.73 -17.28 -7.24
CA VAL A 16 8.93 -16.22 -6.23
C VAL A 16 9.04 -16.83 -4.83
N LYS A 17 9.89 -16.25 -4.01
CA LYS A 17 10.03 -16.67 -2.63
C LYS A 17 9.17 -15.79 -1.74
N ASP A 18 8.18 -16.39 -1.09
CA ASP A 18 7.22 -15.65 -0.29
C ASP A 18 7.89 -15.01 0.92
N ALA A 19 9.04 -15.56 1.31
CA ALA A 19 9.80 -15.04 2.44
C ALA A 19 10.32 -13.64 2.17
N VAL A 20 10.65 -13.37 0.91
CA VAL A 20 11.23 -12.09 0.52
C VAL A 20 10.25 -10.97 0.80
N LEU A 21 8.97 -11.28 0.62
CA LEU A 21 7.90 -10.33 0.90
C LEU A 21 7.83 -10.06 2.39
N LYS A 22 7.92 -11.12 3.18
CA LYS A 22 7.83 -11.02 4.63
C LYS A 22 9.00 -10.22 5.19
N GLU A 23 10.12 -10.27 4.48
CA GLU A 23 11.30 -9.51 4.85
C GLU A 23 11.09 -8.03 4.59
N ARG A 24 10.52 -7.70 3.44
CA ARG A 24 10.28 -6.29 3.09
C ARG A 24 9.13 -5.72 3.90
N GLU A 25 8.16 -6.57 4.24
CA GLU A 25 7.04 -6.17 5.11
C GLU A 25 7.55 -5.63 6.44
N SER A 26 8.66 -6.18 6.90
CA SER A 26 9.25 -5.78 8.17
C SER A 26 9.61 -4.29 8.16
N TYR A 27 10.24 -3.86 7.08
CA TYR A 27 10.62 -2.46 6.94
C TYR A 27 9.40 -1.57 6.69
N LEU A 28 8.43 -2.09 5.93
CA LEU A 28 7.23 -1.31 5.62
C LEU A 28 6.43 -1.00 6.89
N GLN A 29 6.25 -2.02 7.73
CA GLN A 29 5.49 -1.86 8.96
C GLN A 29 6.13 -0.84 9.89
N ASN A 30 7.45 -0.82 9.93
CA ASN A 30 8.17 0.10 10.80
C ASN A 30 8.19 1.50 10.22
N TYR A 31 8.19 1.59 8.89
CA TYR A 31 8.35 2.87 8.21
C TYR A 31 7.14 3.79 8.45
N PHE A 32 5.93 3.26 8.34
CA PHE A 32 4.74 4.06 8.61
C PHE A 32 4.11 3.70 9.95
N GLY A 33 4.83 2.88 10.72
CA GLY A 33 4.40 2.53 12.08
C GLY A 33 3.02 1.91 12.13
N THR A 34 2.73 1.00 11.21
CA THR A 34 1.42 0.39 11.14
C THR A 34 1.54 -1.06 10.67
N THR A 35 0.41 -1.75 10.61
CA THR A 35 0.39 -3.15 10.22
C THR A 35 0.35 -3.28 8.69
N VAL A 36 1.18 -4.18 8.16
CA VAL A 36 1.29 -4.40 6.73
C VAL A 36 1.33 -5.91 6.45
N ASN A 37 0.66 -6.34 5.40
CA ASN A 37 0.67 -7.74 5.00
C ASN A 37 0.67 -7.85 3.48
N ILE A 38 1.62 -8.58 2.93
CA ILE A 38 1.61 -8.84 1.49
C ILE A 38 0.99 -10.20 1.21
N LYS A 39 -0.19 -10.18 0.62
CA LYS A 39 -0.90 -11.40 0.31
C LYS A 39 -0.35 -11.99 -0.98
N ARG A 40 0.57 -12.93 -0.83
CA ARG A 40 1.25 -13.53 -1.95
C ARG A 40 0.39 -14.58 -2.64
N GLN A 41 -0.45 -14.12 -3.56
CA GLN A 41 -1.18 -15.01 -4.44
C GLN A 41 -0.49 -15.01 -5.80
N LYS A 42 -0.42 -16.18 -6.42
CA LYS A 42 0.33 -16.33 -7.66
C LYS A 42 -0.27 -15.46 -8.77
N LYS A 43 0.41 -14.35 -9.07
CA LYS A 43 -0.01 -13.38 -10.08
C LYS A 43 -1.31 -12.69 -9.68
N LYS A 44 -1.65 -12.80 -8.40
CA LYS A 44 -2.86 -12.18 -7.86
C LYS A 44 -2.57 -11.62 -6.48
N GLY A 45 -1.40 -11.04 -6.30
CA GLY A 45 -0.98 -10.59 -5.00
C GLY A 45 -1.46 -9.19 -4.69
N LYS A 46 -1.31 -8.77 -3.44
CA LYS A 46 -1.69 -7.43 -3.03
C LYS A 46 -1.08 -7.08 -1.67
N ILE A 47 -0.50 -5.89 -1.56
CA ILE A 47 0.00 -5.41 -0.28
C ILE A 47 -1.11 -4.63 0.41
N GLU A 48 -1.44 -5.03 1.63
CA GLU A 48 -2.48 -4.34 2.38
C GLU A 48 -1.87 -3.57 3.54
N ILE A 49 -2.12 -2.27 3.57
CA ILE A 49 -1.67 -1.44 4.67
C ILE A 49 -2.87 -1.10 5.54
N GLU A 50 -2.87 -1.61 6.76
CA GLU A 50 -4.02 -1.46 7.64
C GLU A 50 -3.93 -0.16 8.42
N PHE A 51 -5.06 0.46 8.68
CA PHE A 51 -5.12 1.68 9.48
C PHE A 51 -6.35 1.69 10.35
N PHE A 52 -6.20 2.21 11.57
CA PHE A 52 -7.31 2.22 12.52
C PHE A 52 -7.88 3.64 12.66
N SER A 53 -7.16 4.62 12.15
CA SER A 53 -7.57 6.00 12.26
C SER A 53 -7.37 6.73 10.93
N ASN A 54 -8.16 7.78 10.73
CA ASN A 54 -8.08 8.57 9.49
C ASN A 54 -6.76 9.33 9.43
N GLU A 55 -6.14 9.51 10.60
CA GLU A 55 -4.83 10.13 10.67
C GLU A 55 -3.78 9.20 10.05
N ASP A 56 -3.79 7.94 10.48
CA ASP A 56 -2.91 6.94 9.89
C ASP A 56 -3.18 6.80 8.41
N LEU A 57 -4.46 6.83 8.06
CA LEU A 57 -4.91 6.78 6.67
C LEU A 57 -4.17 7.81 5.83
N ASP A 58 -4.25 9.07 6.22
CA ASP A 58 -3.65 10.15 5.46
C ASP A 58 -2.14 10.01 5.40
N ARG A 59 -1.55 9.62 6.53
CA ARG A 59 -0.11 9.42 6.65
C ARG A 59 0.36 8.26 5.78
N ILE A 60 -0.46 7.23 5.65
CA ILE A 60 -0.10 6.04 4.88
C ILE A 60 -0.25 6.31 3.38
N LEU A 61 -1.32 6.98 3.00
CA LEU A 61 -1.53 7.33 1.60
C LEU A 61 -0.46 8.29 1.12
N GLU A 62 0.23 8.94 2.04
CA GLU A 62 1.37 9.78 1.68
C GLU A 62 2.49 8.94 1.08
N LEU A 63 2.64 7.72 1.58
CA LEU A 63 3.62 6.79 1.04
C LEU A 63 3.30 6.46 -0.41
N LEU A 64 2.04 6.14 -0.66
CA LEU A 64 1.58 5.77 -1.99
C LEU A 64 1.51 6.99 -2.91
N SER A 65 1.34 8.15 -2.31
CA SER A 65 1.33 9.40 -3.05
C SER A 65 2.75 9.78 -3.44
N GLU A 66 3.70 9.41 -2.58
CA GLU A 66 5.12 9.69 -2.80
C GLU A 66 5.33 11.16 -3.16
N ARG A 67 5.03 12.03 -2.19
CA ARG A 67 5.16 13.46 -2.39
C ARG A 67 6.60 13.90 -2.18
N GLU A 68 7.46 12.93 -1.95
CA GLU A 68 8.89 13.16 -1.87
C GLU A 68 9.50 13.18 -3.27
N SER A 69 8.69 12.85 -4.26
CA SER A 69 9.13 12.87 -5.64
C SER A 69 8.38 13.95 -6.40
N VAL B 16 -16.11 9.62 8.69
CA VAL B 16 -15.26 9.64 7.47
C VAL B 16 -16.14 9.45 6.23
N LYS B 17 -15.77 10.14 5.16
CA LYS B 17 -16.46 10.00 3.89
C LYS B 17 -15.70 9.00 3.02
N ASP B 18 -16.36 7.89 2.71
CA ASP B 18 -15.72 6.80 1.97
C ASP B 18 -15.36 7.24 0.55
N ALA B 19 -16.04 8.27 0.06
CA ALA B 19 -15.79 8.80 -1.27
C ALA B 19 -14.41 9.40 -1.38
N VAL B 20 -13.93 9.98 -0.28
CA VAL B 20 -12.62 10.65 -0.26
C VAL B 20 -11.52 9.65 -0.57
N LEU B 21 -11.71 8.43 -0.10
CA LEU B 21 -10.77 7.35 -0.35
C LEU B 21 -10.78 6.99 -1.81
N LYS B 22 -11.98 6.90 -2.39
CA LYS B 22 -12.15 6.52 -3.78
C LYS B 22 -11.54 7.58 -4.70
N GLU B 23 -11.51 8.81 -4.22
CA GLU B 23 -10.91 9.91 -4.96
C GLU B 23 -9.40 9.80 -4.95
N ARG B 24 -8.82 9.46 -3.80
CA ARG B 24 -7.37 9.33 -3.68
C ARG B 24 -6.89 8.06 -4.36
N GLU B 25 -7.73 7.02 -4.35
CA GLU B 25 -7.43 5.77 -5.03
C GLU B 25 -7.18 6.01 -6.51
N SER B 26 -7.88 6.99 -7.08
CA SER B 26 -7.76 7.32 -8.49
C SER B 26 -6.32 7.70 -8.84
N TYR B 27 -5.72 8.55 -7.99
CA TYR B 27 -4.34 8.99 -8.21
C TYR B 27 -3.36 7.85 -7.92
N LEU B 28 -3.66 7.05 -6.90
CA LEU B 28 -2.77 5.95 -6.52
C LEU B 28 -2.66 4.93 -7.64
N GLN B 29 -3.80 4.55 -8.23
CA GLN B 29 -3.83 3.56 -9.30
C GLN B 29 -3.04 4.03 -10.51
N ASN B 30 -3.12 5.32 -10.81
CA ASN B 30 -2.43 5.88 -11.96
C ASN B 30 -0.94 6.06 -11.67
N TYR B 31 -0.60 6.30 -10.41
CA TYR B 31 0.77 6.62 -10.04
C TYR B 31 1.69 5.42 -10.23
N PHE B 32 1.27 4.23 -9.77
CA PHE B 32 2.08 3.03 -9.97
C PHE B 32 1.50 2.14 -11.06
N GLY B 33 0.51 2.67 -11.78
CA GLY B 33 -0.04 1.98 -12.94
C GLY B 33 -0.59 0.61 -12.62
N THR B 34 -1.28 0.48 -11.50
CA THR B 34 -1.79 -0.80 -11.07
C THR B 34 -3.13 -0.63 -10.35
N THR B 35 -3.73 -1.74 -9.94
CA THR B 35 -5.03 -1.70 -9.28
C THR B 35 -4.87 -1.45 -7.79
N VAL B 36 -5.70 -0.54 -7.26
CA VAL B 36 -5.67 -0.16 -5.86
C VAL B 36 -7.09 -0.10 -5.32
N ASN B 37 -7.28 -0.55 -4.08
CA ASN B 37 -8.58 -0.50 -3.42
C ASN B 37 -8.39 -0.20 -1.94
N ILE B 38 -9.07 0.82 -1.44
CA ILE B 38 -9.05 1.10 -0.02
C ILE B 38 -10.29 0.53 0.64
N LYS B 39 -10.09 -0.53 1.42
CA LYS B 39 -11.19 -1.18 2.11
C LYS B 39 -11.55 -0.39 3.36
N ARG B 40 -12.56 0.44 3.22
CA ARG B 40 -12.98 1.33 4.30
C ARG B 40 -13.82 0.60 5.33
N GLN B 41 -13.15 -0.03 6.28
CA GLN B 41 -13.82 -0.60 7.43
C GLN B 41 -13.61 0.35 8.60
N LYS B 42 -14.64 0.53 9.42
CA LYS B 42 -14.60 1.49 10.51
C LYS B 42 -13.51 1.14 11.51
N LYS B 43 -12.40 1.89 11.45
CA LYS B 43 -11.24 1.70 12.32
C LYS B 43 -10.56 0.36 12.04
N LYS B 44 -10.88 -0.23 10.90
CA LYS B 44 -10.31 -1.51 10.49
C LYS B 44 -10.03 -1.49 9.00
N GLY B 45 -9.57 -0.36 8.49
CA GLY B 45 -9.40 -0.21 7.07
C GLY B 45 -8.05 -0.69 6.59
N LYS B 46 -7.89 -0.78 5.27
CA LYS B 46 -6.62 -1.21 4.69
C LYS B 46 -6.57 -0.88 3.20
N ILE B 47 -5.47 -0.31 2.75
CA ILE B 47 -5.26 -0.06 1.33
C ILE B 47 -4.56 -1.27 0.72
N GLU B 48 -5.16 -1.84 -0.30
CA GLU B 48 -4.57 -3.00 -0.97
C GLU B 48 -4.06 -2.60 -2.35
N ILE B 49 -2.78 -2.82 -2.58
CA ILE B 49 -2.20 -2.59 -3.89
C ILE B 49 -1.95 -3.93 -4.57
N GLU B 50 -2.68 -4.19 -5.65
CA GLU B 50 -2.62 -5.49 -6.30
C GLU B 50 -1.50 -5.52 -7.33
N PHE B 51 -0.89 -6.67 -7.48
CA PHE B 51 0.16 -6.84 -8.47
C PHE B 51 0.09 -8.23 -9.10
N PHE B 52 0.37 -8.32 -10.38
CA PHE B 52 0.27 -9.59 -11.09
C PHE B 52 1.66 -10.14 -11.40
N SER B 53 2.67 -9.31 -11.22
CA SER B 53 4.04 -9.71 -11.53
C SER B 53 4.98 -9.24 -10.42
N ASN B 54 6.09 -9.94 -10.27
CA ASN B 54 7.09 -9.61 -9.26
C ASN B 54 7.78 -8.30 -9.60
N GLU B 55 7.69 -7.90 -10.88
CA GLU B 55 8.21 -6.62 -11.32
C GLU B 55 7.36 -5.50 -10.74
N ASP B 56 6.04 -5.62 -10.90
CA ASP B 56 5.12 -4.65 -10.31
C ASP B 56 5.28 -4.63 -8.81
N LEU B 57 5.45 -5.82 -8.24
CA LEU B 57 5.68 -5.98 -6.81
C LEU B 57 6.80 -5.06 -6.33
N ASP B 58 7.96 -5.20 -6.95
CA ASP B 58 9.14 -4.44 -6.54
C ASP B 58 8.92 -2.95 -6.74
N ARG B 59 8.29 -2.61 -7.86
CA ARG B 59 8.00 -1.22 -8.21
C ARG B 59 6.98 -0.60 -7.24
N ILE B 60 6.05 -1.42 -6.75
CA ILE B 60 5.01 -0.93 -5.85
C ILE B 60 5.56 -0.77 -4.43
N LEU B 61 6.35 -1.74 -3.99
CA LEU B 61 6.96 -1.65 -2.67
C LEU B 61 7.94 -0.49 -2.59
N GLU B 62 8.36 0.02 -3.75
CA GLU B 62 9.19 1.22 -3.77
C GLU B 62 8.41 2.42 -3.24
N LEU B 63 7.12 2.45 -3.53
CA LEU B 63 6.24 3.49 -3.00
C LEU B 63 6.21 3.45 -1.48
N LEU B 64 6.02 2.26 -0.95
CA LEU B 64 5.93 2.07 0.49
C LEU B 64 7.30 2.21 1.14
N SER B 65 8.34 1.94 0.37
CA SER B 65 9.70 2.11 0.84
C SER B 65 10.07 3.58 0.87
N GLU B 66 9.48 4.35 -0.05
CA GLU B 66 9.72 5.78 -0.16
C GLU B 66 11.22 6.08 -0.16
N ARG B 67 11.90 5.62 -1.19
CA ARG B 67 13.33 5.82 -1.31
C ARG B 67 13.65 7.21 -1.87
N GLU B 68 12.59 7.99 -2.06
CA GLU B 68 12.72 9.37 -2.46
C GLU B 68 12.97 10.25 -1.23
N SER B 69 12.87 9.64 -0.06
CA SER B 69 13.12 10.34 1.18
C SER B 69 14.37 9.78 1.84
N VAL A 16 9.08 -17.84 -6.80
CA VAL A 16 9.18 -16.73 -5.82
C VAL A 16 9.20 -17.28 -4.39
N LYS A 17 9.99 -16.66 -3.54
CA LYS A 17 10.07 -17.05 -2.15
C LYS A 17 9.56 -15.93 -1.26
N ASP A 18 8.74 -16.30 -0.27
CA ASP A 18 8.06 -15.34 0.60
C ASP A 18 9.04 -14.54 1.43
N ALA A 19 10.28 -15.02 1.51
CA ALA A 19 11.34 -14.32 2.23
C ALA A 19 11.57 -12.92 1.67
N VAL A 20 11.39 -12.79 0.36
CA VAL A 20 11.59 -11.50 -0.31
C VAL A 20 10.53 -10.51 0.16
N LEU A 21 9.33 -11.02 0.34
CA LEU A 21 8.23 -10.21 0.83
C LEU A 21 8.43 -9.92 2.31
N LYS A 22 8.89 -10.93 3.04
CA LYS A 22 9.09 -10.82 4.49
C LYS A 22 10.05 -9.70 4.82
N GLU A 23 11.17 -9.63 4.10
CA GLU A 23 12.20 -8.64 4.38
C GLU A 23 11.72 -7.23 4.05
N ARG A 24 10.77 -7.12 3.14
CA ARG A 24 10.21 -5.83 2.79
C ARG A 24 9.05 -5.47 3.72
N GLU A 25 8.19 -6.45 4.01
CA GLU A 25 7.05 -6.25 4.91
C GLU A 25 7.52 -5.76 6.27
N SER A 26 8.58 -6.37 6.79
CA SER A 26 9.12 -6.03 8.10
C SER A 26 9.63 -4.59 8.13
N TYR A 27 10.12 -4.11 6.99
CA TYR A 27 10.61 -2.74 6.88
C TYR A 27 9.45 -1.77 6.68
N LEU A 28 8.46 -2.17 5.89
CA LEU A 28 7.31 -1.31 5.59
C LEU A 28 6.50 -1.03 6.86
N GLN A 29 6.33 -2.06 7.69
CA GLN A 29 5.55 -1.92 8.92
C GLN A 29 6.16 -0.88 9.84
N ASN A 30 7.48 -0.77 9.84
CA ASN A 30 8.17 0.15 10.72
C ASN A 30 8.30 1.53 10.08
N TYR A 31 8.33 1.57 8.74
CA TYR A 31 8.58 2.82 8.04
C TYR A 31 7.40 3.79 8.20
N PHE A 32 6.18 3.31 8.05
CA PHE A 32 5.01 4.15 8.28
C PHE A 32 4.27 3.75 9.54
N GLY A 33 4.90 2.87 10.33
CA GLY A 33 4.42 2.54 11.66
C GLY A 33 3.03 1.96 11.68
N THR A 34 2.79 0.92 10.89
CA THR A 34 1.48 0.29 10.89
C THR A 34 1.59 -1.13 10.33
N THR A 35 0.47 -1.84 10.33
CA THR A 35 0.44 -3.22 9.90
C THR A 35 0.47 -3.33 8.37
N VAL A 36 1.38 -4.19 7.88
CA VAL A 36 1.55 -4.40 6.44
C VAL A 36 1.65 -5.89 6.16
N ASN A 37 0.78 -6.39 5.31
CA ASN A 37 0.73 -7.82 5.00
C ASN A 37 0.67 -8.03 3.50
N ILE A 38 1.63 -8.77 2.95
CA ILE A 38 1.59 -9.11 1.53
C ILE A 38 1.16 -10.55 1.35
N LYS A 39 0.22 -10.76 0.44
CA LYS A 39 -0.30 -12.09 0.18
C LYS A 39 -0.04 -12.48 -1.27
N ARG A 40 0.71 -13.55 -1.47
CA ARG A 40 1.04 -14.01 -2.82
C ARG A 40 0.08 -15.13 -3.23
N GLN A 41 -0.36 -15.07 -4.48
CA GLN A 41 -1.24 -16.08 -5.03
C GLN A 41 -0.82 -16.41 -6.46
N LYS A 42 0.19 -17.27 -6.60
CA LYS A 42 0.71 -17.68 -7.91
C LYS A 42 1.24 -16.47 -8.68
N LYS A 43 2.27 -15.83 -8.11
CA LYS A 43 2.86 -14.60 -8.66
C LYS A 43 1.94 -13.40 -8.42
N LYS A 44 0.64 -13.63 -8.44
CA LYS A 44 -0.33 -12.57 -8.20
C LYS A 44 -0.36 -12.26 -6.71
N GLY A 45 -1.10 -11.22 -6.34
CA GLY A 45 -1.29 -10.95 -4.93
C GLY A 45 -1.64 -9.51 -4.66
N LYS A 46 -1.45 -9.09 -3.42
CA LYS A 46 -1.77 -7.72 -3.03
C LYS A 46 -1.17 -7.38 -1.67
N ILE A 47 -0.71 -6.15 -1.52
CA ILE A 47 -0.25 -5.65 -0.23
C ILE A 47 -1.39 -4.96 0.47
N GLU A 48 -1.68 -5.34 1.69
CA GLU A 48 -2.72 -4.68 2.45
C GLU A 48 -2.12 -3.90 3.62
N ILE A 49 -2.32 -2.59 3.60
CA ILE A 49 -1.86 -1.74 4.68
C ILE A 49 -3.05 -1.38 5.57
N GLU A 50 -3.03 -1.80 6.81
CA GLU A 50 -4.16 -1.60 7.70
C GLU A 50 -4.01 -0.31 8.48
N PHE A 51 -5.13 0.37 8.73
CA PHE A 51 -5.13 1.61 9.47
C PHE A 51 -6.30 1.65 10.44
N PHE A 52 -6.10 2.34 11.57
CA PHE A 52 -7.10 2.36 12.62
C PHE A 52 -8.09 3.51 12.43
N SER A 53 -7.68 4.54 11.69
CA SER A 53 -8.57 5.65 11.38
C SER A 53 -7.96 6.54 10.30
N ASN A 54 -8.48 7.75 10.16
CA ASN A 54 -8.10 8.65 9.06
C ASN A 54 -6.66 9.15 9.19
N GLU A 55 -6.14 9.21 10.41
CA GLU A 55 -4.80 9.74 10.61
C GLU A 55 -3.74 8.78 10.08
N ASP A 56 -3.88 7.49 10.41
CA ASP A 56 -2.98 6.48 9.86
C ASP A 56 -3.15 6.45 8.35
N LEU A 57 -4.40 6.54 7.92
CA LEU A 57 -4.77 6.52 6.51
C LEU A 57 -3.99 7.57 5.72
N ASP A 58 -4.01 8.80 6.23
CA ASP A 58 -3.42 9.93 5.52
C ASP A 58 -1.93 9.72 5.29
N ARG A 59 -1.22 9.24 6.30
CA ARG A 59 0.23 9.06 6.18
C ARG A 59 0.56 7.85 5.30
N ILE A 60 -0.29 6.83 5.33
CA ILE A 60 -0.06 5.63 4.52
C ILE A 60 -0.26 5.95 3.05
N LEU A 61 -1.33 6.64 2.73
CA LEU A 61 -1.60 7.05 1.36
C LEU A 61 -0.59 8.10 0.91
N GLU A 62 0.07 8.73 1.87
CA GLU A 62 1.14 9.67 1.59
C GLU A 62 2.36 8.91 1.06
N LEU A 63 2.56 7.71 1.60
CA LEU A 63 3.60 6.80 1.08
C LEU A 63 3.32 6.46 -0.38
N LEU A 64 2.09 6.05 -0.65
CA LEU A 64 1.68 5.67 -2.00
C LEU A 64 1.60 6.88 -2.93
N SER A 65 1.46 8.06 -2.32
CA SER A 65 1.44 9.31 -3.07
C SER A 65 2.86 9.69 -3.45
N GLU A 66 3.83 9.27 -2.64
CA GLU A 66 5.25 9.53 -2.88
C GLU A 66 5.47 11.02 -3.18
N ARG A 67 5.18 11.84 -2.18
CA ARG A 67 5.29 13.28 -2.33
C ARG A 67 6.72 13.73 -2.08
N GLU A 68 7.57 12.77 -1.72
CA GLU A 68 8.98 13.02 -1.49
C GLU A 68 9.74 13.10 -2.82
N SER A 69 9.03 12.84 -3.90
CA SER A 69 9.60 12.92 -5.24
C SER A 69 10.11 14.33 -5.53
N VAL B 16 -16.71 9.86 8.35
CA VAL B 16 -15.82 9.78 7.18
C VAL B 16 -16.63 9.50 5.91
N LYS B 17 -16.23 10.13 4.83
CA LYS B 17 -16.89 9.93 3.55
C LYS B 17 -15.94 9.29 2.55
N ASP B 18 -16.43 8.27 1.85
CA ASP B 18 -15.62 7.45 0.95
C ASP B 18 -15.04 8.28 -0.20
N ALA B 19 -15.60 9.45 -0.42
CA ALA B 19 -15.12 10.36 -1.45
C ALA B 19 -13.66 10.72 -1.22
N VAL B 20 -13.26 10.82 0.04
CA VAL B 20 -11.89 11.17 0.39
C VAL B 20 -10.94 10.07 -0.05
N LEU B 21 -11.41 8.84 0.10
CA LEU B 21 -10.65 7.68 -0.33
C LEU B 21 -10.66 7.60 -1.84
N LYS B 22 -11.80 7.90 -2.44
CA LYS B 22 -11.98 7.80 -3.88
C LYS B 22 -11.01 8.71 -4.62
N GLU B 23 -10.87 9.94 -4.13
CA GLU B 23 -10.01 10.92 -4.80
C GLU B 23 -8.54 10.55 -4.67
N ARG B 24 -8.21 9.79 -3.63
CA ARG B 24 -6.83 9.34 -3.45
C ARG B 24 -6.59 8.03 -4.20
N GLU B 25 -7.56 7.12 -4.13
CA GLU B 25 -7.46 5.82 -4.83
C GLU B 25 -7.27 6.03 -6.32
N SER B 26 -8.03 6.96 -6.88
CA SER B 26 -7.98 7.24 -8.31
C SER B 26 -6.60 7.76 -8.72
N TYR B 27 -5.95 8.46 -7.81
CA TYR B 27 -4.62 9.00 -8.07
C TYR B 27 -3.55 7.91 -7.85
N LEU B 28 -3.73 7.09 -6.82
CA LEU B 28 -2.76 6.05 -6.50
C LEU B 28 -2.68 5.01 -7.62
N GLN B 29 -3.84 4.65 -8.18
CA GLN B 29 -3.90 3.66 -9.24
C GLN B 29 -3.08 4.10 -10.45
N ASN B 30 -3.07 5.39 -10.72
CA ASN B 30 -2.35 5.92 -11.88
C ASN B 30 -0.90 6.21 -11.55
N TYR B 31 -0.60 6.50 -10.30
CA TYR B 31 0.75 6.91 -9.91
C TYR B 31 1.72 5.74 -10.05
N PHE B 32 1.36 4.56 -9.55
CA PHE B 32 2.22 3.39 -9.72
C PHE B 32 1.62 2.40 -10.73
N GLY B 33 0.58 2.86 -11.43
CA GLY B 33 0.03 2.12 -12.55
C GLY B 33 -0.46 0.74 -12.20
N THR B 34 -1.32 0.63 -11.19
CA THR B 34 -1.86 -0.66 -10.81
C THR B 34 -3.15 -0.48 -10.02
N THR B 35 -3.77 -1.60 -9.66
CA THR B 35 -5.05 -1.57 -8.96
C THR B 35 -4.88 -1.24 -7.49
N VAL B 36 -5.66 -0.28 -7.01
CA VAL B 36 -5.62 0.18 -5.63
C VAL B 36 -7.03 0.29 -5.08
N ASN B 37 -7.31 -0.41 -4.00
CA ASN B 37 -8.65 -0.43 -3.41
C ASN B 37 -8.57 -0.19 -1.91
N ILE B 38 -9.24 0.84 -1.42
CA ILE B 38 -9.30 1.06 0.02
C ILE B 38 -10.66 0.65 0.56
N LYS B 39 -10.64 -0.10 1.65
CA LYS B 39 -11.86 -0.59 2.27
C LYS B 39 -11.97 -0.06 3.69
N ARG B 40 -13.03 0.70 3.96
CA ARG B 40 -13.24 1.26 5.28
C ARG B 40 -14.20 0.39 6.09
N GLN B 41 -13.89 0.20 7.35
CA GLN B 41 -14.72 -0.58 8.26
C GLN B 41 -14.80 0.11 9.61
N LYS B 42 -15.67 1.11 9.72
CA LYS B 42 -15.85 1.86 10.97
C LYS B 42 -14.55 2.54 11.37
N LYS B 43 -14.10 3.46 10.50
CA LYS B 43 -12.82 4.17 10.67
C LYS B 43 -11.63 3.27 10.39
N LYS B 44 -11.78 1.99 10.69
CA LYS B 44 -10.73 1.01 10.43
C LYS B 44 -10.70 0.69 8.94
N GLY B 45 -9.72 -0.08 8.51
CA GLY B 45 -9.71 -0.54 7.14
C GLY B 45 -8.32 -0.90 6.67
N LYS B 46 -8.15 -0.96 5.35
CA LYS B 46 -6.87 -1.31 4.77
C LYS B 46 -6.85 -0.98 3.28
N ILE B 47 -5.68 -0.53 2.80
CA ILE B 47 -5.48 -0.32 1.38
C ILE B 47 -4.85 -1.57 0.78
N GLU B 48 -5.44 -2.08 -0.27
CA GLU B 48 -4.88 -3.25 -0.93
C GLU B 48 -4.37 -2.87 -2.32
N ILE B 49 -3.08 -3.04 -2.53
CA ILE B 49 -2.48 -2.79 -3.82
C ILE B 49 -2.22 -4.11 -4.51
N GLU B 50 -2.86 -4.33 -5.64
CA GLU B 50 -2.77 -5.61 -6.31
C GLU B 50 -1.66 -5.59 -7.35
N PHE B 51 -0.99 -6.73 -7.52
CA PHE B 51 0.09 -6.84 -8.48
C PHE B 51 0.02 -8.18 -9.19
N PHE B 52 0.46 -8.20 -10.46
CA PHE B 52 0.35 -9.37 -11.29
C PHE B 52 1.57 -10.28 -11.15
N SER B 53 2.69 -9.71 -10.71
CA SER B 53 3.89 -10.50 -10.48
C SER B 53 4.94 -9.68 -9.71
N ASN B 54 6.18 -10.13 -9.72
CA ASN B 54 7.24 -9.53 -8.93
C ASN B 54 7.62 -8.13 -9.41
N GLU B 55 7.42 -7.85 -10.70
CA GLU B 55 7.83 -6.56 -11.24
C GLU B 55 6.92 -5.45 -10.74
N ASP B 56 5.61 -5.67 -10.78
CA ASP B 56 4.67 -4.71 -10.22
C ASP B 56 4.94 -4.58 -8.73
N LEU B 57 5.17 -5.72 -8.10
CA LEU B 57 5.44 -5.80 -6.67
C LEU B 57 6.58 -4.86 -6.27
N ASP B 58 7.68 -4.96 -6.99
CA ASP B 58 8.89 -4.21 -6.64
C ASP B 58 8.64 -2.71 -6.65
N ARG B 59 7.94 -2.23 -7.66
CA ARG B 59 7.70 -0.80 -7.78
C ARG B 59 6.67 -0.32 -6.76
N ILE B 60 5.71 -1.17 -6.42
CA ILE B 60 4.68 -0.82 -5.46
C ILE B 60 5.27 -0.72 -4.06
N LEU B 61 6.08 -1.69 -3.69
CA LEU B 61 6.76 -1.68 -2.41
C LEU B 61 7.81 -0.59 -2.37
N GLU B 62 8.21 -0.11 -3.55
CA GLU B 62 9.12 1.01 -3.66
C GLU B 62 8.40 2.29 -3.23
N LEU B 63 7.11 2.37 -3.54
CA LEU B 63 6.26 3.46 -3.07
C LEU B 63 6.22 3.47 -1.54
N LEU B 64 5.95 2.31 -0.97
CA LEU B 64 5.85 2.16 0.48
C LEU B 64 7.22 2.29 1.14
N SER B 65 8.27 2.06 0.37
CA SER B 65 9.63 2.21 0.85
C SER B 65 10.00 3.69 0.85
N GLU B 66 9.37 4.46 -0.02
CA GLU B 66 9.58 5.90 -0.11
C GLU B 66 11.07 6.23 -0.16
N ARG B 67 11.71 5.74 -1.21
CA ARG B 67 13.15 5.92 -1.39
C ARG B 67 13.45 7.30 -1.98
N GLU B 68 12.40 8.03 -2.28
CA GLU B 68 12.52 9.38 -2.81
C GLU B 68 12.82 10.38 -1.71
N SER B 69 12.80 9.88 -0.48
CA SER B 69 13.10 10.71 0.68
C SER B 69 14.49 11.31 0.58
N VAL A 16 9.17 -17.05 -7.75
CA VAL A 16 9.24 -15.99 -6.71
C VAL A 16 9.56 -16.60 -5.35
N LYS A 17 10.37 -15.91 -4.58
CA LYS A 17 10.67 -16.33 -3.22
C LYS A 17 9.81 -15.55 -2.24
N ASP A 18 9.02 -16.28 -1.46
CA ASP A 18 8.08 -15.67 -0.53
C ASP A 18 8.81 -14.92 0.59
N ALA A 19 10.07 -15.29 0.80
CA ALA A 19 10.90 -14.63 1.80
C ALA A 19 11.19 -13.18 1.41
N VAL A 20 11.15 -12.89 0.11
CA VAL A 20 11.41 -11.55 -0.38
C VAL A 20 10.31 -10.60 0.10
N LEU A 21 9.12 -11.15 0.26
CA LEU A 21 8.01 -10.40 0.80
C LEU A 21 8.21 -10.17 2.28
N LYS A 22 8.63 -11.23 2.96
CA LYS A 22 8.79 -11.21 4.41
C LYS A 22 9.82 -10.14 4.82
N GLU A 23 10.91 -10.06 4.08
CA GLU A 23 11.98 -9.12 4.41
C GLU A 23 11.53 -7.68 4.18
N ARG A 24 10.64 -7.47 3.22
CA ARG A 24 10.17 -6.12 2.91
C ARG A 24 9.02 -5.73 3.82
N GLU A 25 8.16 -6.69 4.16
CA GLU A 25 7.06 -6.45 5.10
C GLU A 25 7.60 -5.91 6.42
N SER A 26 8.75 -6.41 6.83
CA SER A 26 9.39 -5.98 8.06
C SER A 26 9.73 -4.49 8.02
N TYR A 27 10.19 -4.03 6.86
CA TYR A 27 10.61 -2.64 6.70
C TYR A 27 9.40 -1.72 6.53
N LEU A 28 8.38 -2.20 5.83
CA LEU A 28 7.19 -1.40 5.57
C LEU A 28 6.45 -1.07 6.87
N GLN A 29 6.32 -2.05 7.77
CA GLN A 29 5.62 -1.85 9.03
C GLN A 29 6.32 -0.79 9.88
N ASN A 30 7.63 -0.74 9.78
CA ASN A 30 8.41 0.19 10.60
C ASN A 30 8.47 1.58 9.97
N TYR A 31 8.43 1.64 8.64
CA TYR A 31 8.59 2.91 7.94
C TYR A 31 7.42 3.86 8.22
N PHE A 32 6.19 3.37 8.03
CA PHE A 32 5.02 4.20 8.30
C PHE A 32 4.30 3.79 9.58
N GLY A 33 4.96 2.92 10.35
CA GLY A 33 4.50 2.59 11.69
C GLY A 33 3.10 2.03 11.77
N THR A 34 2.80 1.06 10.92
CA THR A 34 1.47 0.46 10.92
C THR A 34 1.54 -0.99 10.46
N THR A 35 0.40 -1.68 10.50
CA THR A 35 0.32 -3.07 10.14
C THR A 35 0.36 -3.24 8.61
N VAL A 36 1.28 -4.09 8.16
CA VAL A 36 1.46 -4.35 6.73
C VAL A 36 1.60 -5.85 6.51
N ASN A 37 0.89 -6.38 5.53
CA ASN A 37 1.02 -7.79 5.17
C ASN A 37 0.73 -7.99 3.69
N ILE A 38 1.50 -8.83 3.05
CA ILE A 38 1.35 -9.08 1.62
C ILE A 38 0.81 -10.49 1.37
N LYS A 39 -0.10 -10.60 0.42
CA LYS A 39 -0.63 -11.88 0.02
C LYS A 39 0.07 -12.34 -1.24
N ARG A 40 0.50 -13.59 -1.26
CA ARG A 40 1.24 -14.11 -2.42
C ARG A 40 0.61 -15.39 -2.95
N GLN A 41 0.14 -15.34 -4.19
CA GLN A 41 -0.34 -16.51 -4.89
C GLN A 41 0.50 -16.69 -6.16
N LYS A 42 1.77 -17.06 -5.96
CA LYS A 42 2.75 -17.19 -7.04
C LYS A 42 3.11 -15.82 -7.62
N LYS A 43 2.34 -15.36 -8.60
CA LYS A 43 2.58 -14.04 -9.18
C LYS A 43 1.45 -13.10 -8.83
N LYS A 44 0.32 -13.66 -8.42
CA LYS A 44 -0.83 -12.86 -8.02
C LYS A 44 -0.72 -12.50 -6.55
N GLY A 45 -1.18 -11.32 -6.18
CA GLY A 45 -1.21 -10.97 -4.78
C GLY A 45 -1.59 -9.53 -4.56
N LYS A 46 -1.31 -9.04 -3.36
CA LYS A 46 -1.65 -7.68 -2.98
C LYS A 46 -1.04 -7.32 -1.63
N ILE A 47 -0.62 -6.07 -1.50
CA ILE A 47 -0.15 -5.57 -0.22
C ILE A 47 -1.28 -4.80 0.45
N GLU A 48 -1.63 -5.19 1.66
CA GLU A 48 -2.68 -4.48 2.37
C GLU A 48 -2.12 -3.77 3.60
N ILE A 49 -2.32 -2.46 3.63
CA ILE A 49 -1.88 -1.65 4.76
C ILE A 49 -3.08 -1.35 5.65
N GLU A 50 -3.08 -1.86 6.86
CA GLU A 50 -4.22 -1.72 7.74
C GLU A 50 -4.11 -0.47 8.59
N PHE A 51 -5.25 0.14 8.87
CA PHE A 51 -5.30 1.32 9.71
C PHE A 51 -6.54 1.30 10.59
N PHE A 52 -6.45 1.92 11.76
CA PHE A 52 -7.56 1.95 12.71
C PHE A 52 -7.97 3.39 13.02
N SER A 53 -7.49 4.31 12.21
CA SER A 53 -7.83 5.71 12.33
C SER A 53 -7.67 6.38 10.97
N ASN A 54 -8.43 7.45 10.75
CA ASN A 54 -8.38 8.15 9.48
C ASN A 54 -7.08 8.93 9.35
N GLU A 55 -6.43 9.13 10.49
CA GLU A 55 -5.14 9.80 10.54
C GLU A 55 -4.06 8.90 9.96
N ASP A 56 -4.11 7.61 10.32
CA ASP A 56 -3.20 6.62 9.76
C ASP A 56 -3.31 6.62 8.25
N LEU A 57 -4.55 6.67 7.77
CA LEU A 57 -4.85 6.66 6.35
C LEU A 57 -4.05 7.73 5.61
N ASP A 58 -4.16 8.95 6.08
CA ASP A 58 -3.59 10.10 5.39
C ASP A 58 -2.09 9.92 5.18
N ARG A 59 -1.38 9.50 6.21
CA ARG A 59 0.07 9.34 6.11
C ARG A 59 0.46 8.04 5.39
N ILE A 60 -0.42 7.04 5.39
CA ILE A 60 -0.13 5.81 4.66
C ILE A 60 -0.20 6.05 3.16
N LEU A 61 -1.26 6.73 2.75
CA LEU A 61 -1.44 7.06 1.34
C LEU A 61 -0.42 8.09 0.90
N GLU A 62 0.17 8.78 1.87
CA GLU A 62 1.25 9.72 1.58
C GLU A 62 2.46 8.96 1.01
N LEU A 63 2.65 7.73 1.49
CA LEU A 63 3.68 6.84 0.96
C LEU A 63 3.40 6.52 -0.49
N LEU A 64 2.18 6.09 -0.77
CA LEU A 64 1.78 5.68 -2.12
C LEU A 64 1.69 6.87 -3.06
N SER A 65 1.47 8.04 -2.49
CA SER A 65 1.41 9.26 -3.27
C SER A 65 2.82 9.73 -3.61
N GLU A 66 3.78 9.41 -2.73
CA GLU A 66 5.17 9.75 -2.93
C GLU A 66 5.35 11.22 -3.29
N ARG A 67 5.20 12.08 -2.31
CA ARG A 67 5.31 13.51 -2.52
C ARG A 67 6.76 13.96 -2.35
N GLU A 68 7.62 12.99 -2.04
CA GLU A 68 9.05 13.26 -1.88
C GLU A 68 9.75 13.25 -3.24
N SER A 69 9.01 12.91 -4.28
CA SER A 69 9.57 12.83 -5.62
C SER A 69 9.94 14.23 -6.14
N VAL B 16 -15.78 10.18 9.06
CA VAL B 16 -14.96 10.05 7.83
C VAL B 16 -15.84 10.09 6.60
N LYS B 17 -15.35 10.73 5.54
CA LYS B 17 -16.04 10.75 4.27
C LYS B 17 -15.42 9.73 3.34
N ASP B 18 -16.22 8.78 2.88
CA ASP B 18 -15.73 7.69 2.04
C ASP B 18 -15.26 8.21 0.68
N ALA B 19 -15.73 9.40 0.32
CA ALA B 19 -15.32 10.03 -0.93
C ALA B 19 -13.85 10.41 -0.90
N VAL B 20 -13.32 10.63 0.30
CA VAL B 20 -11.92 11.01 0.46
C VAL B 20 -11.02 9.87 0.02
N LEU B 21 -11.52 8.66 0.20
CA LEU B 21 -10.82 7.48 -0.26
C LEU B 21 -10.89 7.39 -1.76
N LYS B 22 -12.08 7.64 -2.29
CA LYS B 22 -12.34 7.52 -3.72
C LYS B 22 -11.44 8.46 -4.52
N GLU B 23 -11.28 9.67 -4.03
CA GLU B 23 -10.48 10.67 -4.73
C GLU B 23 -9.00 10.32 -4.71
N ARG B 24 -8.55 9.65 -3.65
CA ARG B 24 -7.15 9.28 -3.53
C ARG B 24 -6.86 7.98 -4.27
N GLU B 25 -7.82 7.06 -4.25
CA GLU B 25 -7.69 5.79 -4.98
C GLU B 25 -7.44 6.05 -6.47
N SER B 26 -8.09 7.10 -6.98
CA SER B 26 -7.93 7.48 -8.38
C SER B 26 -6.48 7.86 -8.69
N TYR B 27 -5.84 8.55 -7.76
CA TYR B 27 -4.47 9.02 -7.95
C TYR B 27 -3.47 7.89 -7.74
N LEU B 28 -3.76 7.02 -6.78
CA LEU B 28 -2.85 5.92 -6.46
C LEU B 28 -2.72 4.95 -7.63
N GLN B 29 -3.84 4.63 -8.27
CA GLN B 29 -3.83 3.68 -9.39
C GLN B 29 -3.01 4.22 -10.55
N ASN B 30 -3.01 5.53 -10.72
CA ASN B 30 -2.30 6.16 -11.83
C ASN B 30 -0.83 6.37 -11.51
N TYR B 31 -0.52 6.59 -10.23
CA TYR B 31 0.85 6.92 -9.86
C TYR B 31 1.79 5.74 -10.07
N PHE B 32 1.43 4.56 -9.56
CA PHE B 32 2.27 3.38 -9.75
C PHE B 32 1.67 2.42 -10.77
N GLY B 33 0.63 2.88 -11.47
CA GLY B 33 0.09 2.17 -12.61
C GLY B 33 -0.40 0.77 -12.30
N THR B 34 -1.18 0.61 -11.24
CA THR B 34 -1.68 -0.69 -10.88
C THR B 34 -3.03 -0.57 -10.15
N THR B 35 -3.63 -1.71 -9.85
CA THR B 35 -4.93 -1.75 -9.20
C THR B 35 -4.82 -1.40 -7.72
N VAL B 36 -5.62 -0.44 -7.28
CA VAL B 36 -5.62 0.01 -5.90
C VAL B 36 -7.05 0.16 -5.42
N ASN B 37 -7.35 -0.35 -4.23
CA ASN B 37 -8.66 -0.18 -3.64
C ASN B 37 -8.56 -0.18 -2.12
N ILE B 38 -9.32 0.70 -1.48
CA ILE B 38 -9.29 0.82 -0.04
C ILE B 38 -10.58 0.31 0.58
N LYS B 39 -10.46 -0.39 1.69
CA LYS B 39 -11.61 -0.87 2.44
C LYS B 39 -11.86 0.06 3.61
N ARG B 40 -13.11 0.48 3.79
CA ARG B 40 -13.45 1.40 4.86
C ARG B 40 -14.56 0.86 5.74
N GLN B 41 -14.24 0.65 7.01
CA GLN B 41 -15.23 0.31 8.01
C GLN B 41 -15.22 1.38 9.10
N LYS B 42 -15.71 2.56 8.74
CA LYS B 42 -15.69 3.74 9.62
C LYS B 42 -14.26 4.24 9.84
N LYS B 43 -13.57 3.69 10.83
CA LYS B 43 -12.18 4.06 11.09
C LYS B 43 -11.25 2.91 10.78
N LYS B 44 -11.81 1.71 10.72
CA LYS B 44 -11.04 0.52 10.40
C LYS B 44 -10.97 0.35 8.89
N GLY B 45 -9.87 -0.16 8.39
CA GLY B 45 -9.79 -0.46 6.98
C GLY B 45 -8.39 -0.84 6.55
N LYS B 46 -8.15 -0.79 5.26
CA LYS B 46 -6.86 -1.17 4.69
C LYS B 46 -6.80 -0.83 3.22
N ILE B 47 -5.63 -0.43 2.75
CA ILE B 47 -5.40 -0.20 1.33
C ILE B 47 -4.71 -1.42 0.75
N GLU B 48 -5.30 -2.03 -0.27
CA GLU B 48 -4.67 -3.18 -0.89
C GLU B 48 -4.25 -2.86 -2.31
N ILE B 49 -2.96 -3.03 -2.57
CA ILE B 49 -2.40 -2.81 -3.89
C ILE B 49 -2.19 -4.15 -4.58
N GLU B 50 -2.92 -4.39 -5.66
CA GLU B 50 -2.88 -5.70 -6.30
C GLU B 50 -1.81 -5.73 -7.39
N PHE B 51 -1.20 -6.89 -7.56
CA PHE B 51 -0.20 -7.08 -8.59
C PHE B 51 -0.31 -8.47 -9.20
N PHE B 52 0.06 -8.60 -10.47
CA PHE B 52 -0.01 -9.87 -11.16
C PHE B 52 1.36 -10.30 -11.68
N SER B 53 2.39 -9.65 -11.16
CA SER B 53 3.76 -9.97 -11.49
C SER B 53 4.65 -9.54 -10.33
N ASN B 54 5.80 -10.21 -10.20
CA ASN B 54 6.73 -9.91 -9.12
C ASN B 54 7.43 -8.58 -9.41
N GLU B 55 7.37 -8.16 -10.66
CA GLU B 55 7.95 -6.90 -11.08
C GLU B 55 7.10 -5.75 -10.54
N ASP B 56 5.78 -5.90 -10.64
CA ASP B 56 4.86 -4.91 -10.08
C ASP B 56 5.15 -4.72 -8.60
N LEU B 57 5.36 -5.84 -7.92
CA LEU B 57 5.63 -5.84 -6.49
C LEU B 57 6.77 -4.89 -6.13
N ASP B 58 7.90 -5.07 -6.81
CA ASP B 58 9.11 -4.34 -6.49
C ASP B 58 8.89 -2.83 -6.53
N ARG B 59 8.23 -2.36 -7.57
CA ARG B 59 8.01 -0.93 -7.72
C ARG B 59 6.85 -0.42 -6.86
N ILE B 60 5.92 -1.30 -6.49
CA ILE B 60 4.82 -0.90 -5.61
C ILE B 60 5.35 -0.68 -4.19
N LEU B 61 6.16 -1.62 -3.72
CA LEU B 61 6.75 -1.50 -2.39
C LEU B 61 7.80 -0.39 -2.37
N GLU B 62 8.26 0.01 -3.55
CA GLU B 62 9.16 1.15 -3.67
C GLU B 62 8.45 2.42 -3.21
N LEU B 63 7.15 2.49 -3.45
CA LEU B 63 6.31 3.59 -2.97
C LEU B 63 6.28 3.59 -1.45
N LEU B 64 5.99 2.44 -0.86
CA LEU B 64 5.87 2.31 0.58
C LEU B 64 7.22 2.42 1.27
N SER B 65 8.27 2.12 0.54
CA SER B 65 9.63 2.25 1.06
C SER B 65 10.06 3.72 1.03
N GLU B 66 9.51 4.46 0.07
CA GLU B 66 9.80 5.89 -0.08
C GLU B 66 11.31 6.15 -0.05
N ARG B 67 11.97 5.84 -1.14
CA ARG B 67 13.41 6.03 -1.24
C ARG B 67 13.72 7.42 -1.77
N GLU B 68 12.68 8.18 -2.03
CA GLU B 68 12.81 9.55 -2.51
C GLU B 68 13.01 10.51 -1.34
N SER B 69 12.93 9.99 -0.13
CA SER B 69 13.07 10.80 1.07
C SER B 69 14.51 11.29 1.24
N VAL A 16 10.49 -16.18 -8.14
CA VAL A 16 10.41 -15.10 -7.15
C VAL A 16 10.51 -15.66 -5.74
N LYS A 17 11.35 -15.06 -4.92
CA LYS A 17 11.55 -15.51 -3.56
C LYS A 17 10.60 -14.77 -2.64
N ASP A 18 9.56 -15.47 -2.18
CA ASP A 18 8.54 -14.86 -1.33
C ASP A 18 9.12 -14.37 -0.02
N ALA A 19 10.22 -14.98 0.39
CA ALA A 19 10.91 -14.61 1.62
C ALA A 19 11.42 -13.17 1.55
N VAL A 20 11.73 -12.72 0.34
CA VAL A 20 12.24 -11.37 0.13
C VAL A 20 11.16 -10.35 0.45
N LEU A 21 9.94 -10.67 0.05
CA LEU A 21 8.81 -9.79 0.31
C LEU A 21 8.38 -9.93 1.76
N LYS A 22 8.57 -11.12 2.32
CA LYS A 22 8.19 -11.40 3.69
C LYS A 22 8.96 -10.52 4.66
N GLU A 23 10.25 -10.36 4.41
CA GLU A 23 11.11 -9.55 5.28
C GLU A 23 10.88 -8.07 5.04
N ARG A 24 10.41 -7.71 3.85
CA ARG A 24 10.10 -6.31 3.54
C ARG A 24 8.83 -5.89 4.27
N GLU A 25 7.92 -6.84 4.46
CA GLU A 25 6.70 -6.61 5.24
C GLU A 25 7.05 -6.06 6.62
N SER A 26 8.10 -6.62 7.22
CA SER A 26 8.53 -6.21 8.55
C SER A 26 8.93 -4.73 8.54
N TYR A 27 9.61 -4.31 7.49
CA TYR A 27 10.05 -2.92 7.38
C TYR A 27 8.85 -2.02 7.10
N LEU A 28 7.91 -2.50 6.30
CA LEU A 28 6.71 -1.73 5.97
C LEU A 28 5.88 -1.49 7.23
N GLN A 29 5.70 -2.55 8.02
CA GLN A 29 4.93 -2.45 9.26
C GLN A 29 5.54 -1.42 10.20
N ASN A 30 6.85 -1.51 10.39
CA ASN A 30 7.54 -0.63 11.32
C ASN A 30 7.67 0.79 10.76
N TYR A 31 7.60 0.92 9.45
CA TYR A 31 7.74 2.23 8.82
C TYR A 31 6.55 3.13 9.14
N PHE A 32 5.33 2.60 9.00
CA PHE A 32 4.14 3.37 9.33
C PHE A 32 3.64 3.06 10.74
N GLY A 33 4.24 2.06 11.36
CA GLY A 33 3.83 1.65 12.69
C GLY A 33 2.46 0.98 12.69
N THR A 34 2.21 0.19 11.65
CA THR A 34 0.91 -0.42 11.47
C THR A 34 1.06 -1.84 10.90
N THR A 35 -0.05 -2.53 10.73
CA THR A 35 -0.03 -3.88 10.23
C THR A 35 -0.02 -3.90 8.69
N VAL A 36 0.83 -4.75 8.13
CA VAL A 36 0.99 -4.84 6.67
C VAL A 36 1.12 -6.31 6.27
N ASN A 37 0.45 -6.69 5.19
CA ASN A 37 0.52 -8.07 4.70
C ASN A 37 0.61 -8.09 3.18
N ILE A 38 1.57 -8.82 2.65
CA ILE A 38 1.66 -9.02 1.21
C ILE A 38 1.10 -10.39 0.85
N LYS A 39 0.18 -10.42 -0.09
CA LYS A 39 -0.41 -11.67 -0.54
C LYS A 39 0.28 -12.15 -1.81
N ARG A 40 0.90 -13.30 -1.72
CA ARG A 40 1.61 -13.90 -2.85
C ARG A 40 0.79 -15.02 -3.48
N GLN A 41 0.14 -14.72 -4.59
CA GLN A 41 -0.68 -15.71 -5.30
C GLN A 41 -0.33 -15.74 -6.78
N LYS A 42 0.70 -16.52 -7.12
CA LYS A 42 1.09 -16.71 -8.53
C LYS A 42 1.48 -15.39 -9.17
N LYS A 43 2.21 -14.56 -8.42
CA LYS A 43 2.61 -13.21 -8.86
C LYS A 43 1.42 -12.26 -8.87
N LYS A 44 0.23 -12.80 -8.70
CA LYS A 44 -0.99 -12.01 -8.72
C LYS A 44 -1.49 -11.80 -7.30
N GLY A 45 -0.88 -10.86 -6.60
CA GLY A 45 -1.22 -10.64 -5.22
C GLY A 45 -1.55 -9.21 -4.92
N LYS A 46 -1.29 -8.79 -3.68
CA LYS A 46 -1.62 -7.44 -3.24
C LYS A 46 -0.98 -7.15 -1.88
N ILE A 47 -0.55 -5.91 -1.69
CA ILE A 47 -0.04 -5.47 -0.40
C ILE A 47 -1.13 -4.69 0.32
N GLU A 48 -1.51 -5.14 1.51
CA GLU A 48 -2.54 -4.45 2.26
C GLU A 48 -1.94 -3.72 3.47
N ILE A 49 -2.11 -2.42 3.49
CA ILE A 49 -1.64 -1.61 4.60
C ILE A 49 -2.81 -1.22 5.48
N GLU A 50 -2.87 -1.77 6.69
CA GLU A 50 -3.98 -1.49 7.59
C GLU A 50 -3.78 -0.15 8.28
N PHE A 51 -4.86 0.47 8.70
CA PHE A 51 -4.77 1.74 9.41
C PHE A 51 -5.86 1.82 10.47
N PHE A 52 -5.55 2.46 11.59
CA PHE A 52 -6.49 2.58 12.69
C PHE A 52 -6.89 4.04 12.90
N SER A 53 -6.72 4.84 11.86
CA SER A 53 -7.06 6.25 11.91
C SER A 53 -6.96 6.84 10.51
N ASN A 54 -7.71 7.92 10.26
CA ASN A 54 -7.63 8.62 8.99
C ASN A 54 -6.34 9.41 8.91
N GLU A 55 -5.70 9.59 10.07
CA GLU A 55 -4.40 10.24 10.15
C GLU A 55 -3.36 9.37 9.47
N ASP A 56 -3.27 8.12 9.91
CA ASP A 56 -2.35 7.17 9.32
C ASP A 56 -2.71 6.89 7.88
N LEU A 57 -4.01 6.82 7.61
CA LEU A 57 -4.52 6.62 6.27
C LEU A 57 -3.98 7.67 5.32
N ASP A 58 -4.13 8.93 5.71
CA ASP A 58 -3.66 10.05 4.88
C ASP A 58 -2.15 9.94 4.66
N ARG A 59 -1.45 9.59 5.74
CA ARG A 59 0.01 9.48 5.71
C ARG A 59 0.47 8.32 4.81
N ILE A 60 -0.27 7.22 4.83
CA ILE A 60 0.08 6.04 4.02
C ILE A 60 -0.16 6.34 2.55
N LEU A 61 -1.25 7.01 2.25
CA LEU A 61 -1.56 7.41 0.88
C LEU A 61 -0.56 8.42 0.35
N GLU A 62 0.15 9.11 1.25
CA GLU A 62 1.18 10.05 0.83
C GLU A 62 2.33 9.32 0.15
N LEU A 63 2.72 8.19 0.72
CA LEU A 63 3.79 7.38 0.16
C LEU A 63 3.38 6.80 -1.19
N LEU A 64 2.12 6.38 -1.26
CA LEU A 64 1.59 5.80 -2.49
C LEU A 64 1.35 6.86 -3.55
N SER A 65 1.12 8.09 -3.09
CA SER A 65 0.88 9.21 -3.99
C SER A 65 2.18 9.70 -4.59
N GLU A 66 3.21 9.83 -3.74
CA GLU A 66 4.52 10.33 -4.13
C GLU A 66 4.42 11.57 -5.01
N ARG A 67 4.30 12.71 -4.37
CA ARG A 67 4.20 13.97 -5.09
C ARG A 67 5.44 14.83 -4.85
N GLU A 68 6.46 14.24 -4.24
CA GLU A 68 7.72 14.91 -4.05
C GLU A 68 8.80 14.30 -4.96
N SER A 69 9.11 13.04 -4.69
CA SER A 69 10.16 12.30 -5.42
C SER A 69 11.45 13.14 -5.50
N VAL B 16 -14.96 11.53 9.03
CA VAL B 16 -14.06 11.29 7.88
C VAL B 16 -14.88 11.11 6.61
N LYS B 17 -14.49 11.79 5.55
CA LYS B 17 -15.21 11.70 4.29
C LYS B 17 -14.61 10.59 3.44
N ASP B 18 -15.32 9.48 3.33
CA ASP B 18 -14.82 8.31 2.60
C ASP B 18 -14.61 8.65 1.13
N ALA B 19 -15.36 9.63 0.64
CA ALA B 19 -15.26 10.07 -0.75
C ALA B 19 -13.87 10.61 -1.05
N VAL B 20 -13.22 11.17 -0.05
CA VAL B 20 -11.89 11.73 -0.19
C VAL B 20 -10.89 10.63 -0.51
N LEU B 21 -11.05 9.51 0.17
CA LEU B 21 -10.18 8.37 -0.03
C LEU B 21 -10.55 7.65 -1.33
N LYS B 22 -11.83 7.71 -1.66
CA LYS B 22 -12.34 7.06 -2.85
C LYS B 22 -11.71 7.65 -4.11
N GLU B 23 -11.59 8.97 -4.14
CA GLU B 23 -11.01 9.65 -5.30
C GLU B 23 -9.50 9.50 -5.32
N ARG B 24 -8.90 9.28 -4.15
CA ARG B 24 -7.46 9.07 -4.08
C ARG B 24 -7.11 7.69 -4.61
N GLU B 25 -8.02 6.74 -4.44
CA GLU B 25 -7.86 5.40 -5.00
C GLU B 25 -7.61 5.49 -6.51
N SER B 26 -8.33 6.38 -7.17
CA SER B 26 -8.20 6.55 -8.62
C SER B 26 -6.79 6.98 -8.98
N TYR B 27 -6.21 7.87 -8.17
CA TYR B 27 -4.85 8.34 -8.42
C TYR B 27 -3.83 7.25 -8.10
N LEU B 28 -4.11 6.47 -7.06
CA LEU B 28 -3.22 5.37 -6.68
C LEU B 28 -3.17 4.31 -7.77
N GLN B 29 -4.34 3.97 -8.30
CA GLN B 29 -4.43 2.97 -9.36
C GLN B 29 -3.65 3.40 -10.59
N ASN B 30 -3.84 4.65 -11.00
CA ASN B 30 -3.19 5.16 -12.19
C ASN B 30 -1.70 5.44 -11.96
N TYR B 31 -1.32 5.62 -10.71
CA TYR B 31 0.07 5.91 -10.39
C TYR B 31 0.96 4.69 -10.64
N PHE B 32 0.53 3.51 -10.19
CA PHE B 32 1.31 2.30 -10.42
C PHE B 32 0.76 1.53 -11.62
N GLY B 33 -0.37 1.96 -12.14
CA GLY B 33 -1.01 1.29 -13.26
C GLY B 33 -1.58 -0.05 -12.86
N THR B 34 -2.13 -0.11 -11.67
CA THR B 34 -2.63 -1.37 -11.12
C THR B 34 -3.92 -1.13 -10.33
N THR B 35 -4.50 -2.21 -9.83
CA THR B 35 -5.73 -2.12 -9.07
C THR B 35 -5.46 -1.81 -7.59
N VAL B 36 -6.23 -0.88 -7.04
CA VAL B 36 -6.06 -0.43 -5.66
C VAL B 36 -7.43 -0.27 -5.01
N ASN B 37 -7.56 -0.72 -3.76
CA ASN B 37 -8.82 -0.58 -3.04
C ASN B 37 -8.55 -0.20 -1.58
N ILE B 38 -9.23 0.84 -1.11
CA ILE B 38 -9.16 1.20 0.30
C ILE B 38 -10.40 0.68 1.01
N LYS B 39 -10.20 -0.01 2.11
CA LYS B 39 -11.30 -0.54 2.90
C LYS B 39 -11.58 0.38 4.08
N ARG B 40 -12.77 0.93 4.11
CA ARG B 40 -13.17 1.84 5.17
C ARG B 40 -14.11 1.14 6.15
N GLN B 41 -13.56 0.73 7.29
CA GLN B 41 -14.35 0.05 8.31
C GLN B 41 -14.14 0.68 9.68
N LYS B 42 -14.88 1.73 9.98
CA LYS B 42 -14.83 2.40 11.29
C LYS B 42 -13.43 2.92 11.56
N LYS B 43 -12.81 3.52 10.55
CA LYS B 43 -11.43 4.03 10.63
C LYS B 43 -10.42 2.89 10.67
N LYS B 44 -10.91 1.67 10.84
CA LYS B 44 -10.07 0.49 10.94
C LYS B 44 -10.10 -0.26 9.62
N GLY B 45 -9.33 0.21 8.65
CA GLY B 45 -9.37 -0.39 7.34
C GLY B 45 -8.00 -0.74 6.84
N LYS B 46 -7.85 -0.73 5.51
CA LYS B 46 -6.59 -1.10 4.88
C LYS B 46 -6.59 -0.74 3.39
N ILE B 47 -5.44 -0.32 2.89
CA ILE B 47 -5.28 -0.08 1.47
C ILE B 47 -4.59 -1.27 0.83
N GLU B 48 -5.23 -1.88 -0.16
CA GLU B 48 -4.63 -3.03 -0.83
C GLU B 48 -4.19 -2.66 -2.24
N ILE B 49 -2.90 -2.80 -2.49
CA ILE B 49 -2.33 -2.54 -3.80
C ILE B 49 -2.05 -3.86 -4.50
N GLU B 50 -2.82 -4.16 -5.55
CA GLU B 50 -2.65 -5.42 -6.26
C GLU B 50 -1.48 -5.32 -7.21
N PHE B 51 -0.88 -6.46 -7.55
CA PHE B 51 0.22 -6.48 -8.50
C PHE B 51 0.16 -7.76 -9.32
N PHE B 52 0.55 -7.65 -10.59
CA PHE B 52 0.52 -8.80 -11.49
C PHE B 52 1.94 -9.20 -11.90
N SER B 53 2.91 -8.81 -11.10
CA SER B 53 4.30 -9.12 -11.36
C SER B 53 5.14 -8.74 -10.14
N ASN B 54 6.29 -9.39 -9.98
CA ASN B 54 7.20 -9.06 -8.90
C ASN B 54 7.91 -7.75 -9.24
N GLU B 55 7.84 -7.36 -10.50
CA GLU B 55 8.39 -6.09 -10.95
C GLU B 55 7.61 -4.95 -10.33
N ASP B 56 6.29 -4.98 -10.52
CA ASP B 56 5.41 -3.96 -9.94
C ASP B 56 5.44 -4.06 -8.43
N LEU B 57 5.50 -5.28 -7.92
CA LEU B 57 5.58 -5.52 -6.48
C LEU B 57 6.76 -4.78 -5.88
N ASP B 58 7.94 -4.97 -6.46
CA ASP B 58 9.16 -4.32 -5.98
C ASP B 58 9.00 -2.81 -6.04
N ARG B 59 8.42 -2.33 -7.14
CA ARG B 59 8.22 -0.90 -7.36
C ARG B 59 7.23 -0.31 -6.35
N ILE B 60 6.18 -1.06 -6.02
CA ILE B 60 5.17 -0.58 -5.08
C ILE B 60 5.74 -0.51 -3.67
N LEU B 61 6.53 -1.51 -3.31
CA LEU B 61 7.19 -1.53 -2.01
C LEU B 61 8.23 -0.43 -1.89
N GLU B 62 8.68 0.10 -3.02
CA GLU B 62 9.63 1.21 -3.00
C GLU B 62 8.97 2.46 -2.42
N LEU B 63 7.73 2.70 -2.82
CA LEU B 63 6.98 3.84 -2.32
C LEU B 63 6.69 3.69 -0.84
N LEU B 64 6.37 2.47 -0.44
CA LEU B 64 6.06 2.18 0.96
C LEU B 64 7.33 2.18 1.81
N SER B 65 8.45 1.89 1.18
CA SER B 65 9.73 1.85 1.86
C SER B 65 10.25 3.26 2.09
N GLU B 66 10.15 4.09 1.07
CA GLU B 66 10.64 5.47 1.09
C GLU B 66 12.03 5.57 1.72
N ARG B 67 13.04 5.36 0.90
CA ARG B 67 14.41 5.43 1.35
C ARG B 67 15.14 6.62 0.73
N GLU B 68 14.39 7.48 0.07
CA GLU B 68 14.93 8.70 -0.49
C GLU B 68 14.44 9.92 0.28
N SER B 69 13.14 10.16 0.22
CA SER B 69 12.49 11.31 0.86
C SER B 69 13.25 12.60 0.56
N VAL A 16 9.16 -16.80 -7.38
CA VAL A 16 9.23 -15.75 -6.34
C VAL A 16 9.30 -16.39 -4.96
N LYS A 17 10.04 -15.74 -4.07
CA LYS A 17 10.17 -16.22 -2.71
C LYS A 17 9.44 -15.28 -1.76
N ASP A 18 8.54 -15.83 -0.96
CA ASP A 18 7.74 -15.04 -0.02
C ASP A 18 8.63 -14.44 1.06
N ALA A 19 9.83 -15.01 1.20
CA ALA A 19 10.82 -14.49 2.14
C ALA A 19 11.29 -13.09 1.73
N VAL A 20 11.22 -12.81 0.43
CA VAL A 20 11.58 -11.49 -0.09
C VAL A 20 10.52 -10.48 0.32
N LEU A 21 9.28 -10.93 0.24
CA LEU A 21 8.15 -10.14 0.68
C LEU A 21 8.24 -9.88 2.17
N LYS A 22 8.72 -10.89 2.90
CA LYS A 22 8.88 -10.79 4.35
C LYS A 22 9.82 -9.64 4.71
N GLU A 23 10.88 -9.49 3.91
CA GLU A 23 11.86 -8.44 4.13
C GLU A 23 11.20 -7.07 4.05
N ARG A 24 10.34 -6.91 3.06
CA ARG A 24 9.67 -5.64 2.86
C ARG A 24 8.54 -5.45 3.87
N GLU A 25 7.78 -6.52 4.14
CA GLU A 25 6.70 -6.46 5.13
C GLU A 25 7.25 -6.02 6.48
N SER A 26 8.42 -6.53 6.84
CA SER A 26 9.05 -6.21 8.11
C SER A 26 9.37 -4.72 8.19
N TYR A 27 9.82 -4.15 7.07
CA TYR A 27 10.18 -2.74 7.04
C TYR A 27 8.94 -1.87 6.98
N LEU A 28 7.92 -2.32 6.25
CA LEU A 28 6.70 -1.53 6.10
C LEU A 28 5.97 -1.39 7.43
N GLN A 29 5.89 -2.48 8.19
CA GLN A 29 5.22 -2.44 9.50
C GLN A 29 5.89 -1.44 10.42
N ASN A 30 7.22 -1.41 10.38
CA ASN A 30 7.97 -0.52 11.26
C ASN A 30 7.98 0.91 10.76
N TYR A 31 7.98 1.08 9.43
CA TYR A 31 8.05 2.42 8.85
C TYR A 31 6.80 3.23 9.15
N PHE A 32 5.62 2.62 8.99
CA PHE A 32 4.39 3.33 9.29
C PHE A 32 3.94 3.09 10.73
N GLY A 33 4.57 2.10 11.36
CA GLY A 33 4.21 1.74 12.72
C GLY A 33 2.84 1.11 12.80
N THR A 34 2.53 0.28 11.82
CA THR A 34 1.20 -0.30 11.72
C THR A 34 1.27 -1.70 11.13
N THR A 35 0.12 -2.36 11.02
CA THR A 35 0.04 -3.71 10.50
C THR A 35 0.10 -3.72 8.96
N VAL A 36 0.92 -4.61 8.41
CA VAL A 36 1.09 -4.72 6.96
C VAL A 36 1.12 -6.21 6.57
N ASN A 37 0.41 -6.55 5.50
CA ASN A 37 0.39 -7.92 5.03
C ASN A 37 0.41 -7.95 3.51
N ILE A 38 1.30 -8.76 2.93
CA ILE A 38 1.29 -8.98 1.49
C ILE A 38 0.72 -10.36 1.17
N LYS A 39 -0.36 -10.37 0.42
CA LYS A 39 -1.02 -11.61 0.06
C LYS A 39 -0.43 -12.17 -1.22
N ARG A 40 0.57 -13.02 -1.08
CA ARG A 40 1.22 -13.64 -2.23
C ARG A 40 0.38 -14.80 -2.77
N GLN A 41 -0.01 -14.68 -4.03
CA GLN A 41 -0.72 -15.74 -4.72
C GLN A 41 0.04 -16.13 -5.98
N LYS A 42 -0.65 -16.62 -6.99
CA LYS A 42 -0.02 -16.96 -8.26
C LYS A 42 0.29 -15.67 -9.05
N LYS A 43 1.36 -14.99 -8.62
CA LYS A 43 1.79 -13.71 -9.20
C LYS A 43 0.83 -12.58 -8.84
N LYS A 44 -0.46 -12.90 -8.74
CA LYS A 44 -1.47 -11.92 -8.40
C LYS A 44 -1.54 -11.72 -6.90
N GLY A 45 -0.70 -10.85 -6.40
CA GLY A 45 -0.70 -10.57 -4.99
C GLY A 45 -1.18 -9.15 -4.70
N LYS A 46 -1.14 -8.77 -3.44
CA LYS A 46 -1.56 -7.43 -3.05
C LYS A 46 -1.06 -7.08 -1.66
N ILE A 47 -0.60 -5.85 -1.50
CA ILE A 47 -0.14 -5.36 -0.21
C ILE A 47 -1.27 -4.62 0.47
N GLU A 48 -1.64 -5.04 1.66
CA GLU A 48 -2.68 -4.35 2.38
C GLU A 48 -2.12 -3.70 3.64
N ILE A 49 -2.07 -2.37 3.63
CA ILE A 49 -1.62 -1.61 4.78
C ILE A 49 -2.82 -1.26 5.64
N GLU A 50 -2.82 -1.70 6.88
CA GLU A 50 -3.96 -1.50 7.74
C GLU A 50 -3.79 -0.25 8.57
N PHE A 51 -4.86 0.51 8.71
CA PHE A 51 -4.85 1.73 9.50
C PHE A 51 -6.10 1.79 10.36
N PHE A 52 -5.98 2.32 11.57
CA PHE A 52 -7.12 2.43 12.47
C PHE A 52 -7.45 3.89 12.74
N SER A 53 -6.89 4.77 11.94
CA SER A 53 -7.13 6.20 12.06
C SER A 53 -6.92 6.88 10.72
N ASN A 54 -7.68 7.94 10.46
CA ASN A 54 -7.60 8.65 9.19
C ASN A 54 -6.29 9.43 9.09
N GLU A 55 -5.69 9.70 10.24
CA GLU A 55 -4.40 10.38 10.27
C GLU A 55 -3.30 9.45 9.78
N ASP A 56 -3.41 8.18 10.13
CA ASP A 56 -2.50 7.17 9.60
C ASP A 56 -2.76 6.98 8.12
N LEU A 57 -4.04 7.07 7.75
CA LEU A 57 -4.45 6.98 6.35
C LEU A 57 -3.69 7.99 5.49
N ASP A 58 -3.84 9.27 5.83
CA ASP A 58 -3.19 10.33 5.07
C ASP A 58 -1.67 10.19 5.09
N ARG A 59 -1.15 9.72 6.22
CA ARG A 59 0.29 9.55 6.39
C ARG A 59 0.83 8.37 5.57
N ILE A 60 0.07 7.28 5.52
CA ILE A 60 0.53 6.08 4.82
C ILE A 60 0.35 6.22 3.31
N LEU A 61 -0.82 6.71 2.90
CA LEU A 61 -1.11 6.86 1.48
C LEU A 61 -0.25 7.95 0.86
N GLU A 62 0.32 8.80 1.70
CA GLU A 62 1.24 9.83 1.21
C GLU A 62 2.42 9.20 0.49
N LEU A 63 2.84 8.03 0.96
CA LEU A 63 3.90 7.28 0.30
C LEU A 63 3.46 6.82 -1.07
N LEU A 64 2.24 6.32 -1.15
CA LEU A 64 1.69 5.80 -2.40
C LEU A 64 1.30 6.94 -3.33
N SER A 65 0.86 8.04 -2.74
CA SER A 65 0.41 9.20 -3.50
C SER A 65 1.58 10.13 -3.76
N GLU A 66 2.72 9.53 -4.09
CA GLU A 66 3.92 10.28 -4.41
C GLU A 66 3.65 11.29 -5.52
N ARG A 67 3.92 12.55 -5.22
CA ARG A 67 3.66 13.63 -6.16
C ARG A 67 4.72 14.72 -6.08
N GLU A 68 5.72 14.53 -5.22
CA GLU A 68 6.74 15.54 -5.04
C GLU A 68 8.07 15.08 -5.62
N SER A 69 8.16 13.79 -5.91
CA SER A 69 9.35 13.23 -6.51
C SER A 69 9.12 12.98 -8.00
N VAL B 16 -15.60 10.06 8.70
CA VAL B 16 -14.78 9.94 7.48
C VAL B 16 -15.67 9.75 6.26
N LYS B 17 -15.25 10.30 5.14
CA LYS B 17 -15.98 10.14 3.89
C LYS B 17 -15.20 9.27 2.93
N ASP B 18 -15.85 8.21 2.44
CA ASP B 18 -15.20 7.26 1.53
C ASP B 18 -14.86 7.95 0.20
N ALA B 19 -15.51 9.08 -0.05
CA ALA B 19 -15.24 9.88 -1.23
C ALA B 19 -13.83 10.44 -1.20
N VAL B 20 -13.29 10.64 0.00
CA VAL B 20 -11.93 11.13 0.17
C VAL B 20 -10.96 10.03 -0.21
N LEU B 21 -11.30 8.81 0.18
CA LEU B 21 -10.55 7.63 -0.19
C LEU B 21 -10.57 7.44 -1.69
N LYS B 22 -11.73 7.74 -2.28
CA LYS B 22 -11.92 7.62 -3.73
C LYS B 22 -10.92 8.50 -4.47
N GLU B 23 -10.68 9.69 -3.93
CA GLU B 23 -9.75 10.64 -4.54
C GLU B 23 -8.36 10.04 -4.60
N ARG B 24 -7.95 9.38 -3.52
CA ARG B 24 -6.62 8.79 -3.44
C ARG B 24 -6.57 7.50 -4.25
N GLU B 25 -7.62 6.68 -4.15
CA GLU B 25 -7.70 5.43 -4.91
C GLU B 25 -7.56 5.70 -6.41
N SER B 26 -8.19 6.77 -6.87
CA SER B 26 -8.16 7.16 -8.27
C SER B 26 -6.72 7.48 -8.70
N TYR B 27 -5.98 8.15 -7.84
CA TYR B 27 -4.62 8.55 -8.14
C TYR B 27 -3.67 7.35 -8.02
N LEU B 28 -3.91 6.49 -7.04
CA LEU B 28 -3.05 5.32 -6.82
C LEU B 28 -3.12 4.36 -8.00
N GLN B 29 -4.32 4.11 -8.51
CA GLN B 29 -4.50 3.21 -9.64
C GLN B 29 -3.73 3.71 -10.86
N ASN B 30 -3.76 5.02 -11.07
CA ASN B 30 -3.11 5.60 -12.23
C ASN B 30 -1.61 5.75 -12.02
N TYR B 31 -1.19 6.00 -10.79
CA TYR B 31 0.22 6.22 -10.50
C TYR B 31 1.03 4.94 -10.72
N PHE B 32 0.54 3.81 -10.22
CA PHE B 32 1.25 2.55 -10.42
C PHE B 32 0.75 1.83 -11.66
N GLY B 33 -0.36 2.31 -12.21
CA GLY B 33 -0.95 1.68 -13.38
C GLY B 33 -1.49 0.30 -13.08
N THR B 34 -2.11 0.16 -11.91
CA THR B 34 -2.58 -1.13 -11.45
C THR B 34 -3.86 -0.97 -10.61
N THR B 35 -4.40 -2.09 -10.17
CA THR B 35 -5.63 -2.09 -9.39
C THR B 35 -5.34 -1.74 -7.91
N VAL B 36 -6.16 -0.85 -7.36
CA VAL B 36 -6.02 -0.40 -5.98
C VAL B 36 -7.38 -0.32 -5.32
N ASN B 37 -7.49 -0.82 -4.09
CA ASN B 37 -8.74 -0.78 -3.35
C ASN B 37 -8.49 -0.45 -1.88
N ILE B 38 -9.22 0.50 -1.34
CA ILE B 38 -9.16 0.77 0.08
C ILE B 38 -10.42 0.25 0.77
N LYS B 39 -10.23 -0.66 1.70
CA LYS B 39 -11.34 -1.27 2.42
C LYS B 39 -11.67 -0.45 3.65
N ARG B 40 -12.60 0.49 3.50
CA ARG B 40 -13.02 1.33 4.60
C ARG B 40 -14.00 0.59 5.51
N GLN B 41 -13.63 0.47 6.77
CA GLN B 41 -14.50 -0.13 7.77
C GLN B 41 -14.68 0.86 8.91
N LYS B 42 -14.93 0.36 10.12
CA LYS B 42 -15.06 1.22 11.30
C LYS B 42 -13.68 1.71 11.74
N LYS B 43 -13.15 2.69 10.99
CA LYS B 43 -11.80 3.25 11.22
C LYS B 43 -10.71 2.26 10.82
N LYS B 44 -10.97 0.98 11.04
CA LYS B 44 -10.01 -0.06 10.71
C LYS B 44 -10.10 -0.43 9.23
N GLY B 45 -9.38 0.32 8.42
CA GLY B 45 -9.37 0.06 7.00
C GLY B 45 -8.02 -0.43 6.54
N LYS B 46 -7.87 -0.63 5.24
CA LYS B 46 -6.62 -1.11 4.69
C LYS B 46 -6.57 -0.87 3.18
N ILE B 47 -5.41 -0.42 2.70
CA ILE B 47 -5.20 -0.21 1.28
C ILE B 47 -4.54 -1.44 0.69
N GLU B 48 -5.16 -2.04 -0.30
CA GLU B 48 -4.56 -3.20 -0.94
C GLU B 48 -4.19 -2.87 -2.39
N ILE B 49 -2.89 -2.80 -2.63
CA ILE B 49 -2.38 -2.56 -3.97
C ILE B 49 -2.12 -3.90 -4.65
N GLU B 50 -2.81 -4.15 -5.76
CA GLU B 50 -2.70 -5.43 -6.41
C GLU B 50 -1.65 -5.40 -7.50
N PHE B 51 -0.86 -6.47 -7.58
CA PHE B 51 0.18 -6.58 -8.58
C PHE B 51 0.16 -7.97 -9.18
N PHE B 52 0.45 -8.07 -10.47
CA PHE B 52 0.45 -9.36 -11.15
C PHE B 52 1.84 -9.72 -11.63
N SER B 53 2.83 -8.99 -11.14
CA SER B 53 4.22 -9.23 -11.50
C SER B 53 5.13 -8.73 -10.37
N ASN B 54 6.26 -9.41 -10.19
CA ASN B 54 7.20 -9.07 -9.14
C ASN B 54 7.90 -7.76 -9.43
N GLU B 55 7.91 -7.38 -10.69
CA GLU B 55 8.49 -6.11 -11.11
C GLU B 55 7.61 -4.95 -10.65
N ASP B 56 6.30 -5.16 -10.72
CA ASP B 56 5.36 -4.18 -10.18
C ASP B 56 5.46 -4.15 -8.67
N LEU B 57 5.71 -5.33 -8.10
CA LEU B 57 5.91 -5.47 -6.66
C LEU B 57 7.01 -4.54 -6.18
N ASP B 58 8.22 -4.71 -6.72
CA ASP B 58 9.36 -3.89 -6.31
C ASP B 58 9.12 -2.42 -6.60
N ARG B 59 8.42 -2.14 -7.69
CA ARG B 59 8.14 -0.76 -8.10
C ARG B 59 7.11 -0.10 -7.17
N ILE B 60 6.10 -0.85 -6.76
CA ILE B 60 5.01 -0.31 -5.93
C ILE B 60 5.46 -0.19 -4.48
N LEU B 61 6.08 -1.23 -3.96
CA LEU B 61 6.51 -1.24 -2.57
C LEU B 61 7.65 -0.26 -2.35
N GLU B 62 8.28 0.16 -3.43
CA GLU B 62 9.34 1.17 -3.34
C GLU B 62 8.78 2.46 -2.74
N LEU B 63 7.52 2.75 -3.03
CA LEU B 63 6.85 3.92 -2.46
C LEU B 63 6.68 3.74 -0.96
N LEU B 64 6.28 2.54 -0.56
CA LEU B 64 6.03 2.24 0.85
C LEU B 64 7.35 2.06 1.60
N SER B 65 8.35 1.53 0.90
CA SER B 65 9.66 1.28 1.48
C SER B 65 10.55 2.50 1.32
N GLU B 66 9.96 3.66 1.55
CA GLU B 66 10.68 4.92 1.49
C GLU B 66 11.89 4.90 2.41
N ARG B 67 13.06 5.12 1.82
CA ARG B 67 14.30 5.08 2.56
C ARG B 67 15.31 6.12 2.07
N GLU B 68 14.90 6.92 1.10
CA GLU B 68 15.80 7.92 0.52
C GLU B 68 15.37 9.32 0.93
N SER B 69 14.16 9.43 1.44
CA SER B 69 13.65 10.70 1.92
C SER B 69 13.71 10.75 3.44
N VAL A 16 8.32 -18.51 -6.57
CA VAL A 16 8.73 -17.37 -5.72
C VAL A 16 8.62 -17.72 -4.24
N LYS A 17 9.52 -17.17 -3.44
CA LYS A 17 9.48 -17.37 -2.00
C LYS A 17 8.88 -16.15 -1.33
N ASP A 18 7.87 -16.37 -0.50
CA ASP A 18 7.17 -15.28 0.17
C ASP A 18 8.06 -14.64 1.24
N ALA A 19 9.08 -15.36 1.66
CA ALA A 19 10.04 -14.86 2.63
C ALA A 19 10.73 -13.59 2.12
N VAL A 20 10.91 -13.53 0.81
CA VAL A 20 11.59 -12.40 0.17
C VAL A 20 10.76 -11.14 0.35
N LEU A 21 9.46 -11.31 0.33
CA LEU A 21 8.53 -10.20 0.52
C LEU A 21 8.29 -9.97 2.01
N LYS A 22 8.36 -11.06 2.77
CA LYS A 22 8.08 -11.02 4.20
C LYS A 22 9.10 -10.13 4.92
N GLU A 23 10.34 -10.18 4.47
CA GLU A 23 11.38 -9.35 5.05
C GLU A 23 11.16 -7.88 4.69
N ARG A 24 10.54 -7.64 3.54
CA ARG A 24 10.23 -6.28 3.11
C ARG A 24 9.05 -5.74 3.91
N GLU A 25 8.12 -6.64 4.23
CA GLU A 25 6.97 -6.30 5.07
C GLU A 25 7.43 -5.79 6.43
N SER A 26 8.54 -6.33 6.92
CA SER A 26 9.12 -5.91 8.18
C SER A 26 9.46 -4.42 8.14
N TYR A 27 10.04 -3.98 7.02
CA TYR A 27 10.40 -2.58 6.84
C TYR A 27 9.15 -1.71 6.70
N LEU A 28 8.17 -2.21 5.96
CA LEU A 28 6.93 -1.46 5.73
C LEU A 28 6.19 -1.22 7.04
N GLN A 29 6.07 -2.26 7.86
CA GLN A 29 5.34 -2.14 9.12
C GLN A 29 6.00 -1.13 10.04
N ASN A 30 7.33 -1.21 10.15
CA ASN A 30 8.07 -0.33 11.04
C ASN A 30 8.15 1.09 10.49
N TYR A 31 7.98 1.22 9.18
CA TYR A 31 8.10 2.53 8.55
C TYR A 31 6.90 3.42 8.85
N PHE A 32 5.69 2.91 8.57
CA PHE A 32 4.49 3.71 8.82
C PHE A 32 3.97 3.47 10.24
N GLY A 33 4.50 2.44 10.89
CA GLY A 33 4.08 2.12 12.24
C GLY A 33 2.72 1.46 12.27
N THR A 34 2.50 0.50 11.37
CA THR A 34 1.21 -0.16 11.26
C THR A 34 1.38 -1.57 10.70
N THR A 35 0.28 -2.30 10.61
CA THR A 35 0.30 -3.66 10.12
C THR A 35 0.29 -3.70 8.59
N VAL A 36 1.17 -4.51 8.02
CA VAL A 36 1.30 -4.65 6.58
C VAL A 36 1.39 -6.12 6.21
N ASN A 37 0.62 -6.52 5.21
CA ASN A 37 0.58 -7.93 4.79
C ASN A 37 0.66 -8.03 3.28
N ILE A 38 1.65 -8.75 2.77
CA ILE A 38 1.74 -9.03 1.36
C ILE A 38 1.22 -10.43 1.06
N LYS A 39 0.27 -10.52 0.15
CA LYS A 39 -0.30 -11.79 -0.25
C LYS A 39 0.28 -12.23 -1.58
N ARG A 40 0.91 -13.40 -1.59
CA ARG A 40 1.53 -13.91 -2.81
C ARG A 40 0.70 -15.05 -3.40
N GLN A 41 -0.10 -14.74 -4.41
CA GLN A 41 -0.81 -15.76 -5.16
C GLN A 41 -0.11 -15.93 -6.50
N LYS A 42 1.06 -16.55 -6.46
CA LYS A 42 1.97 -16.65 -7.60
C LYS A 42 2.48 -15.27 -7.97
N LYS A 43 1.76 -14.56 -8.83
CA LYS A 43 2.08 -13.17 -9.15
C LYS A 43 0.87 -12.28 -8.92
N LYS A 44 -0.27 -12.91 -8.68
CA LYS A 44 -1.53 -12.18 -8.53
C LYS A 44 -1.83 -11.92 -7.07
N GLY A 45 -1.08 -11.02 -6.48
CA GLY A 45 -1.25 -10.75 -5.07
C GLY A 45 -1.64 -9.33 -4.79
N LYS A 46 -1.40 -8.89 -3.57
CA LYS A 46 -1.74 -7.53 -3.15
C LYS A 46 -1.12 -7.23 -1.79
N ILE A 47 -0.67 -5.99 -1.62
CA ILE A 47 -0.17 -5.54 -0.34
C ILE A 47 -1.26 -4.78 0.38
N GLU A 48 -1.63 -5.25 1.57
CA GLU A 48 -2.66 -4.58 2.34
C GLU A 48 -2.04 -3.84 3.51
N ILE A 49 -2.18 -2.53 3.51
CA ILE A 49 -1.69 -1.70 4.60
C ILE A 49 -2.86 -1.33 5.51
N GLU A 50 -2.87 -1.86 6.71
CA GLU A 50 -3.98 -1.63 7.63
C GLU A 50 -3.78 -0.31 8.36
N PHE A 51 -4.88 0.27 8.82
CA PHE A 51 -4.82 1.51 9.58
C PHE A 51 -5.97 1.55 10.58
N PHE A 52 -5.77 2.28 11.67
CA PHE A 52 -6.81 2.41 12.69
C PHE A 52 -7.18 3.88 12.89
N SER A 53 -6.96 4.67 11.85
CA SER A 53 -7.25 6.09 11.86
C SER A 53 -7.14 6.63 10.45
N ASN A 54 -7.90 7.70 10.17
CA ASN A 54 -7.86 8.33 8.86
C ASN A 54 -6.58 9.13 8.70
N GLU A 55 -5.94 9.44 9.81
CA GLU A 55 -4.67 10.16 9.78
C GLU A 55 -3.57 9.20 9.36
N ASP A 56 -3.63 7.98 9.86
CA ASP A 56 -2.69 6.95 9.43
C ASP A 56 -2.93 6.61 7.98
N LEU A 57 -4.19 6.63 7.59
CA LEU A 57 -4.57 6.41 6.19
C LEU A 57 -3.94 7.47 5.30
N ASP A 58 -4.09 8.73 5.70
CA ASP A 58 -3.49 9.83 4.96
C ASP A 58 -1.98 9.67 4.91
N ARG A 59 -1.41 9.23 6.02
CA ARG A 59 0.02 8.95 6.13
C ARG A 59 0.44 7.89 5.11
N ILE A 60 -0.26 6.76 5.11
CA ILE A 60 0.09 5.64 4.25
C ILE A 60 0.00 6.02 2.78
N LEU A 61 -1.07 6.73 2.42
CA LEU A 61 -1.25 7.23 1.06
C LEU A 61 -0.18 8.26 0.72
N GLU A 62 0.39 8.87 1.73
CA GLU A 62 1.45 9.85 1.55
C GLU A 62 2.74 9.12 1.16
N LEU A 63 2.94 7.93 1.73
CA LEU A 63 4.02 7.05 1.30
C LEU A 63 3.80 6.61 -0.13
N LEU A 64 2.61 6.09 -0.40
CA LEU A 64 2.25 5.61 -1.73
C LEU A 64 2.36 6.71 -2.78
N SER A 65 2.22 7.94 -2.34
CA SER A 65 2.33 9.08 -3.23
C SER A 65 3.78 9.43 -3.51
N GLU A 66 4.67 9.10 -2.57
CA GLU A 66 6.08 9.48 -2.64
C GLU A 66 6.19 10.96 -3.01
N ARG A 67 5.97 11.80 -2.02
CA ARG A 67 5.77 13.22 -2.24
C ARG A 67 7.04 14.02 -2.03
N GLU A 68 8.14 13.33 -1.79
CA GLU A 68 9.43 14.01 -1.67
C GLU A 68 10.24 13.85 -2.95
N SER A 69 9.55 13.59 -4.04
CA SER A 69 10.18 13.50 -5.34
C SER A 69 10.31 14.89 -5.97
N VAL B 16 -17.40 9.05 8.37
CA VAL B 16 -16.46 9.31 7.26
C VAL B 16 -17.07 8.92 5.93
N LYS B 17 -16.74 9.65 4.88
CA LYS B 17 -17.20 9.33 3.55
C LYS B 17 -16.10 8.63 2.76
N ASP B 18 -16.41 7.47 2.21
CA ASP B 18 -15.43 6.67 1.48
C ASP B 18 -15.05 7.34 0.17
N ALA B 19 -15.91 8.26 -0.30
CA ALA B 19 -15.65 9.01 -1.52
C ALA B 19 -14.36 9.82 -1.40
N VAL B 20 -14.06 10.25 -0.19
CA VAL B 20 -12.87 11.06 0.07
C VAL B 20 -11.62 10.25 -0.20
N LEU B 21 -11.70 8.96 0.11
CA LEU B 21 -10.60 8.05 -0.12
C LEU B 21 -10.64 7.53 -1.55
N LYS B 22 -11.85 7.41 -2.08
CA LYS B 22 -12.06 6.86 -3.41
C LYS B 22 -11.39 7.73 -4.47
N GLU B 23 -11.43 9.04 -4.26
CA GLU B 23 -10.79 9.97 -5.18
C GLU B 23 -9.26 9.85 -5.08
N ARG B 24 -8.77 9.47 -3.90
CA ARG B 24 -7.35 9.29 -3.70
C ARG B 24 -6.90 7.98 -4.35
N GLU B 25 -7.77 6.99 -4.31
CA GLU B 25 -7.54 5.71 -4.96
C GLU B 25 -7.32 5.90 -6.46
N SER B 26 -8.02 6.88 -7.02
CA SER B 26 -7.88 7.21 -8.44
C SER B 26 -6.43 7.58 -8.75
N TYR B 27 -5.82 8.37 -7.86
CA TYR B 27 -4.44 8.80 -8.05
C TYR B 27 -3.48 7.62 -7.84
N LEU B 28 -3.78 6.79 -6.85
CA LEU B 28 -2.92 5.64 -6.54
C LEU B 28 -2.88 4.65 -7.70
N GLN B 29 -4.05 4.35 -8.27
CA GLN B 29 -4.14 3.39 -9.37
C GLN B 29 -3.35 3.89 -10.58
N ASN B 30 -3.54 5.15 -10.92
CA ASN B 30 -2.88 5.73 -12.09
C ASN B 30 -1.40 5.94 -11.86
N TYR B 31 -0.99 6.05 -10.59
CA TYR B 31 0.39 6.33 -10.27
C TYR B 31 1.27 5.10 -10.49
N PHE B 32 0.91 3.96 -9.90
CA PHE B 32 1.71 2.75 -10.07
C PHE B 32 1.24 1.95 -11.28
N GLY B 33 0.08 2.32 -11.80
CA GLY B 33 -0.47 1.63 -12.95
C GLY B 33 -1.04 0.28 -12.60
N THR B 34 -1.79 0.22 -11.51
CA THR B 34 -2.35 -1.04 -11.04
C THR B 34 -3.63 -0.79 -10.25
N THR B 35 -4.27 -1.86 -9.81
CA THR B 35 -5.51 -1.77 -9.07
C THR B 35 -5.26 -1.47 -7.59
N VAL B 36 -6.00 -0.53 -7.05
CA VAL B 36 -5.87 -0.11 -5.66
C VAL B 36 -7.24 0.01 -5.04
N ASN B 37 -7.41 -0.55 -3.84
CA ASN B 37 -8.70 -0.53 -3.17
C ASN B 37 -8.53 -0.17 -1.69
N ILE B 38 -9.19 0.89 -1.26
CA ILE B 38 -9.20 1.25 0.14
C ILE B 38 -10.49 0.77 0.79
N LYS B 39 -10.34 0.02 1.87
CA LYS B 39 -11.49 -0.49 2.60
C LYS B 39 -11.70 0.34 3.87
N ARG B 40 -12.88 0.92 3.99
CA ARG B 40 -13.20 1.75 5.14
C ARG B 40 -14.16 1.04 6.09
N GLN B 41 -13.61 0.47 7.15
CA GLN B 41 -14.42 -0.11 8.21
C GLN B 41 -14.38 0.84 9.41
N LYS B 42 -15.06 1.97 9.26
CA LYS B 42 -15.01 3.08 10.21
C LYS B 42 -13.59 3.69 10.19
N LYS B 43 -12.70 3.16 11.02
CA LYS B 43 -11.30 3.58 11.00
C LYS B 43 -10.41 2.36 10.83
N LYS B 44 -11.00 1.17 10.93
CA LYS B 44 -10.23 -0.06 10.90
C LYS B 44 -10.24 -0.64 9.49
N GLY B 45 -9.51 -0.01 8.60
CA GLY B 45 -9.50 -0.43 7.21
C GLY B 45 -8.13 -0.84 6.75
N LYS B 46 -7.95 -0.84 5.43
CA LYS B 46 -6.68 -1.24 4.84
C LYS B 46 -6.67 -0.90 3.35
N ILE B 47 -5.52 -0.46 2.87
CA ILE B 47 -5.34 -0.20 1.44
C ILE B 47 -4.68 -1.41 0.80
N GLU B 48 -5.33 -2.01 -0.17
CA GLU B 48 -4.76 -3.15 -0.84
C GLU B 48 -4.30 -2.76 -2.24
N ILE B 49 -3.00 -2.87 -2.47
CA ILE B 49 -2.42 -2.59 -3.77
C ILE B 49 -2.17 -3.91 -4.49
N GLU B 50 -2.91 -4.16 -5.55
CA GLU B 50 -2.79 -5.43 -6.26
C GLU B 50 -1.65 -5.36 -7.26
N PHE B 51 -1.10 -6.51 -7.60
CA PHE B 51 -0.03 -6.58 -8.59
C PHE B 51 -0.11 -7.90 -9.35
N PHE B 52 0.39 -7.90 -10.58
CA PHE B 52 0.39 -9.12 -11.39
C PHE B 52 1.81 -9.49 -11.80
N SER B 53 2.77 -9.04 -10.99
CA SER B 53 4.17 -9.31 -11.22
C SER B 53 4.97 -8.91 -10.00
N ASN B 54 6.11 -9.56 -9.80
CA ASN B 54 6.97 -9.26 -8.66
C ASN B 54 7.71 -7.95 -8.91
N GLU B 55 7.78 -7.54 -10.17
CA GLU B 55 8.40 -6.28 -10.53
C GLU B 55 7.49 -5.13 -10.13
N ASP B 56 6.19 -5.32 -10.36
CA ASP B 56 5.20 -4.33 -9.94
C ASP B 56 5.16 -4.29 -8.42
N LEU B 57 5.32 -5.45 -7.80
CA LEU B 57 5.40 -5.56 -6.35
C LEU B 57 6.57 -4.74 -5.82
N ASP B 58 7.74 -4.92 -6.42
CA ASP B 58 8.92 -4.17 -6.04
C ASP B 58 8.68 -2.68 -6.25
N ARG B 59 7.99 -2.36 -7.35
CA ARG B 59 7.62 -0.99 -7.66
C ARG B 59 6.75 -0.39 -6.56
N ILE B 60 5.69 -1.10 -6.20
CA ILE B 60 4.73 -0.62 -5.21
C ILE B 60 5.39 -0.41 -3.85
N LEU B 61 6.22 -1.38 -3.45
CA LEU B 61 6.96 -1.27 -2.21
C LEU B 61 7.98 -0.13 -2.28
N GLU B 62 8.36 0.24 -3.49
CA GLU B 62 9.28 1.35 -3.69
C GLU B 62 8.56 2.66 -3.43
N LEU B 63 7.27 2.72 -3.78
CA LEU B 63 6.43 3.85 -3.41
C LEU B 63 6.29 3.91 -1.90
N LEU B 64 5.89 2.78 -1.30
CA LEU B 64 5.69 2.68 0.14
C LEU B 64 6.96 3.02 0.91
N SER B 65 8.10 2.82 0.27
CA SER B 65 9.38 3.12 0.88
C SER B 65 9.69 4.62 0.80
N GLU B 66 9.13 5.30 -0.20
CA GLU B 66 9.44 6.70 -0.47
C GLU B 66 10.95 6.91 -0.44
N ARG B 67 11.59 6.51 -1.51
CA ARG B 67 13.04 6.40 -1.54
C ARG B 67 13.71 7.62 -2.14
N GLU B 68 12.93 8.64 -2.44
CA GLU B 68 13.49 9.89 -2.94
C GLU B 68 13.53 10.94 -1.83
N SER B 69 13.51 10.48 -0.60
CA SER B 69 13.64 11.35 0.55
C SER B 69 15.11 11.62 0.85
N VAL A 16 9.07 -17.31 -6.70
CA VAL A 16 8.65 -16.38 -5.64
C VAL A 16 8.92 -16.98 -4.26
N LYS A 17 9.58 -16.21 -3.41
CA LYS A 17 9.84 -16.61 -2.05
C LYS A 17 9.22 -15.60 -1.10
N ASP A 18 8.32 -16.07 -0.23
CA ASP A 18 7.61 -15.19 0.69
C ASP A 18 8.58 -14.57 1.70
N ALA A 19 9.75 -15.17 1.82
CA ALA A 19 10.81 -14.63 2.68
C ALA A 19 11.27 -13.27 2.20
N VAL A 20 11.31 -13.11 0.88
CA VAL A 20 11.75 -11.87 0.27
C VAL A 20 10.74 -10.77 0.57
N LEU A 21 9.47 -11.14 0.49
CA LEU A 21 8.39 -10.24 0.88
C LEU A 21 8.51 -9.88 2.35
N LYS A 22 8.85 -10.87 3.16
CA LYS A 22 8.98 -10.69 4.60
C LYS A 22 10.06 -9.66 4.92
N GLU A 23 11.13 -9.69 4.13
CA GLU A 23 12.24 -8.76 4.32
C GLU A 23 11.82 -7.33 4.02
N ARG A 24 10.86 -7.18 3.11
CA ARG A 24 10.37 -5.85 2.75
C ARG A 24 9.24 -5.43 3.68
N GLU A 25 8.38 -6.37 4.04
CA GLU A 25 7.25 -6.10 4.95
C GLU A 25 7.73 -5.54 6.27
N SER A 26 8.84 -6.08 6.76
CA SER A 26 9.41 -5.66 8.04
C SER A 26 9.80 -4.19 8.00
N TYR A 27 10.39 -3.77 6.88
CA TYR A 27 10.79 -2.38 6.70
C TYR A 27 9.57 -1.48 6.50
N LEU A 28 8.57 -2.00 5.80
CA LEU A 28 7.35 -1.23 5.53
C LEU A 28 6.60 -0.91 6.82
N GLN A 29 6.41 -1.92 7.64
CA GLN A 29 5.66 -1.76 8.89
C GLN A 29 6.32 -0.73 9.80
N ASN A 30 7.65 -0.70 9.79
CA ASN A 30 8.38 0.25 10.63
C ASN A 30 8.40 1.64 10.00
N TYR A 31 8.41 1.71 8.68
CA TYR A 31 8.57 2.99 7.99
C TYR A 31 7.36 3.90 8.20
N PHE A 32 6.16 3.42 7.86
CA PHE A 32 4.97 4.24 8.02
C PHE A 32 4.18 3.86 9.27
N GLY A 33 4.81 3.03 10.10
CA GLY A 33 4.29 2.74 11.43
C GLY A 33 2.92 2.12 11.44
N THR A 34 2.76 0.97 10.78
CA THR A 34 1.48 0.28 10.81
C THR A 34 1.64 -1.16 10.33
N THR A 35 0.56 -1.92 10.42
CA THR A 35 0.58 -3.34 10.07
C THR A 35 0.47 -3.53 8.56
N VAL A 36 1.33 -4.39 8.02
CA VAL A 36 1.39 -4.64 6.58
C VAL A 36 1.47 -6.14 6.33
N ASN A 37 0.70 -6.62 5.35
CA ASN A 37 0.75 -8.03 4.98
C ASN A 37 0.73 -8.16 3.46
N ILE A 38 1.74 -8.81 2.90
CA ILE A 38 1.75 -9.09 1.47
C ILE A 38 1.36 -10.53 1.23
N LYS A 39 0.47 -10.74 0.28
CA LYS A 39 0.01 -12.08 -0.04
C LYS A 39 0.43 -12.44 -1.46
N ARG A 40 1.03 -13.61 -1.61
CA ARG A 40 1.50 -14.07 -2.92
C ARG A 40 0.73 -15.32 -3.34
N GLN A 41 0.12 -15.25 -4.52
CA GLN A 41 -0.64 -16.37 -5.06
C GLN A 41 -0.29 -16.58 -6.54
N LYS A 42 0.81 -17.26 -6.78
CA LYS A 42 1.27 -17.56 -8.14
C LYS A 42 1.46 -16.27 -8.93
N LYS A 43 2.48 -15.50 -8.56
CA LYS A 43 2.83 -14.23 -9.22
C LYS A 43 1.87 -13.11 -8.83
N LYS A 44 0.62 -13.46 -8.61
CA LYS A 44 -0.39 -12.47 -8.24
C LYS A 44 -0.42 -12.29 -6.73
N GLY A 45 -1.14 -11.27 -6.28
CA GLY A 45 -1.29 -11.05 -4.87
C GLY A 45 -1.67 -9.62 -4.56
N LYS A 46 -1.55 -9.22 -3.31
CA LYS A 46 -1.90 -7.88 -2.89
C LYS A 46 -1.19 -7.49 -1.59
N ILE A 47 -0.77 -6.24 -1.50
CA ILE A 47 -0.27 -5.71 -0.25
C ILE A 47 -1.39 -4.96 0.45
N GLU A 48 -1.79 -5.43 1.61
CA GLU A 48 -2.85 -4.76 2.34
C GLU A 48 -2.31 -4.08 3.58
N ILE A 49 -2.51 -2.77 3.65
CA ILE A 49 -2.02 -1.97 4.76
C ILE A 49 -3.17 -1.65 5.72
N GLU A 50 -2.99 -1.99 6.98
CA GLU A 50 -4.03 -1.79 7.98
C GLU A 50 -3.99 -0.36 8.52
N PHE A 51 -5.16 0.20 8.80
CA PHE A 51 -5.24 1.47 9.51
C PHE A 51 -6.48 1.48 10.39
N PHE A 52 -6.36 2.08 11.57
CA PHE A 52 -7.46 2.11 12.52
C PHE A 52 -7.93 3.54 12.77
N SER A 53 -7.41 4.44 11.96
CA SER A 53 -7.75 5.85 12.04
C SER A 53 -7.43 6.51 10.72
N ASN A 54 -8.09 7.64 10.44
CA ASN A 54 -7.84 8.39 9.22
C ASN A 54 -6.47 9.06 9.31
N GLU A 55 -5.92 9.10 10.53
CA GLU A 55 -4.57 9.59 10.76
C GLU A 55 -3.57 8.65 10.10
N ASP A 56 -3.72 7.35 10.39
CA ASP A 56 -2.88 6.33 9.75
C ASP A 56 -3.11 6.35 8.25
N LEU A 57 -4.37 6.51 7.87
CA LEU A 57 -4.78 6.54 6.47
C LEU A 57 -3.97 7.55 5.68
N ASP A 58 -3.96 8.80 6.14
CA ASP A 58 -3.27 9.87 5.42
C ASP A 58 -1.78 9.58 5.35
N ARG A 59 -1.25 9.00 6.41
CA ARG A 59 0.17 8.70 6.50
C ARG A 59 0.56 7.57 5.54
N ILE A 60 -0.31 6.57 5.42
CA ILE A 60 -0.04 5.43 4.54
C ILE A 60 -0.17 5.83 3.08
N LEU A 61 -1.24 6.55 2.76
CA LEU A 61 -1.47 7.01 1.40
C LEU A 61 -0.44 8.05 1.01
N GLU A 62 0.21 8.64 2.00
CA GLU A 62 1.34 9.54 1.74
C GLU A 62 2.47 8.77 1.08
N LEU A 63 2.68 7.54 1.55
CA LEU A 63 3.68 6.65 0.96
C LEU A 63 3.33 6.34 -0.48
N LEU A 64 2.09 5.92 -0.71
CA LEU A 64 1.63 5.55 -2.03
C LEU A 64 1.52 6.78 -2.94
N SER A 65 1.55 7.95 -2.32
CA SER A 65 1.52 9.19 -3.06
C SER A 65 2.91 9.55 -3.56
N GLU A 66 3.92 9.36 -2.70
CA GLU A 66 5.30 9.75 -2.99
C GLU A 66 5.32 11.16 -3.57
N ARG A 67 4.71 12.09 -2.84
CA ARG A 67 4.57 13.45 -3.31
C ARG A 67 5.87 14.22 -3.11
N GLU A 68 6.80 13.57 -2.43
CA GLU A 68 8.13 14.12 -2.22
C GLU A 68 8.90 14.16 -3.53
N SER A 69 8.45 13.36 -4.48
CA SER A 69 9.07 13.33 -5.80
C SER A 69 8.37 14.32 -6.73
N VAL B 16 -16.26 9.86 8.11
CA VAL B 16 -15.53 9.24 6.98
C VAL B 16 -16.38 9.22 5.73
N LYS B 17 -15.83 9.71 4.64
CA LYS B 17 -16.50 9.69 3.35
C LYS B 17 -15.64 8.92 2.36
N ASP B 18 -16.22 7.86 1.79
CA ASP B 18 -15.49 7.00 0.86
C ASP B 18 -15.13 7.76 -0.42
N ALA B 19 -15.80 8.88 -0.65
CA ALA B 19 -15.50 9.74 -1.77
C ALA B 19 -14.09 10.32 -1.65
N VAL B 20 -13.70 10.64 -0.42
CA VAL B 20 -12.39 11.21 -0.16
C VAL B 20 -11.31 10.18 -0.48
N LEU B 21 -11.59 8.94 -0.09
CA LEU B 21 -10.72 7.83 -0.43
C LEU B 21 -10.64 7.66 -1.93
N LYS B 22 -11.79 7.81 -2.59
CA LYS B 22 -11.88 7.66 -4.04
C LYS B 22 -11.01 8.69 -4.75
N GLU B 23 -10.94 9.88 -4.18
CA GLU B 23 -10.14 10.96 -4.76
C GLU B 23 -8.65 10.62 -4.66
N ARG B 24 -8.28 9.87 -3.64
CA ARG B 24 -6.88 9.49 -3.46
C ARG B 24 -6.56 8.20 -4.22
N GLU B 25 -7.52 7.27 -4.23
CA GLU B 25 -7.35 5.99 -4.93
C GLU B 25 -7.08 6.22 -6.42
N SER B 26 -7.77 7.20 -6.99
CA SER B 26 -7.62 7.51 -8.40
C SER B 26 -6.19 7.95 -8.73
N TYR B 27 -5.61 8.75 -7.85
CA TYR B 27 -4.24 9.20 -8.02
C TYR B 27 -3.25 8.06 -7.76
N LEU B 28 -3.57 7.21 -6.80
CA LEU B 28 -2.68 6.09 -6.46
C LEU B 28 -2.56 5.11 -7.62
N GLN B 29 -3.71 4.72 -8.19
CA GLN B 29 -3.74 3.75 -9.28
C GLN B 29 -2.93 4.24 -10.48
N ASN B 30 -2.98 5.54 -10.73
CA ASN B 30 -2.24 6.12 -11.86
C ASN B 30 -0.77 6.28 -11.53
N TYR B 31 -0.45 6.55 -10.26
CA TYR B 31 0.92 6.88 -9.89
C TYR B 31 1.84 5.67 -10.04
N PHE B 32 1.50 4.56 -9.38
CA PHE B 32 2.35 3.37 -9.47
C PHE B 32 1.80 2.35 -10.45
N GLY B 33 0.79 2.78 -11.21
CA GLY B 33 0.28 2.00 -12.33
C GLY B 33 -0.26 0.64 -11.97
N THR B 34 -1.24 0.59 -11.09
CA THR B 34 -1.85 -0.67 -10.73
C THR B 34 -3.18 -0.46 -10.02
N THR B 35 -3.89 -1.55 -9.75
CA THR B 35 -5.20 -1.49 -9.14
C THR B 35 -5.10 -1.30 -7.63
N VAL B 36 -5.89 -0.38 -7.11
CA VAL B 36 -5.88 -0.03 -5.69
C VAL B 36 -7.31 0.06 -5.17
N ASN B 37 -7.55 -0.51 -4.00
CA ASN B 37 -8.87 -0.43 -3.36
C ASN B 37 -8.71 -0.15 -1.87
N ILE B 38 -9.30 0.94 -1.40
CA ILE B 38 -9.30 1.23 0.03
C ILE B 38 -10.65 0.87 0.62
N LYS B 39 -10.63 0.17 1.74
CA LYS B 39 -11.85 -0.24 2.40
C LYS B 39 -11.96 0.44 3.76
N ARG B 40 -13.12 1.05 4.01
CA ARG B 40 -13.36 1.75 5.27
C ARG B 40 -14.44 1.04 6.08
N GLN B 41 -14.12 0.69 7.31
CA GLN B 41 -15.07 0.02 8.20
C GLN B 41 -15.02 0.64 9.58
N LYS B 42 -15.71 1.76 9.75
CA LYS B 42 -15.77 2.47 11.03
C LYS B 42 -14.36 2.83 11.51
N LYS B 43 -13.76 3.79 10.81
CA LYS B 43 -12.41 4.29 11.13
C LYS B 43 -11.32 3.30 10.71
N LYS B 44 -11.63 2.01 10.80
CA LYS B 44 -10.68 0.98 10.44
C LYS B 44 -10.78 0.65 8.96
N GLY B 45 -9.82 -0.12 8.47
CA GLY B 45 -9.86 -0.55 7.09
C GLY B 45 -8.49 -0.95 6.59
N LYS B 46 -8.34 -1.06 5.28
CA LYS B 46 -7.08 -1.46 4.69
C LYS B 46 -7.00 -1.02 3.23
N ILE B 47 -5.81 -0.60 2.81
CA ILE B 47 -5.53 -0.34 1.41
C ILE B 47 -4.88 -1.56 0.81
N GLU B 48 -5.53 -2.19 -0.15
CA GLU B 48 -4.95 -3.36 -0.78
C GLU B 48 -4.54 -3.05 -2.21
N ILE B 49 -3.26 -3.24 -2.49
CA ILE B 49 -2.72 -2.97 -3.81
C ILE B 49 -2.52 -4.27 -4.57
N GLU B 50 -3.10 -4.36 -5.76
CA GLU B 50 -3.02 -5.57 -6.56
C GLU B 50 -1.72 -5.60 -7.36
N PHE B 51 -1.16 -6.78 -7.53
CA PHE B 51 -0.05 -6.98 -8.45
C PHE B 51 -0.12 -8.37 -9.05
N PHE B 52 0.24 -8.48 -10.33
CA PHE B 52 0.15 -9.75 -11.05
C PHE B 52 1.53 -10.22 -11.47
N SER B 53 2.54 -9.53 -10.97
CA SER B 53 3.92 -9.86 -11.26
C SER B 53 4.81 -9.27 -10.18
N ASN B 54 6.00 -9.84 -10.00
CA ASN B 54 6.94 -9.33 -9.03
C ASN B 54 7.52 -8.00 -9.50
N GLU B 55 7.28 -7.69 -10.78
CA GLU B 55 7.64 -6.40 -11.34
C GLU B 55 6.78 -5.31 -10.72
N ASP B 56 5.46 -5.54 -10.72
CA ASP B 56 4.54 -4.61 -10.07
C ASP B 56 4.85 -4.54 -8.59
N LEU B 57 5.15 -5.70 -8.02
CA LEU B 57 5.47 -5.83 -6.60
C LEU B 57 6.57 -4.85 -6.19
N ASP B 58 7.70 -4.90 -6.87
CA ASP B 58 8.84 -4.06 -6.51
C ASP B 58 8.49 -2.59 -6.67
N ARG B 59 7.69 -2.29 -7.68
CA ARG B 59 7.29 -0.93 -7.98
C ARG B 59 6.35 -0.38 -6.91
N ILE B 60 5.43 -1.23 -6.43
CA ILE B 60 4.46 -0.82 -5.43
C ILE B 60 5.14 -0.67 -4.06
N LEU B 61 5.96 -1.63 -3.69
CA LEU B 61 6.69 -1.58 -2.43
C LEU B 61 7.71 -0.46 -2.45
N GLU B 62 8.07 0.00 -3.64
CA GLU B 62 8.93 1.16 -3.79
C GLU B 62 8.23 2.39 -3.23
N LEU B 63 6.93 2.48 -3.46
CA LEU B 63 6.11 3.55 -2.91
C LEU B 63 6.09 3.49 -1.40
N LEU B 64 5.80 2.30 -0.86
CA LEU B 64 5.72 2.10 0.58
C LEU B 64 7.10 2.21 1.22
N SER B 65 8.13 2.14 0.40
CA SER B 65 9.49 2.29 0.87
C SER B 65 9.86 3.76 1.01
N GLU B 66 9.44 4.56 0.04
CA GLU B 66 9.80 5.99 -0.02
C GLU B 66 11.29 6.16 0.26
N ARG B 67 12.10 5.43 -0.50
CA ARG B 67 13.54 5.42 -0.30
C ARG B 67 14.17 6.67 -0.89
N GLU B 68 13.35 7.43 -1.60
CA GLU B 68 13.76 8.71 -2.16
C GLU B 68 14.00 9.73 -1.05
N SER B 69 13.43 9.45 0.11
CA SER B 69 13.60 10.31 1.27
C SER B 69 14.78 9.83 2.11
N VAL A 16 10.46 -15.98 -7.36
CA VAL A 16 10.25 -15.02 -6.24
C VAL A 16 10.00 -15.77 -4.93
N LYS A 17 10.77 -15.41 -3.91
CA LYS A 17 10.63 -16.04 -2.61
C LYS A 17 9.83 -15.13 -1.67
N ASP A 18 8.86 -15.73 -0.98
CA ASP A 18 7.98 -14.96 -0.08
C ASP A 18 8.77 -14.47 1.13
N ALA A 19 9.93 -15.07 1.35
CA ALA A 19 10.83 -14.64 2.42
C ALA A 19 11.39 -13.25 2.14
N VAL A 20 11.52 -12.92 0.86
CA VAL A 20 11.99 -11.60 0.46
C VAL A 20 10.90 -10.57 0.76
N LEU A 21 9.67 -10.98 0.50
CA LEU A 21 8.51 -10.18 0.84
C LEU A 21 8.44 -9.99 2.35
N LYS A 22 8.77 -11.06 3.07
CA LYS A 22 8.78 -11.04 4.53
C LYS A 22 9.69 -9.95 5.05
N GLU A 23 10.84 -9.78 4.41
CA GLU A 23 11.80 -8.77 4.80
C GLU A 23 11.25 -7.38 4.56
N ARG A 24 10.63 -7.18 3.39
CA ARG A 24 10.10 -5.87 3.04
C ARG A 24 8.84 -5.56 3.85
N GLU A 25 8.05 -6.59 4.15
CA GLU A 25 6.89 -6.44 5.02
C GLU A 25 7.34 -5.94 6.39
N SER A 26 8.41 -6.54 6.90
CA SER A 26 8.95 -6.18 8.20
C SER A 26 9.37 -4.71 8.22
N TYR A 27 9.94 -4.25 7.11
CA TYR A 27 10.36 -2.86 7.00
C TYR A 27 9.13 -1.94 6.91
N LEU A 28 8.15 -2.32 6.10
CA LEU A 28 6.95 -1.49 5.91
C LEU A 28 6.17 -1.36 7.22
N GLN A 29 6.04 -2.46 7.95
CA GLN A 29 5.32 -2.44 9.23
C GLN A 29 5.95 -1.45 10.20
N ASN A 30 7.26 -1.51 10.31
CA ASN A 30 7.99 -0.65 11.25
C ASN A 30 8.12 0.77 10.72
N TYR A 31 8.05 0.92 9.41
CA TYR A 31 8.23 2.23 8.78
C TYR A 31 7.03 3.13 9.04
N PHE A 32 5.82 2.62 8.82
CA PHE A 32 4.62 3.42 9.08
C PHE A 32 4.16 3.24 10.52
N GLY A 33 4.61 2.14 11.14
CA GLY A 33 4.19 1.83 12.49
C GLY A 33 2.83 1.15 12.53
N THR A 34 2.60 0.25 11.59
CA THR A 34 1.29 -0.38 11.46
C THR A 34 1.44 -1.80 10.91
N THR A 35 0.32 -2.50 10.80
CA THR A 35 0.29 -3.86 10.29
C THR A 35 0.28 -3.86 8.76
N VAL A 36 1.11 -4.70 8.16
CA VAL A 36 1.24 -4.80 6.70
C VAL A 36 1.30 -6.28 6.30
N ASN A 37 0.57 -6.64 5.26
CA ASN A 37 0.56 -8.03 4.78
C ASN A 37 0.59 -8.07 3.26
N ILE A 38 1.56 -8.80 2.70
CA ILE A 38 1.60 -9.05 1.27
C ILE A 38 1.15 -10.46 0.99
N LYS A 39 0.09 -10.59 0.21
CA LYS A 39 -0.49 -11.89 -0.08
C LYS A 39 0.06 -12.45 -1.38
N ARG A 40 1.12 -13.25 -1.28
CA ARG A 40 1.72 -13.87 -2.46
C ARG A 40 0.86 -15.03 -2.95
N GLN A 41 0.41 -14.94 -4.20
CA GLN A 41 -0.43 -15.96 -4.80
C GLN A 41 0.13 -16.40 -6.15
N LYS A 42 1.42 -16.75 -6.18
CA LYS A 42 2.10 -17.20 -7.40
C LYS A 42 2.01 -16.15 -8.50
N LYS A 43 2.97 -15.22 -8.50
CA LYS A 43 2.99 -14.08 -9.42
C LYS A 43 1.93 -13.03 -9.04
N LYS A 44 0.75 -13.50 -8.68
CA LYS A 44 -0.33 -12.63 -8.25
C LYS A 44 -0.11 -12.25 -6.79
N GLY A 45 -0.62 -11.10 -6.39
CA GLY A 45 -0.54 -10.72 -5.01
C GLY A 45 -1.08 -9.34 -4.75
N LYS A 46 -0.99 -8.91 -3.50
CA LYS A 46 -1.47 -7.59 -3.11
C LYS A 46 -0.86 -7.22 -1.75
N ILE A 47 -0.57 -5.94 -1.57
CA ILE A 47 -0.11 -5.43 -0.29
C ILE A 47 -1.23 -4.68 0.39
N GLU A 48 -1.60 -5.10 1.59
CA GLU A 48 -2.64 -4.40 2.33
C GLU A 48 -2.08 -3.79 3.59
N ILE A 49 -2.23 -2.47 3.70
CA ILE A 49 -1.75 -1.72 4.85
C ILE A 49 -2.93 -1.40 5.78
N GLU A 50 -2.81 -1.78 7.03
CA GLU A 50 -3.88 -1.55 8.01
C GLU A 50 -3.80 -0.13 8.57
N PHE A 51 -4.96 0.47 8.83
CA PHE A 51 -5.01 1.72 9.56
C PHE A 51 -6.28 1.76 10.41
N PHE A 52 -6.19 2.34 11.59
CA PHE A 52 -7.33 2.43 12.48
C PHE A 52 -7.58 3.88 12.89
N SER A 53 -6.97 4.79 12.13
CA SER A 53 -7.08 6.21 12.39
C SER A 53 -6.84 6.96 11.08
N ASN A 54 -7.54 8.08 10.91
CA ASN A 54 -7.50 8.84 9.67
C ASN A 54 -6.15 9.52 9.48
N GLU A 55 -5.40 9.68 10.57
CA GLU A 55 -4.05 10.23 10.48
C GLU A 55 -3.14 9.19 9.84
N ASP A 56 -3.28 7.94 10.26
CA ASP A 56 -2.52 6.84 9.64
C ASP A 56 -2.92 6.68 8.19
N LEU A 57 -4.21 6.86 7.93
CA LEU A 57 -4.73 6.81 6.56
C LEU A 57 -3.97 7.78 5.67
N ASP A 58 -3.93 9.05 6.07
CA ASP A 58 -3.24 10.07 5.28
C ASP A 58 -1.76 9.76 5.18
N ARG A 59 -1.19 9.32 6.30
CA ARG A 59 0.22 8.96 6.36
C ARG A 59 0.54 7.88 5.34
N ILE A 60 -0.19 6.79 5.39
CA ILE A 60 0.09 5.61 4.55
C ILE A 60 -0.14 5.92 3.08
N LEU A 61 -1.23 6.62 2.77
CA LEU A 61 -1.51 7.01 1.39
C LEU A 61 -0.46 7.98 0.87
N GLU A 62 0.11 8.76 1.78
CA GLU A 62 1.18 9.69 1.42
C GLU A 62 2.44 8.92 1.03
N LEU A 63 2.70 7.82 1.73
CA LEU A 63 3.79 6.91 1.35
C LEU A 63 3.54 6.38 -0.05
N LEU A 64 2.35 5.83 -0.25
CA LEU A 64 1.97 5.26 -1.55
C LEU A 64 2.09 6.28 -2.67
N SER A 65 1.94 7.54 -2.34
CA SER A 65 2.02 8.60 -3.32
C SER A 65 3.47 8.99 -3.60
N GLU A 66 4.36 8.81 -2.61
CA GLU A 66 5.75 9.21 -2.71
C GLU A 66 5.85 10.59 -3.38
N ARG A 67 5.25 11.56 -2.74
CA ARG A 67 5.07 12.88 -3.34
C ARG A 67 6.30 13.76 -3.15
N GLU A 68 7.32 13.22 -2.50
CA GLU A 68 8.57 13.94 -2.35
C GLU A 68 9.57 13.48 -3.40
N SER A 69 9.12 12.65 -4.32
CA SER A 69 9.95 12.19 -5.42
C SER A 69 9.65 13.00 -6.67
N VAL B 16 -14.89 11.36 8.24
CA VAL B 16 -14.16 10.94 7.02
C VAL B 16 -15.12 10.45 5.96
N LYS B 17 -15.01 10.99 4.76
CA LYS B 17 -15.87 10.59 3.66
C LYS B 17 -15.11 9.64 2.73
N ASP B 18 -15.75 8.54 2.36
CA ASP B 18 -15.13 7.53 1.51
C ASP B 18 -14.92 8.06 0.11
N ALA B 19 -15.62 9.15 -0.22
CA ALA B 19 -15.46 9.82 -1.49
C ALA B 19 -14.08 10.46 -1.60
N VAL B 20 -13.51 10.83 -0.46
CA VAL B 20 -12.17 11.41 -0.42
C VAL B 20 -11.16 10.31 -0.70
N LEU B 21 -11.42 9.14 -0.14
CA LEU B 21 -10.64 7.96 -0.42
C LEU B 21 -10.74 7.60 -1.90
N LYS B 22 -11.94 7.75 -2.43
CA LYS B 22 -12.21 7.47 -3.85
C LYS B 22 -11.28 8.29 -4.74
N GLU B 23 -11.06 9.55 -4.36
CA GLU B 23 -10.20 10.44 -5.12
C GLU B 23 -8.76 9.98 -5.06
N ARG B 24 -8.31 9.60 -3.86
CA ARG B 24 -6.93 9.17 -3.68
C ARG B 24 -6.70 7.79 -4.29
N GLU B 25 -7.72 6.93 -4.21
CA GLU B 25 -7.67 5.62 -4.87
C GLU B 25 -7.46 5.80 -6.36
N SER B 26 -8.21 6.74 -6.94
CA SER B 26 -8.13 7.01 -8.36
C SER B 26 -6.72 7.46 -8.75
N TYR B 27 -6.09 8.25 -7.89
CA TYR B 27 -4.74 8.72 -8.12
C TYR B 27 -3.75 7.55 -7.99
N LEU B 28 -3.90 6.74 -6.94
CA LEU B 28 -2.99 5.62 -6.71
C LEU B 28 -3.05 4.61 -7.84
N GLN B 29 -4.26 4.30 -8.31
CA GLN B 29 -4.45 3.34 -9.40
C GLN B 29 -3.69 3.80 -10.65
N ASN B 30 -3.85 5.06 -11.00
CA ASN B 30 -3.23 5.60 -12.20
C ASN B 30 -1.75 5.86 -11.99
N TYR B 31 -1.35 6.06 -10.74
CA TYR B 31 0.04 6.39 -10.43
C TYR B 31 0.94 5.18 -10.63
N PHE B 32 0.56 4.03 -10.09
CA PHE B 32 1.37 2.82 -10.28
C PHE B 32 0.95 2.10 -11.56
N GLY B 33 -0.27 2.37 -12.00
CA GLY B 33 -0.81 1.69 -13.17
C GLY B 33 -1.38 0.33 -12.81
N THR B 34 -2.10 0.28 -11.69
CA THR B 34 -2.62 -0.99 -11.19
C THR B 34 -3.92 -0.78 -10.42
N THR B 35 -4.52 -1.87 -9.96
CA THR B 35 -5.74 -1.82 -9.20
C THR B 35 -5.46 -1.53 -7.71
N VAL B 36 -6.23 -0.62 -7.13
CA VAL B 36 -6.05 -0.21 -5.74
C VAL B 36 -7.42 -0.09 -5.07
N ASN B 37 -7.54 -0.62 -3.86
CA ASN B 37 -8.81 -0.56 -3.13
C ASN B 37 -8.57 -0.24 -1.66
N ILE B 38 -9.23 0.80 -1.17
CA ILE B 38 -9.20 1.12 0.24
C ILE B 38 -10.51 0.70 0.88
N LYS B 39 -10.44 -0.18 1.85
CA LYS B 39 -11.62 -0.72 2.50
C LYS B 39 -11.95 0.07 3.75
N ARG B 40 -12.83 1.05 3.62
CA ARG B 40 -13.25 1.86 4.76
C ARG B 40 -14.24 1.09 5.63
N GLN B 41 -13.89 0.91 6.89
CA GLN B 41 -14.73 0.18 7.83
C GLN B 41 -14.94 0.97 9.11
N LYS B 42 -15.34 2.25 8.95
CA LYS B 42 -15.59 3.14 10.09
C LYS B 42 -14.34 3.28 10.96
N LYS B 43 -13.50 4.25 10.61
CA LYS B 43 -12.20 4.46 11.27
C LYS B 43 -11.20 3.39 10.89
N LYS B 44 -11.65 2.14 10.87
CA LYS B 44 -10.81 1.03 10.47
C LYS B 44 -10.73 0.96 8.96
N GLY B 45 -9.65 0.41 8.45
CA GLY B 45 -9.55 0.22 7.02
C GLY B 45 -8.20 -0.33 6.61
N LYS B 46 -8.02 -0.48 5.31
CA LYS B 46 -6.77 -0.99 4.76
C LYS B 46 -6.70 -0.67 3.26
N ILE B 47 -5.50 -0.40 2.79
CA ILE B 47 -5.28 -0.17 1.36
C ILE B 47 -4.60 -1.39 0.77
N GLU B 48 -5.21 -1.99 -0.23
CA GLU B 48 -4.61 -3.14 -0.87
C GLU B 48 -4.27 -2.83 -2.33
N ILE B 49 -2.99 -2.97 -2.65
CA ILE B 49 -2.51 -2.71 -4.00
C ILE B 49 -2.29 -4.03 -4.73
N GLU B 50 -2.90 -4.19 -5.89
CA GLU B 50 -2.79 -5.42 -6.67
C GLU B 50 -1.52 -5.41 -7.50
N PHE B 51 -0.91 -6.59 -7.65
CA PHE B 51 0.18 -6.76 -8.59
C PHE B 51 0.13 -8.17 -9.17
N PHE B 52 0.47 -8.29 -10.45
CA PHE B 52 0.46 -9.59 -11.11
C PHE B 52 1.82 -9.88 -11.73
N SER B 53 2.81 -9.11 -11.30
CA SER B 53 4.17 -9.24 -11.80
C SER B 53 5.14 -8.73 -10.74
N ASN B 54 6.31 -9.37 -10.67
CA ASN B 54 7.29 -9.06 -9.63
C ASN B 54 7.91 -7.69 -9.83
N GLU B 55 7.81 -7.17 -11.05
CA GLU B 55 8.29 -5.82 -11.33
C GLU B 55 7.35 -4.81 -10.67
N ASP B 56 6.04 -5.06 -10.80
CA ASP B 56 5.04 -4.23 -10.15
C ASP B 56 5.17 -4.34 -8.65
N LEU B 57 5.47 -5.55 -8.17
CA LEU B 57 5.71 -5.78 -6.76
C LEU B 57 6.79 -4.84 -6.23
N ASP B 58 7.96 -4.86 -6.87
CA ASP B 58 9.06 -4.01 -6.44
C ASP B 58 8.68 -2.55 -6.56
N ARG B 59 8.02 -2.21 -7.67
CA ARG B 59 7.56 -0.85 -7.92
C ARG B 59 6.69 -0.35 -6.78
N ILE B 60 5.64 -1.11 -6.47
CA ILE B 60 4.64 -0.69 -5.50
C ILE B 60 5.23 -0.62 -4.09
N LEU B 61 6.03 -1.61 -3.72
CA LEU B 61 6.69 -1.61 -2.43
C LEU B 61 7.67 -0.46 -2.32
N GLU B 62 8.24 -0.05 -3.45
CA GLU B 62 9.16 1.07 -3.48
C GLU B 62 8.40 2.36 -3.18
N LEU B 63 7.18 2.47 -3.71
CA LEU B 63 6.30 3.59 -3.37
C LEU B 63 6.05 3.61 -1.87
N LEU B 64 5.61 2.47 -1.34
CA LEU B 64 5.32 2.34 0.09
C LEU B 64 6.53 2.71 0.95
N SER B 65 7.71 2.52 0.41
CA SER B 65 8.93 2.81 1.14
C SER B 65 9.28 4.31 1.06
N GLU B 66 8.87 4.96 -0.03
CA GLU B 66 9.20 6.37 -0.28
C GLU B 66 10.66 6.62 0.08
N ARG B 67 11.54 5.93 -0.62
CA ARG B 67 12.94 5.90 -0.26
C ARG B 67 13.70 7.07 -0.85
N GLU B 68 13.00 7.93 -1.56
CA GLU B 68 13.60 9.15 -2.08
C GLU B 68 13.28 10.34 -1.18
N SER B 69 12.67 10.05 -0.04
CA SER B 69 12.39 11.07 0.95
C SER B 69 13.43 11.01 2.06
N VAL A 16 9.29 -16.63 -6.73
CA VAL A 16 9.61 -15.58 -5.74
C VAL A 16 9.50 -16.14 -4.33
N LYS A 17 10.56 -15.96 -3.56
CA LYS A 17 10.60 -16.46 -2.19
C LYS A 17 9.83 -15.51 -1.28
N ASP A 18 8.96 -16.08 -0.46
CA ASP A 18 8.13 -15.29 0.45
C ASP A 18 8.99 -14.58 1.48
N ALA A 19 10.20 -15.06 1.67
CA ALA A 19 11.17 -14.43 2.56
C ALA A 19 11.55 -13.05 2.05
N VAL A 20 11.57 -12.88 0.74
CA VAL A 20 11.92 -11.60 0.13
C VAL A 20 10.83 -10.58 0.44
N LEU A 21 9.58 -11.05 0.39
CA LEU A 21 8.45 -10.23 0.77
C LEU A 21 8.57 -9.87 2.24
N LYS A 22 8.95 -10.84 3.06
CA LYS A 22 9.07 -10.66 4.50
C LYS A 22 10.10 -9.57 4.82
N GLU A 23 11.18 -9.54 4.05
CA GLU A 23 12.24 -8.55 4.25
C GLU A 23 11.74 -7.14 3.97
N ARG A 24 10.79 -7.03 3.06
CA ARG A 24 10.22 -5.74 2.73
C ARG A 24 9.06 -5.41 3.68
N GLU A 25 8.23 -6.41 3.98
CA GLU A 25 7.09 -6.24 4.88
C GLU A 25 7.55 -5.72 6.24
N SER A 26 8.65 -6.25 6.74
CA SER A 26 9.17 -5.85 8.05
C SER A 26 9.55 -4.37 8.04
N TYR A 27 10.16 -3.92 6.95
CA TYR A 27 10.56 -2.52 6.81
C TYR A 27 9.33 -1.64 6.61
N LEU A 28 8.34 -2.13 5.88
CA LEU A 28 7.13 -1.35 5.61
C LEU A 28 6.36 -1.10 6.91
N GLN A 29 6.22 -2.13 7.73
CA GLN A 29 5.49 -2.02 9.00
C GLN A 29 6.12 -0.99 9.91
N ASN A 30 7.44 -0.97 9.95
CA ASN A 30 8.16 -0.06 10.83
C ASN A 30 8.23 1.34 10.25
N TYR A 31 8.25 1.46 8.92
CA TYR A 31 8.41 2.75 8.28
C TYR A 31 7.24 3.68 8.57
N PHE A 32 6.02 3.22 8.31
CA PHE A 32 4.84 4.02 8.61
C PHE A 32 4.15 3.55 9.89
N GLY A 33 4.82 2.67 10.62
CA GLY A 33 4.39 2.30 11.96
C GLY A 33 3.01 1.69 12.00
N THR A 34 2.72 0.78 11.09
CA THR A 34 1.42 0.15 11.04
C THR A 34 1.55 -1.29 10.57
N THR A 35 0.44 -2.01 10.56
CA THR A 35 0.44 -3.41 10.16
C THR A 35 0.36 -3.55 8.63
N VAL A 36 1.25 -4.37 8.08
CA VAL A 36 1.36 -4.56 6.64
C VAL A 36 1.46 -6.04 6.33
N ASN A 37 0.71 -6.51 5.34
CA ASN A 37 0.77 -7.91 4.93
C ASN A 37 0.71 -8.02 3.41
N ILE A 38 1.66 -8.74 2.83
CA ILE A 38 1.63 -8.99 1.39
C ILE A 38 1.11 -10.39 1.12
N LYS A 39 0.10 -10.48 0.29
CA LYS A 39 -0.47 -11.75 -0.09
C LYS A 39 0.19 -12.25 -1.36
N ARG A 40 0.62 -13.50 -1.35
CA ARG A 40 1.32 -14.09 -2.48
C ARG A 40 0.56 -15.31 -2.99
N GLN A 41 0.04 -15.22 -4.21
CA GLN A 41 -0.71 -16.31 -4.82
C GLN A 41 -0.15 -16.65 -6.20
N LYS A 42 1.18 -16.81 -6.28
CA LYS A 42 1.86 -17.14 -7.53
C LYS A 42 1.67 -16.02 -8.56
N LYS A 43 2.62 -15.07 -8.56
CA LYS A 43 2.57 -13.89 -9.42
C LYS A 43 1.50 -12.91 -8.96
N LYS A 44 0.29 -13.41 -8.76
CA LYS A 44 -0.81 -12.57 -8.33
C LYS A 44 -0.75 -12.38 -6.82
N GLY A 45 -0.78 -11.16 -6.38
CA GLY A 45 -0.85 -10.88 -4.97
C GLY A 45 -1.33 -9.47 -4.70
N LYS A 46 -1.20 -9.04 -3.45
CA LYS A 46 -1.65 -7.72 -3.06
C LYS A 46 -1.09 -7.35 -1.69
N ILE A 47 -0.70 -6.10 -1.54
CA ILE A 47 -0.23 -5.60 -0.26
C ILE A 47 -1.37 -4.86 0.43
N GLU A 48 -1.71 -5.27 1.64
CA GLU A 48 -2.79 -4.62 2.37
C GLU A 48 -2.25 -3.94 3.62
N ILE A 49 -2.49 -2.64 3.71
CA ILE A 49 -2.00 -1.83 4.82
C ILE A 49 -3.14 -1.50 5.77
N GLU A 50 -3.02 -1.92 7.02
CA GLU A 50 -4.08 -1.71 8.00
C GLU A 50 -4.00 -0.29 8.56
N PHE A 51 -5.14 0.32 8.82
CA PHE A 51 -5.18 1.57 9.55
C PHE A 51 -6.38 1.59 10.48
N PHE A 52 -6.23 2.18 11.66
CA PHE A 52 -7.28 2.18 12.66
C PHE A 52 -7.91 3.56 12.83
N SER A 53 -7.43 4.52 12.06
CA SER A 53 -7.96 5.88 12.11
C SER A 53 -7.63 6.64 10.82
N ASN A 54 -8.24 7.80 10.65
CA ASN A 54 -8.00 8.61 9.45
C ASN A 54 -6.61 9.22 9.49
N GLU A 55 -6.08 9.39 10.69
CA GLU A 55 -4.73 9.91 10.87
C GLU A 55 -3.73 8.97 10.24
N ASP A 56 -3.87 7.68 10.54
CA ASP A 56 -3.03 6.66 9.94
C ASP A 56 -3.25 6.63 8.43
N LEU A 57 -4.52 6.70 8.05
CA LEU A 57 -4.91 6.68 6.63
C LEU A 57 -4.13 7.71 5.83
N ASP A 58 -4.11 8.95 6.31
CA ASP A 58 -3.47 10.04 5.58
C ASP A 58 -1.98 9.78 5.40
N ARG A 59 -1.29 9.47 6.49
CA ARG A 59 0.16 9.29 6.44
C ARG A 59 0.56 7.98 5.73
N ILE A 60 -0.34 7.01 5.68
CA ILE A 60 -0.06 5.76 4.98
C ILE A 60 -0.19 5.96 3.47
N LEU A 61 -1.25 6.65 3.06
CA LEU A 61 -1.46 6.94 1.64
C LEU A 61 -0.39 7.89 1.12
N GLU A 62 0.27 8.59 2.03
CA GLU A 62 1.40 9.43 1.67
C GLU A 62 2.50 8.60 1.03
N LEU A 63 2.64 7.36 1.48
CA LEU A 63 3.60 6.43 0.91
C LEU A 63 3.25 6.16 -0.56
N LEU A 64 2.00 5.79 -0.79
CA LEU A 64 1.53 5.45 -2.13
C LEU A 64 1.44 6.69 -3.00
N SER A 65 1.41 7.85 -2.36
CA SER A 65 1.41 9.11 -3.07
C SER A 65 2.81 9.43 -3.58
N GLU A 66 3.82 9.09 -2.77
CA GLU A 66 5.22 9.39 -3.09
C GLU A 66 5.34 10.83 -3.56
N ARG A 67 5.03 11.74 -2.66
CA ARG A 67 4.97 13.16 -2.99
C ARG A 67 6.27 13.87 -2.66
N GLU A 68 7.25 13.10 -2.23
CA GLU A 68 8.58 13.64 -1.97
C GLU A 68 9.57 13.14 -3.01
N SER A 69 9.05 12.68 -4.14
CA SER A 69 9.89 12.21 -5.23
C SER A 69 10.40 13.38 -6.06
N VAL B 16 -15.58 10.09 7.99
CA VAL B 16 -14.75 10.22 6.77
C VAL B 16 -15.56 9.84 5.54
N LYS B 17 -15.59 10.71 4.56
CA LYS B 17 -16.35 10.48 3.34
C LYS B 17 -15.55 9.56 2.42
N ASP B 18 -16.21 8.53 1.91
CA ASP B 18 -15.56 7.55 1.03
C ASP B 18 -15.09 8.21 -0.26
N ALA B 19 -15.68 9.36 -0.58
CA ALA B 19 -15.29 10.13 -1.74
C ALA B 19 -13.85 10.64 -1.60
N VAL B 20 -13.45 10.92 -0.37
CA VAL B 20 -12.10 11.41 -0.10
C VAL B 20 -11.09 10.30 -0.38
N LEU B 21 -11.47 9.09 -0.02
CA LEU B 21 -10.68 7.91 -0.33
C LEU B 21 -10.60 7.74 -1.83
N LYS B 22 -11.73 7.94 -2.50
CA LYS B 22 -11.83 7.78 -3.94
C LYS B 22 -10.88 8.75 -4.66
N GLU B 23 -10.78 9.97 -4.14
CA GLU B 23 -9.91 10.99 -4.72
C GLU B 23 -8.45 10.58 -4.63
N ARG B 24 -8.10 9.83 -3.60
CA ARG B 24 -6.74 9.36 -3.44
C ARG B 24 -6.53 8.05 -4.19
N GLU B 25 -7.52 7.16 -4.12
CA GLU B 25 -7.46 5.86 -4.81
C GLU B 25 -7.22 6.04 -6.31
N SER B 26 -7.91 7.02 -6.90
CA SER B 26 -7.79 7.28 -8.32
C SER B 26 -6.36 7.69 -8.69
N TYR B 27 -5.76 8.51 -7.85
CA TYR B 27 -4.39 8.96 -8.06
C TYR B 27 -3.40 7.82 -7.81
N LEU B 28 -3.69 6.98 -6.81
CA LEU B 28 -2.81 5.86 -6.48
C LEU B 28 -2.75 4.85 -7.64
N GLN B 29 -3.92 4.53 -8.19
CA GLN B 29 -4.00 3.57 -9.29
C GLN B 29 -3.19 4.03 -10.50
N ASN B 30 -3.27 5.32 -10.79
CA ASN B 30 -2.58 5.87 -11.95
C ASN B 30 -1.09 6.08 -11.69
N TYR B 31 -0.74 6.36 -10.44
CA TYR B 31 0.64 6.69 -10.10
C TYR B 31 1.56 5.50 -10.34
N PHE B 32 1.24 4.34 -9.76
CA PHE B 32 2.04 3.15 -9.99
C PHE B 32 1.37 2.20 -11.00
N GLY B 33 0.34 2.70 -11.65
CA GLY B 33 -0.26 2.00 -12.79
C GLY B 33 -0.79 0.62 -12.45
N THR B 34 -1.49 0.50 -11.34
CA THR B 34 -2.01 -0.77 -10.92
C THR B 34 -3.34 -0.59 -10.21
N THR B 35 -3.99 -1.68 -9.85
CA THR B 35 -5.28 -1.65 -9.19
C THR B 35 -5.12 -1.42 -7.68
N VAL B 36 -5.88 -0.46 -7.16
CA VAL B 36 -5.80 -0.08 -5.75
C VAL B 36 -7.20 0.06 -5.18
N ASN B 37 -7.43 -0.49 -3.99
CA ASN B 37 -8.73 -0.38 -3.33
C ASN B 37 -8.54 -0.14 -1.84
N ILE B 38 -9.19 0.89 -1.32
CA ILE B 38 -9.17 1.13 0.12
C ILE B 38 -10.46 0.66 0.76
N LYS B 39 -10.33 -0.18 1.76
CA LYS B 39 -11.47 -0.69 2.49
C LYS B 39 -11.76 0.19 3.69
N ARG B 40 -13.01 0.59 3.83
CA ARG B 40 -13.42 1.48 4.91
C ARG B 40 -14.48 0.81 5.79
N GLN B 41 -14.11 0.54 7.03
CA GLN B 41 -15.04 -0.09 7.98
C GLN B 41 -15.14 0.72 9.26
N LYS B 42 -15.37 2.03 9.12
CA LYS B 42 -15.49 2.94 10.26
C LYS B 42 -14.19 2.99 11.07
N LYS B 43 -13.32 3.93 10.70
CA LYS B 43 -11.99 4.09 11.31
C LYS B 43 -11.05 2.97 10.87
N LYS B 44 -11.51 1.72 11.01
CA LYS B 44 -10.70 0.59 10.63
C LYS B 44 -10.81 0.34 9.14
N GLY B 45 -9.68 0.26 8.48
CA GLY B 45 -9.67 -0.09 7.08
C GLY B 45 -8.33 -0.58 6.64
N LYS B 46 -8.15 -0.69 5.33
CA LYS B 46 -6.89 -1.19 4.77
C LYS B 46 -6.83 -0.88 3.28
N ILE B 47 -5.65 -0.50 2.81
CA ILE B 47 -5.41 -0.29 1.39
C ILE B 47 -4.77 -1.53 0.80
N GLU B 48 -5.38 -2.11 -0.22
CA GLU B 48 -4.80 -3.29 -0.84
C GLU B 48 -4.41 -3.00 -2.29
N ILE B 49 -3.13 -3.22 -2.58
CA ILE B 49 -2.59 -2.94 -3.91
C ILE B 49 -2.37 -4.25 -4.67
N GLU B 50 -3.02 -4.38 -5.81
CA GLU B 50 -2.94 -5.60 -6.60
C GLU B 50 -1.66 -5.60 -7.43
N PHE B 51 -1.04 -6.76 -7.58
CA PHE B 51 0.05 -6.92 -8.52
C PHE B 51 -0.04 -8.29 -9.19
N PHE B 52 0.31 -8.34 -10.46
CA PHE B 52 0.18 -9.58 -11.23
C PHE B 52 1.54 -10.20 -11.54
N SER B 53 2.60 -9.57 -11.08
CA SER B 53 3.96 -10.04 -11.31
C SER B 53 4.92 -9.46 -10.27
N ASN B 54 6.13 -9.99 -10.22
CA ASN B 54 7.14 -9.52 -9.28
C ASN B 54 7.65 -8.14 -9.69
N GLU B 55 7.56 -7.86 -10.98
CA GLU B 55 7.96 -6.56 -11.51
C GLU B 55 7.09 -5.47 -10.92
N ASP B 56 5.78 -5.70 -10.93
CA ASP B 56 4.83 -4.78 -10.29
C ASP B 56 5.11 -4.70 -8.80
N LEU B 57 5.32 -5.86 -8.20
CA LEU B 57 5.60 -5.97 -6.77
C LEU B 57 6.71 -5.02 -6.34
N ASP B 58 7.84 -5.08 -7.05
CA ASP B 58 9.00 -4.28 -6.68
C ASP B 58 8.69 -2.78 -6.75
N ARG B 59 8.13 -2.33 -7.86
CA ARG B 59 7.88 -0.90 -8.05
C ARG B 59 6.72 -0.40 -7.19
N ILE B 60 5.82 -1.29 -6.79
CA ILE B 60 4.72 -0.91 -5.91
C ILE B 60 5.20 -0.74 -4.47
N LEU B 61 6.02 -1.68 -4.01
CA LEU B 61 6.58 -1.60 -2.68
C LEU B 61 7.55 -0.43 -2.56
N GLU B 62 8.02 0.06 -3.70
CA GLU B 62 8.85 1.26 -3.72
C GLU B 62 8.09 2.44 -3.15
N LEU B 63 6.79 2.46 -3.38
CA LEU B 63 5.92 3.50 -2.81
C LEU B 63 5.95 3.43 -1.29
N LEU B 64 5.72 2.25 -0.76
CA LEU B 64 5.66 2.04 0.68
C LEU B 64 7.04 2.15 1.31
N SER B 65 8.05 2.02 0.47
CA SER B 65 9.42 2.18 0.90
C SER B 65 9.75 3.66 1.06
N GLU B 66 9.21 4.48 0.16
CA GLU B 66 9.48 5.92 0.13
C GLU B 66 10.97 6.17 0.29
N ARG B 67 11.72 5.71 -0.69
CA ARG B 67 13.17 5.75 -0.64
C ARG B 67 13.72 6.97 -1.35
N GLU B 68 12.83 7.84 -1.80
CA GLU B 68 13.23 9.10 -2.40
C GLU B 68 12.88 10.27 -1.49
N SER B 69 12.67 9.97 -0.23
CA SER B 69 12.37 10.99 0.76
C SER B 69 13.64 11.68 1.23
N VAL A 16 9.83 -16.58 -6.77
CA VAL A 16 10.22 -15.68 -5.67
C VAL A 16 9.76 -16.24 -4.34
N LYS A 17 10.64 -16.21 -3.35
CA LYS A 17 10.33 -16.73 -2.03
C LYS A 17 9.63 -15.67 -1.20
N ASP A 18 8.66 -16.10 -0.40
CA ASP A 18 7.86 -15.17 0.41
C ASP A 18 8.69 -14.55 1.52
N ALA A 19 9.87 -15.13 1.76
CA ALA A 19 10.81 -14.58 2.73
C ALA A 19 11.34 -13.22 2.27
N VAL A 20 11.37 -13.02 0.96
CA VAL A 20 11.81 -11.74 0.40
C VAL A 20 10.80 -10.67 0.73
N LEU A 21 9.53 -11.04 0.62
CA LEU A 21 8.43 -10.18 0.98
C LEU A 21 8.49 -9.86 2.47
N LYS A 22 8.84 -10.87 3.26
CA LYS A 22 8.95 -10.74 4.71
C LYS A 22 9.90 -9.61 5.09
N GLU A 23 10.96 -9.46 4.33
CA GLU A 23 11.97 -8.45 4.61
C GLU A 23 11.41 -7.05 4.36
N ARG A 24 10.72 -6.89 3.24
CA ARG A 24 10.14 -5.59 2.90
C ARG A 24 8.93 -5.29 3.76
N GLU A 25 8.12 -6.32 4.05
CA GLU A 25 6.97 -6.18 4.94
C GLU A 25 7.42 -5.66 6.32
N SER A 26 8.57 -6.15 6.77
CA SER A 26 9.10 -5.75 8.07
C SER A 26 9.43 -4.26 8.06
N TYR A 27 10.04 -3.79 6.97
CA TYR A 27 10.39 -2.38 6.84
C TYR A 27 9.13 -1.53 6.72
N LEU A 28 8.15 -2.01 5.95
CA LEU A 28 6.92 -1.26 5.73
C LEU A 28 6.13 -1.08 7.03
N GLN A 29 6.00 -2.16 7.80
CA GLN A 29 5.25 -2.11 9.06
C GLN A 29 5.86 -1.10 10.02
N ASN A 30 7.17 -1.13 10.14
CA ASN A 30 7.86 -0.24 11.07
C ASN A 30 7.90 1.18 10.54
N TYR A 31 7.88 1.33 9.22
CA TYR A 31 8.03 2.65 8.61
C TYR A 31 6.76 3.48 8.79
N PHE A 32 5.59 2.88 8.56
CA PHE A 32 4.34 3.63 8.72
C PHE A 32 3.77 3.45 10.12
N GLY A 33 4.40 2.56 10.89
CA GLY A 33 3.94 2.28 12.23
C GLY A 33 2.60 1.59 12.25
N THR A 34 2.45 0.57 11.42
CA THR A 34 1.18 -0.14 11.31
C THR A 34 1.40 -1.56 10.76
N THR A 35 0.33 -2.32 10.66
CA THR A 35 0.40 -3.68 10.17
C THR A 35 0.38 -3.72 8.64
N VAL A 36 1.25 -4.54 8.06
CA VAL A 36 1.37 -4.68 6.62
C VAL A 36 1.47 -6.15 6.25
N ASN A 37 0.69 -6.58 5.27
CA ASN A 37 0.66 -7.98 4.87
C ASN A 37 0.67 -8.08 3.35
N ILE A 38 1.59 -8.86 2.80
CA ILE A 38 1.60 -9.10 1.36
C ILE A 38 1.15 -10.52 1.06
N LYS A 39 0.21 -10.64 0.14
CA LYS A 39 -0.33 -11.93 -0.24
C LYS A 39 0.32 -12.40 -1.54
N ARG A 40 0.98 -13.55 -1.49
CA ARG A 40 1.65 -14.11 -2.65
C ARG A 40 0.89 -15.31 -3.20
N GLN A 41 0.21 -15.13 -4.32
CA GLN A 41 -0.53 -16.21 -4.95
C GLN A 41 -0.25 -16.25 -6.45
N LYS A 42 0.85 -16.91 -6.81
CA LYS A 42 1.24 -17.06 -8.23
C LYS A 42 1.47 -15.68 -8.87
N LYS A 43 2.12 -14.80 -8.11
CA LYS A 43 2.43 -13.43 -8.54
C LYS A 43 1.17 -12.56 -8.55
N LYS A 44 0.01 -13.19 -8.39
CA LYS A 44 -1.26 -12.47 -8.33
C LYS A 44 -1.62 -12.22 -6.88
N GLY A 45 -1.08 -11.15 -6.32
CA GLY A 45 -1.33 -10.86 -4.93
C GLY A 45 -1.63 -9.40 -4.69
N LYS A 46 -1.40 -8.95 -3.47
CA LYS A 46 -1.71 -7.58 -3.08
C LYS A 46 -1.06 -7.25 -1.74
N ILE A 47 -0.64 -6.00 -1.60
CA ILE A 47 -0.15 -5.51 -0.32
C ILE A 47 -1.29 -4.82 0.41
N GLU A 48 -1.58 -5.26 1.62
CA GLU A 48 -2.63 -4.64 2.41
C GLU A 48 -2.02 -3.88 3.58
N ILE A 49 -2.26 -2.58 3.63
CA ILE A 49 -1.78 -1.75 4.72
C ILE A 49 -2.94 -1.42 5.66
N GLU A 50 -2.85 -1.92 6.88
CA GLU A 50 -3.91 -1.72 7.87
C GLU A 50 -3.85 -0.31 8.43
N PHE A 51 -5.00 0.26 8.74
CA PHE A 51 -5.07 1.50 9.49
C PHE A 51 -6.27 1.48 10.42
N PHE A 52 -6.11 2.05 11.61
CA PHE A 52 -7.17 2.04 12.61
C PHE A 52 -7.65 3.46 12.89
N SER A 53 -7.17 4.40 12.08
CA SER A 53 -7.54 5.79 12.20
C SER A 53 -7.31 6.49 10.87
N ASN A 54 -8.06 7.55 10.63
CA ASN A 54 -7.96 8.30 9.39
C ASN A 54 -6.65 9.08 9.37
N GLU A 55 -6.01 9.17 10.53
CA GLU A 55 -4.71 9.81 10.65
C GLU A 55 -3.64 8.90 10.08
N ASP A 56 -3.77 7.61 10.35
CA ASP A 56 -2.86 6.62 9.78
C ASP A 56 -3.05 6.59 8.28
N LEU A 57 -4.32 6.67 7.85
CA LEU A 57 -4.66 6.67 6.43
C LEU A 57 -3.88 7.73 5.67
N ASP A 58 -3.98 8.97 6.14
CA ASP A 58 -3.33 10.09 5.46
C ASP A 58 -1.83 9.87 5.38
N ARG A 59 -1.26 9.35 6.46
CA ARG A 59 0.17 9.10 6.52
C ARG A 59 0.58 7.98 5.56
N ILE A 60 -0.17 6.88 5.57
CA ILE A 60 0.15 5.71 4.75
C ILE A 60 0.02 6.03 3.27
N LEU A 61 -1.08 6.65 2.89
CA LEU A 61 -1.30 7.01 1.49
C LEU A 61 -0.28 8.03 1.02
N GLU A 62 0.23 8.81 1.96
CA GLU A 62 1.27 9.79 1.66
C GLU A 62 2.56 9.08 1.28
N LEU A 63 2.84 7.97 1.96
CA LEU A 63 3.97 7.11 1.59
C LEU A 63 3.76 6.55 0.20
N LEU A 64 2.57 5.96 -0.01
CA LEU A 64 2.20 5.38 -1.31
C LEU A 64 2.40 6.38 -2.45
N SER A 65 2.15 7.64 -2.16
CA SER A 65 2.25 8.69 -3.16
C SER A 65 3.72 9.03 -3.44
N GLU A 66 4.59 8.79 -2.45
CA GLU A 66 6.00 9.18 -2.53
C GLU A 66 6.07 10.64 -3.00
N ARG A 67 5.56 11.51 -2.16
CA ARG A 67 5.38 12.91 -2.53
C ARG A 67 6.59 13.76 -2.16
N GLU A 68 7.54 13.15 -1.47
CA GLU A 68 8.78 13.84 -1.16
C GLU A 68 9.75 13.72 -2.34
N SER A 69 9.28 13.10 -3.41
CA SER A 69 10.02 13.06 -4.66
C SER A 69 9.65 14.28 -5.51
N VAL B 16 -15.52 10.59 7.98
CA VAL B 16 -14.88 10.78 6.66
C VAL B 16 -15.65 10.04 5.58
N LYS B 17 -15.86 10.72 4.45
CA LYS B 17 -16.60 10.16 3.34
C LYS B 17 -15.68 9.33 2.45
N ASP B 18 -16.19 8.21 1.96
CA ASP B 18 -15.40 7.29 1.14
C ASP B 18 -15.05 7.91 -0.21
N ALA B 19 -15.72 9.01 -0.55
CA ALA B 19 -15.43 9.76 -1.75
C ALA B 19 -14.04 10.40 -1.68
N VAL B 20 -13.59 10.68 -0.47
CA VAL B 20 -12.27 11.25 -0.26
C VAL B 20 -11.22 10.21 -0.60
N LEU B 21 -11.50 8.98 -0.19
CA LEU B 21 -10.64 7.85 -0.50
C LEU B 21 -10.63 7.62 -2.01
N LYS B 22 -11.79 7.79 -2.63
CA LYS B 22 -11.94 7.62 -4.08
C LYS B 22 -10.96 8.50 -4.84
N GLU B 23 -10.73 9.71 -4.34
CA GLU B 23 -9.86 10.66 -5.00
C GLU B 23 -8.40 10.19 -4.93
N ARG B 24 -7.99 9.72 -3.75
CA ARG B 24 -6.61 9.26 -3.58
C ARG B 24 -6.42 7.91 -4.24
N GLU B 25 -7.44 7.05 -4.16
CA GLU B 25 -7.40 5.74 -4.84
C GLU B 25 -7.19 5.93 -6.33
N SER B 26 -7.82 6.96 -6.90
CA SER B 26 -7.70 7.24 -8.32
C SER B 26 -6.25 7.58 -8.68
N TYR B 27 -5.63 8.40 -7.84
CA TYR B 27 -4.24 8.80 -8.04
C TYR B 27 -3.30 7.61 -7.86
N LEU B 28 -3.57 6.78 -6.86
CA LEU B 28 -2.72 5.64 -6.55
C LEU B 28 -2.75 4.62 -7.70
N GLN B 29 -3.95 4.32 -8.20
CA GLN B 29 -4.10 3.34 -9.28
C GLN B 29 -3.32 3.77 -10.51
N ASN B 30 -3.45 5.04 -10.88
CA ASN B 30 -2.80 5.55 -12.07
C ASN B 30 -1.30 5.72 -11.86
N TYR B 31 -0.90 5.97 -10.61
CA TYR B 31 0.49 6.24 -10.32
C TYR B 31 1.34 4.98 -10.42
N PHE B 32 0.88 3.87 -9.86
CA PHE B 32 1.65 2.64 -9.92
C PHE B 32 1.24 1.81 -11.13
N GLY B 33 0.19 2.25 -11.81
CA GLY B 33 -0.31 1.53 -12.97
C GLY B 33 -0.91 0.19 -12.59
N THR B 34 -1.75 0.19 -11.56
CA THR B 34 -2.35 -1.04 -11.08
C THR B 34 -3.64 -0.75 -10.32
N THR B 35 -4.31 -1.80 -9.87
CA THR B 35 -5.56 -1.66 -9.14
C THR B 35 -5.30 -1.39 -7.65
N VAL B 36 -6.05 -0.44 -7.10
CA VAL B 36 -5.91 -0.04 -5.70
C VAL B 36 -7.30 0.11 -5.07
N ASN B 37 -7.50 -0.49 -3.91
CA ASN B 37 -8.79 -0.47 -3.23
C ASN B 37 -8.59 -0.17 -1.76
N ILE B 38 -9.31 0.82 -1.24
CA ILE B 38 -9.26 1.11 0.19
C ILE B 38 -10.57 0.68 0.85
N LYS B 39 -10.46 -0.07 1.93
CA LYS B 39 -11.62 -0.54 2.65
C LYS B 39 -11.87 0.34 3.87
N ARG B 40 -13.04 0.96 3.91
CA ARG B 40 -13.41 1.83 5.04
C ARG B 40 -14.44 1.15 5.93
N GLN B 41 -14.00 0.71 7.10
CA GLN B 41 -14.91 0.08 8.06
C GLN B 41 -14.68 0.66 9.46
N LYS B 42 -15.31 1.79 9.74
CA LYS B 42 -15.22 2.44 11.06
C LYS B 42 -13.76 2.82 11.36
N LYS B 43 -13.08 3.34 10.34
CA LYS B 43 -11.67 3.74 10.42
C LYS B 43 -10.74 2.52 10.49
N LYS B 44 -11.31 1.35 10.68
CA LYS B 44 -10.54 0.12 10.72
C LYS B 44 -10.56 -0.53 9.33
N GLY B 45 -9.66 -0.09 8.48
CA GLY B 45 -9.62 -0.60 7.13
C GLY B 45 -8.22 -0.91 6.68
N LYS B 46 -8.02 -0.90 5.36
CA LYS B 46 -6.74 -1.25 4.77
C LYS B 46 -6.70 -0.86 3.30
N ILE B 47 -5.53 -0.46 2.84
CA ILE B 47 -5.31 -0.22 1.42
C ILE B 47 -4.71 -1.46 0.78
N GLU B 48 -5.36 -1.98 -0.24
CA GLU B 48 -4.84 -3.16 -0.93
C GLU B 48 -4.36 -2.76 -2.32
N ILE B 49 -3.08 -2.99 -2.57
CA ILE B 49 -2.51 -2.71 -3.88
C ILE B 49 -2.29 -4.01 -4.63
N GLU B 50 -3.01 -4.18 -5.72
CA GLU B 50 -2.94 -5.40 -6.51
C GLU B 50 -1.67 -5.43 -7.34
N PHE B 51 -1.11 -6.61 -7.54
CA PHE B 51 -0.03 -6.79 -8.49
C PHE B 51 -0.16 -8.15 -9.16
N PHE B 52 0.16 -8.21 -10.45
CA PHE B 52 0.03 -9.44 -11.22
C PHE B 52 1.40 -9.93 -11.68
N SER B 53 2.44 -9.29 -11.17
CA SER B 53 3.81 -9.64 -11.50
C SER B 53 4.73 -9.15 -10.39
N ASN B 54 5.86 -9.82 -10.24
CA ASN B 54 6.82 -9.46 -9.21
C ASN B 54 7.51 -8.15 -9.58
N GLU B 55 7.34 -7.75 -10.84
CA GLU B 55 7.88 -6.49 -11.32
C GLU B 55 7.03 -5.34 -10.80
N ASP B 56 5.71 -5.55 -10.78
CA ASP B 56 4.80 -4.57 -10.20
C ASP B 56 5.06 -4.47 -8.71
N LEU B 57 5.30 -5.63 -8.08
CA LEU B 57 5.59 -5.70 -6.65
C LEU B 57 6.72 -4.75 -6.28
N ASP B 58 7.85 -4.91 -6.95
CA ASP B 58 9.05 -4.12 -6.65
C ASP B 58 8.76 -2.63 -6.80
N ARG B 59 8.01 -2.30 -7.84
CA ARG B 59 7.66 -0.92 -8.12
C ARG B 59 6.74 -0.35 -7.05
N ILE B 60 5.71 -1.11 -6.70
CA ILE B 60 4.70 -0.66 -5.75
C ILE B 60 5.29 -0.49 -4.35
N LEU B 61 6.03 -1.49 -3.90
CA LEU B 61 6.67 -1.43 -2.59
C LEU B 61 7.69 -0.31 -2.53
N GLU B 62 8.25 0.02 -3.69
CA GLU B 62 9.21 1.11 -3.78
C GLU B 62 8.51 2.44 -3.51
N LEU B 63 7.28 2.57 -4.00
CA LEU B 63 6.44 3.72 -3.68
C LEU B 63 6.15 3.77 -2.19
N LEU B 64 5.71 2.64 -1.65
CA LEU B 64 5.40 2.52 -0.22
C LEU B 64 6.58 2.94 0.64
N SER B 65 7.78 2.67 0.16
CA SER B 65 8.99 2.99 0.89
C SER B 65 9.30 4.49 0.82
N GLU B 66 8.82 5.15 -0.25
CA GLU B 66 9.14 6.55 -0.52
C GLU B 66 10.64 6.76 -0.35
N ARG B 67 11.38 6.10 -1.24
CA ARG B 67 12.82 6.03 -1.13
C ARG B 67 13.51 7.16 -1.88
N GLU B 68 12.73 7.94 -2.60
CA GLU B 68 13.27 9.12 -3.25
C GLU B 68 13.33 10.30 -2.29
N SER B 69 12.95 10.02 -1.05
CA SER B 69 13.10 10.99 0.03
C SER B 69 14.47 10.80 0.68
N VAL A 16 7.86 -18.72 -5.85
CA VAL A 16 8.10 -17.41 -5.21
C VAL A 16 8.50 -17.62 -3.75
N LYS A 17 9.40 -16.78 -3.26
CA LYS A 17 9.84 -16.84 -1.89
C LYS A 17 9.16 -15.73 -1.09
N ASP A 18 8.29 -16.11 -0.17
CA ASP A 18 7.58 -15.14 0.67
C ASP A 18 8.54 -14.43 1.61
N ALA A 19 9.72 -15.01 1.80
CA ALA A 19 10.76 -14.41 2.62
C ALA A 19 11.22 -13.07 2.05
N VAL A 20 11.21 -12.97 0.72
CA VAL A 20 11.63 -11.75 0.05
C VAL A 20 10.64 -10.63 0.34
N LEU A 21 9.37 -10.98 0.35
CA LEU A 21 8.31 -10.06 0.71
C LEU A 21 8.43 -9.70 2.18
N LYS A 22 8.73 -10.70 3.00
CA LYS A 22 8.84 -10.52 4.45
C LYS A 22 9.91 -9.50 4.79
N GLU A 23 10.99 -9.48 4.02
CA GLU A 23 12.07 -8.52 4.23
C GLU A 23 11.56 -7.10 4.05
N ARG A 24 10.76 -6.91 3.01
CA ARG A 24 10.23 -5.58 2.71
C ARG A 24 9.07 -5.24 3.65
N GLU A 25 8.24 -6.24 3.95
CA GLU A 25 7.12 -6.07 4.88
C GLU A 25 7.62 -5.59 6.24
N SER A 26 8.73 -6.17 6.70
CA SER A 26 9.30 -5.82 7.99
C SER A 26 9.69 -4.34 8.04
N TYR A 27 10.18 -3.83 6.92
CA TYR A 27 10.56 -2.43 6.83
C TYR A 27 9.32 -1.54 6.71
N LEU A 28 8.32 -2.01 5.96
CA LEU A 28 7.10 -1.24 5.76
C LEU A 28 6.34 -1.07 7.07
N GLN A 29 6.21 -2.17 7.83
CA GLN A 29 5.48 -2.13 9.10
C GLN A 29 6.09 -1.12 10.05
N ASN A 30 7.41 -1.11 10.15
CA ASN A 30 8.09 -0.23 11.08
C ASN A 30 8.12 1.20 10.56
N TYR A 31 8.02 1.38 9.25
CA TYR A 31 8.08 2.71 8.67
C TYR A 31 6.82 3.51 8.99
N PHE A 32 5.66 2.93 8.74
CA PHE A 32 4.41 3.64 9.02
C PHE A 32 3.92 3.34 10.43
N GLY A 33 4.61 2.42 11.10
CA GLY A 33 4.26 2.04 12.45
C GLY A 33 2.94 1.30 12.52
N THR A 34 2.70 0.46 11.53
CA THR A 34 1.43 -0.23 11.42
C THR A 34 1.62 -1.64 10.88
N THR A 35 0.54 -2.40 10.80
CA THR A 35 0.58 -3.76 10.30
C THR A 35 0.49 -3.78 8.77
N VAL A 36 1.33 -4.60 8.15
CA VAL A 36 1.37 -4.72 6.69
C VAL A 36 1.45 -6.20 6.32
N ASN A 37 0.67 -6.60 5.31
CA ASN A 37 0.69 -7.99 4.85
C ASN A 37 0.70 -8.06 3.32
N ILE A 38 1.70 -8.74 2.78
CA ILE A 38 1.71 -9.03 1.36
C ILE A 38 1.35 -10.49 1.12
N LYS A 39 0.47 -10.72 0.18
CA LYS A 39 0.00 -12.06 -0.11
C LYS A 39 0.38 -12.46 -1.52
N ARG A 40 1.20 -13.48 -1.65
CA ARG A 40 1.63 -13.98 -2.95
C ARG A 40 0.77 -15.17 -3.36
N GLN A 41 0.06 -15.02 -4.47
CA GLN A 41 -0.88 -16.04 -4.94
C GLN A 41 -0.57 -16.43 -6.37
N LYS A 42 0.62 -17.01 -6.59
CA LYS A 42 1.05 -17.43 -7.93
C LYS A 42 1.08 -16.24 -8.87
N LYS A 43 2.15 -15.44 -8.76
CA LYS A 43 2.32 -14.21 -9.53
C LYS A 43 1.38 -13.11 -9.03
N LYS A 44 0.12 -13.47 -8.84
CA LYS A 44 -0.88 -12.53 -8.36
C LYS A 44 -0.64 -12.22 -6.89
N GLY A 45 -1.21 -11.12 -6.41
CA GLY A 45 -1.10 -10.80 -5.01
C GLY A 45 -1.54 -9.39 -4.72
N LYS A 46 -1.35 -8.96 -3.48
CA LYS A 46 -1.73 -7.63 -3.06
C LYS A 46 -1.06 -7.27 -1.75
N ILE A 47 -0.73 -5.99 -1.59
CA ILE A 47 -0.21 -5.48 -0.33
C ILE A 47 -1.33 -4.76 0.39
N GLU A 48 -1.69 -5.20 1.58
CA GLU A 48 -2.72 -4.53 2.34
C GLU A 48 -2.15 -3.89 3.59
N ILE A 49 -2.25 -2.57 3.66
CA ILE A 49 -1.75 -1.81 4.80
C ILE A 49 -2.90 -1.54 5.77
N GLU A 50 -2.70 -1.87 7.03
CA GLU A 50 -3.73 -1.68 8.04
C GLU A 50 -3.71 -0.26 8.59
N PHE A 51 -4.89 0.28 8.84
CA PHE A 51 -5.00 1.55 9.54
C PHE A 51 -6.25 1.53 10.42
N PHE A 52 -6.31 2.43 11.38
CA PHE A 52 -7.38 2.41 12.36
C PHE A 52 -7.96 3.80 12.61
N SER A 53 -7.36 4.79 11.97
CA SER A 53 -7.83 6.16 12.08
C SER A 53 -7.53 6.90 10.79
N ASN A 54 -8.17 8.05 10.61
CA ASN A 54 -8.01 8.83 9.39
C ASN A 54 -6.67 9.54 9.35
N GLU A 55 -6.00 9.59 10.51
CA GLU A 55 -4.70 10.24 10.60
C GLU A 55 -3.61 9.32 10.06
N ASP A 56 -3.58 8.08 10.55
CA ASP A 56 -2.64 7.08 10.04
C ASP A 56 -2.96 6.76 8.59
N LEU A 57 -4.25 6.70 8.28
CA LEU A 57 -4.71 6.56 6.89
C LEU A 57 -4.03 7.60 6.00
N ASP A 58 -4.11 8.86 6.41
CA ASP A 58 -3.54 9.96 5.65
C ASP A 58 -2.04 9.78 5.48
N ARG A 59 -1.35 9.46 6.56
CA ARG A 59 0.10 9.32 6.55
C ARG A 59 0.54 8.15 5.67
N ILE A 60 -0.22 7.07 5.69
CA ILE A 60 0.12 5.87 4.91
C ILE A 60 -0.10 6.13 3.42
N LEU A 61 -1.22 6.76 3.10
CA LEU A 61 -1.54 7.06 1.70
C LEU A 61 -0.54 8.03 1.09
N GLU A 62 0.13 8.82 1.93
CA GLU A 62 1.15 9.75 1.46
C GLU A 62 2.33 8.98 0.87
N LEU A 63 2.62 7.81 1.43
CA LEU A 63 3.65 6.93 0.91
C LEU A 63 3.31 6.51 -0.52
N LEU A 64 2.04 6.19 -0.71
CA LEU A 64 1.56 5.76 -2.03
C LEU A 64 1.38 6.96 -2.95
N SER A 65 1.15 8.12 -2.36
CA SER A 65 0.93 9.34 -3.12
C SER A 65 2.23 10.10 -3.32
N GLU A 66 3.26 9.37 -3.74
CA GLU A 66 4.55 9.97 -4.06
C GLU A 66 4.40 11.13 -5.03
N ARG A 67 4.85 12.30 -4.61
CA ARG A 67 4.75 13.51 -5.41
C ARG A 67 6.02 14.34 -5.32
N GLU A 68 7.01 13.83 -4.59
CA GLU A 68 8.25 14.57 -4.39
C GLU A 68 9.31 14.12 -5.39
N SER A 69 8.97 13.13 -6.19
CA SER A 69 9.86 12.63 -7.22
C SER A 69 9.76 13.49 -8.49
N VAL B 16 -17.74 8.46 7.81
CA VAL B 16 -16.60 8.60 6.87
C VAL B 16 -17.09 8.69 5.44
N LYS B 17 -16.41 9.50 4.63
CA LYS B 17 -16.76 9.65 3.23
C LYS B 17 -15.78 8.85 2.38
N ASP B 18 -16.27 7.80 1.73
CA ASP B 18 -15.43 6.97 0.87
C ASP B 18 -14.95 7.75 -0.35
N ALA B 19 -15.63 8.85 -0.64
CA ALA B 19 -15.27 9.71 -1.74
C ALA B 19 -13.87 10.30 -1.55
N VAL B 20 -13.52 10.57 -0.29
CA VAL B 20 -12.23 11.14 0.04
C VAL B 20 -11.12 10.13 -0.26
N LEU B 21 -11.41 8.88 0.03
CA LEU B 21 -10.49 7.79 -0.29
C LEU B 21 -10.43 7.62 -1.80
N LYS B 22 -11.58 7.73 -2.45
CA LYS B 22 -11.69 7.56 -3.89
C LYS B 22 -10.80 8.56 -4.62
N GLU B 23 -10.71 9.77 -4.09
CA GLU B 23 -9.88 10.81 -4.68
C GLU B 23 -8.42 10.38 -4.69
N ARG B 24 -7.98 9.80 -3.59
CA ARG B 24 -6.60 9.37 -3.45
C ARG B 24 -6.38 8.06 -4.21
N GLU B 25 -7.35 7.15 -4.13
CA GLU B 25 -7.29 5.88 -4.86
C GLU B 25 -7.11 6.11 -6.35
N SER B 26 -7.82 7.09 -6.88
CA SER B 26 -7.76 7.41 -8.31
C SER B 26 -6.34 7.82 -8.72
N TYR B 27 -5.66 8.53 -7.84
CA TYR B 27 -4.29 8.96 -8.09
C TYR B 27 -3.33 7.78 -7.92
N LEU B 28 -3.59 6.94 -6.92
CA LEU B 28 -2.72 5.79 -6.64
C LEU B 28 -2.75 4.79 -7.79
N GLN B 29 -3.96 4.49 -8.27
CA GLN B 29 -4.13 3.53 -9.37
C GLN B 29 -3.35 3.96 -10.60
N ASN B 30 -3.45 5.24 -10.95
CA ASN B 30 -2.78 5.73 -12.15
C ASN B 30 -1.29 5.89 -11.93
N TYR B 31 -0.87 6.05 -10.68
CA TYR B 31 0.54 6.27 -10.39
C TYR B 31 1.35 4.99 -10.61
N PHE B 32 0.89 3.87 -10.04
CA PHE B 32 1.61 2.60 -10.22
C PHE B 32 1.08 1.85 -11.42
N GLY B 33 0.02 2.38 -12.02
CA GLY B 33 -0.59 1.75 -13.18
C GLY B 33 -1.25 0.43 -12.85
N THR B 34 -1.88 0.38 -11.69
CA THR B 34 -2.46 -0.86 -11.21
C THR B 34 -3.75 -0.59 -10.45
N THR B 35 -4.41 -1.65 -10.02
CA THR B 35 -5.66 -1.55 -9.29
C THR B 35 -5.39 -1.33 -7.79
N VAL B 36 -6.12 -0.42 -7.19
CA VAL B 36 -5.98 -0.08 -5.78
C VAL B 36 -7.35 0.03 -5.14
N ASN B 37 -7.51 -0.54 -3.94
CA ASN B 37 -8.79 -0.46 -3.24
C ASN B 37 -8.58 -0.15 -1.76
N ILE B 38 -9.20 0.92 -1.29
CA ILE B 38 -9.22 1.21 0.14
C ILE B 38 -10.59 0.88 0.72
N LYS B 39 -10.59 0.18 1.83
CA LYS B 39 -11.83 -0.25 2.46
C LYS B 39 -11.97 0.40 3.83
N ARG B 40 -13.01 1.21 3.99
CA ARG B 40 -13.27 1.87 5.26
C ARG B 40 -14.30 1.08 6.06
N GLN B 41 -13.91 0.61 7.23
CA GLN B 41 -14.76 -0.24 8.05
C GLN B 41 -14.91 0.35 9.46
N LYS B 42 -15.50 1.54 9.55
CA LYS B 42 -15.69 2.22 10.83
C LYS B 42 -14.34 2.47 11.50
N LYS B 43 -13.65 3.51 11.04
CA LYS B 43 -12.29 3.85 11.50
C LYS B 43 -11.27 2.85 11.00
N LYS B 44 -11.57 1.56 11.12
CA LYS B 44 -10.69 0.51 10.66
C LYS B 44 -10.66 0.47 9.13
N GLY B 45 -9.65 -0.16 8.58
CA GLY B 45 -9.61 -0.33 7.14
C GLY B 45 -8.25 -0.79 6.67
N LYS B 46 -8.07 -0.83 5.36
CA LYS B 46 -6.81 -1.27 4.77
C LYS B 46 -6.74 -0.85 3.31
N ILE B 47 -5.54 -0.53 2.84
CA ILE B 47 -5.32 -0.27 1.43
C ILE B 47 -4.68 -1.48 0.81
N GLU B 48 -5.32 -2.08 -0.18
CA GLU B 48 -4.73 -3.23 -0.84
C GLU B 48 -4.38 -2.90 -2.29
N ILE B 49 -3.10 -2.98 -2.59
CA ILE B 49 -2.59 -2.70 -3.93
C ILE B 49 -2.43 -4.01 -4.70
N GLU B 50 -3.00 -4.07 -5.89
CA GLU B 50 -2.95 -5.28 -6.70
C GLU B 50 -1.66 -5.34 -7.50
N PHE B 51 -1.10 -6.53 -7.63
CA PHE B 51 0.01 -6.76 -8.53
C PHE B 51 -0.09 -8.16 -9.13
N PHE B 52 0.60 -8.38 -10.23
CA PHE B 52 0.46 -9.63 -10.97
C PHE B 52 1.81 -10.20 -11.37
N SER B 53 2.88 -9.48 -11.05
CA SER B 53 4.22 -9.93 -11.33
C SER B 53 5.18 -9.36 -10.29
N ASN B 54 6.37 -9.93 -10.22
CA ASN B 54 7.36 -9.52 -9.22
C ASN B 54 7.98 -8.18 -9.60
N GLU B 55 7.77 -7.75 -10.83
CA GLU B 55 8.32 -6.49 -11.30
C GLU B 55 7.45 -5.33 -10.80
N ASP B 56 6.14 -5.43 -11.04
CA ASP B 56 5.21 -4.43 -10.54
C ASP B 56 5.18 -4.46 -9.02
N LEU B 57 5.26 -5.66 -8.45
CA LEU B 57 5.41 -5.84 -7.01
C LEU B 57 6.55 -4.97 -6.49
N ASP B 58 7.71 -5.12 -7.11
CA ASP B 58 8.89 -4.39 -6.70
C ASP B 58 8.67 -2.88 -6.78
N ARG B 59 8.11 -2.43 -7.90
CA ARG B 59 7.89 -1.00 -8.13
C ARG B 59 6.89 -0.42 -7.14
N ILE B 60 5.86 -1.20 -6.81
CA ILE B 60 4.82 -0.73 -5.89
C ILE B 60 5.36 -0.66 -4.46
N LEU B 61 6.11 -1.68 -4.05
CA LEU B 61 6.68 -1.70 -2.72
C LEU B 61 7.68 -0.58 -2.52
N GLU B 62 8.26 -0.08 -3.59
CA GLU B 62 9.20 1.04 -3.51
C GLU B 62 8.49 2.30 -3.02
N LEU B 63 7.22 2.44 -3.39
CA LEU B 63 6.40 3.54 -2.91
C LEU B 63 6.27 3.47 -1.39
N LEU B 64 6.07 2.27 -0.89
CA LEU B 64 5.92 2.04 0.53
C LEU B 64 7.28 2.07 1.23
N SER B 65 8.32 1.77 0.48
CA SER B 65 9.67 1.71 1.02
C SER B 65 10.38 3.05 0.82
N GLU B 66 9.68 4.13 1.16
CA GLU B 66 10.25 5.47 1.10
C GLU B 66 11.58 5.53 1.85
N ARG B 67 12.62 5.92 1.13
CA ARG B 67 13.96 6.00 1.69
C ARG B 67 14.68 7.25 1.20
N GLU B 68 14.00 8.06 0.40
CA GLU B 68 14.61 9.25 -0.17
C GLU B 68 14.29 10.47 0.68
N SER B 69 13.49 10.27 1.71
CA SER B 69 13.15 11.35 2.63
C SER B 69 14.23 11.51 3.69
N VAL A 16 9.56 -16.54 -6.76
CA VAL A 16 9.78 -15.54 -5.70
C VAL A 16 9.68 -16.17 -4.33
N LYS A 17 10.65 -15.89 -3.48
CA LYS A 17 10.66 -16.41 -2.13
C LYS A 17 9.88 -15.47 -1.21
N ASP A 18 8.99 -16.05 -0.40
CA ASP A 18 8.14 -15.27 0.48
C ASP A 18 8.95 -14.56 1.55
N ALA A 19 10.15 -15.06 1.80
CA ALA A 19 11.07 -14.44 2.75
C ALA A 19 11.50 -13.06 2.25
N VAL A 20 11.52 -12.90 0.93
CA VAL A 20 11.88 -11.62 0.32
C VAL A 20 10.79 -10.60 0.58
N LEU A 21 9.54 -11.08 0.59
CA LEU A 21 8.42 -10.25 0.94
C LEU A 21 8.47 -9.94 2.42
N LYS A 22 8.81 -10.96 3.22
CA LYS A 22 8.84 -10.84 4.68
C LYS A 22 9.77 -9.71 5.12
N GLU A 23 10.96 -9.67 4.54
CA GLU A 23 11.96 -8.68 4.93
C GLU A 23 11.50 -7.27 4.55
N ARG A 24 10.72 -7.17 3.48
CA ARG A 24 10.20 -5.88 3.06
C ARG A 24 8.96 -5.51 3.86
N GLU A 25 8.11 -6.50 4.12
CA GLU A 25 6.93 -6.32 4.97
C GLU A 25 7.33 -5.81 6.34
N SER A 26 8.42 -6.36 6.87
CA SER A 26 8.94 -5.97 8.17
C SER A 26 9.28 -4.48 8.19
N TYR A 27 9.96 -4.01 7.15
CA TYR A 27 10.34 -2.61 7.06
C TYR A 27 9.12 -1.73 6.84
N LEU A 28 8.16 -2.22 6.06
CA LEU A 28 6.94 -1.46 5.79
C LEU A 28 6.14 -1.23 7.06
N GLN A 29 6.01 -2.29 7.87
CA GLN A 29 5.28 -2.19 9.14
C GLN A 29 5.93 -1.18 10.06
N ASN A 30 7.25 -1.19 10.10
CA ASN A 30 7.98 -0.27 10.96
C ASN A 30 7.96 1.14 10.41
N TYR A 31 7.92 1.26 9.09
CA TYR A 31 7.97 2.56 8.44
C TYR A 31 6.65 3.31 8.61
N PHE A 32 5.54 2.66 8.30
CA PHE A 32 4.23 3.32 8.42
C PHE A 32 3.70 3.24 9.85
N GLY A 33 4.38 2.44 10.66
CA GLY A 33 3.98 2.26 12.05
C GLY A 33 2.65 1.55 12.18
N THR A 34 2.46 0.52 11.36
CA THR A 34 1.19 -0.18 11.32
C THR A 34 1.37 -1.57 10.71
N THR A 35 0.29 -2.34 10.65
CA THR A 35 0.33 -3.68 10.10
C THR A 35 0.35 -3.64 8.57
N VAL A 36 1.23 -4.45 7.98
CA VAL A 36 1.38 -4.53 6.53
C VAL A 36 1.52 -5.99 6.12
N ASN A 37 0.72 -6.41 5.16
CA ASN A 37 0.69 -7.82 4.75
C ASN A 37 0.69 -7.91 3.22
N ILE A 38 1.61 -8.69 2.67
CA ILE A 38 1.61 -8.91 1.23
C ILE A 38 1.09 -10.29 0.91
N LYS A 39 0.02 -10.34 0.13
CA LYS A 39 -0.57 -11.59 -0.27
C LYS A 39 0.13 -12.09 -1.53
N ARG A 40 0.64 -13.31 -1.46
CA ARG A 40 1.38 -13.90 -2.58
C ARG A 40 0.67 -15.12 -3.11
N GLN A 41 0.17 -15.01 -4.34
CA GLN A 41 -0.57 -16.09 -4.97
C GLN A 41 -0.08 -16.33 -6.39
N LYS A 42 1.16 -16.81 -6.52
CA LYS A 42 1.74 -17.15 -7.82
C LYS A 42 1.83 -15.92 -8.72
N LYS A 43 2.81 -15.06 -8.43
CA LYS A 43 3.01 -13.78 -9.14
C LYS A 43 1.94 -12.77 -8.75
N LYS A 44 0.70 -13.23 -8.62
CA LYS A 44 -0.42 -12.36 -8.32
C LYS A 44 -0.44 -12.08 -6.81
N GLY A 45 -1.04 -10.97 -6.43
CA GLY A 45 -1.19 -10.68 -5.02
C GLY A 45 -1.56 -9.24 -4.76
N LYS A 46 -1.28 -8.77 -3.55
CA LYS A 46 -1.62 -7.41 -3.15
C LYS A 46 -0.98 -7.08 -1.80
N ILE A 47 -0.51 -5.85 -1.67
CA ILE A 47 0.01 -5.37 -0.40
C ILE A 47 -1.09 -4.62 0.34
N GLU A 48 -1.46 -5.10 1.51
CA GLU A 48 -2.49 -4.44 2.29
C GLU A 48 -1.86 -3.67 3.45
N ILE A 49 -2.01 -2.36 3.42
CA ILE A 49 -1.55 -1.52 4.51
C ILE A 49 -2.73 -1.23 5.43
N GLU A 50 -2.76 -1.89 6.57
CA GLU A 50 -3.90 -1.78 7.48
C GLU A 50 -3.74 -0.54 8.35
N PHE A 51 -4.85 0.10 8.68
CA PHE A 51 -4.81 1.25 9.56
C PHE A 51 -5.99 1.20 10.51
N PHE A 52 -5.79 1.64 11.75
CA PHE A 52 -6.83 1.57 12.76
C PHE A 52 -7.40 2.95 13.03
N SER A 53 -6.89 3.94 12.32
CA SER A 53 -7.32 5.33 12.49
C SER A 53 -7.27 6.05 11.16
N ASN A 54 -8.15 7.04 10.98
CA ASN A 54 -8.20 7.81 9.74
C ASN A 54 -7.00 8.73 9.63
N GLU A 55 -6.31 8.93 10.75
CA GLU A 55 -5.08 9.71 10.76
C GLU A 55 -3.99 8.93 10.04
N ASP A 56 -3.84 7.66 10.43
CA ASP A 56 -2.89 6.77 9.78
C ASP A 56 -3.20 6.64 8.31
N LEU A 57 -4.50 6.64 7.98
CA LEU A 57 -4.95 6.61 6.60
C LEU A 57 -4.26 7.70 5.78
N ASP A 58 -4.39 8.94 6.23
CA ASP A 58 -3.82 10.07 5.51
C ASP A 58 -2.30 9.96 5.46
N ARG A 59 -1.72 9.51 6.56
CA ARG A 59 -0.27 9.36 6.67
C ARG A 59 0.24 8.28 5.71
N ILE A 60 -0.51 7.20 5.56
CA ILE A 60 -0.12 6.10 4.69
C ILE A 60 -0.33 6.49 3.23
N LEU A 61 -1.48 7.08 2.93
CA LEU A 61 -1.77 7.55 1.58
C LEU A 61 -0.82 8.67 1.17
N GLU A 62 -0.18 9.28 2.15
CA GLU A 62 0.81 10.31 1.87
C GLU A 62 2.04 9.70 1.18
N LEU A 63 2.44 8.52 1.66
CA LEU A 63 3.56 7.80 1.05
C LEU A 63 3.13 7.21 -0.30
N LEU A 64 1.90 6.73 -0.35
CA LEU A 64 1.35 6.15 -1.58
C LEU A 64 1.18 7.23 -2.64
N SER A 65 0.80 8.42 -2.21
CA SER A 65 0.60 9.55 -3.11
C SER A 65 1.89 10.34 -3.23
N GLU A 66 2.97 9.62 -3.53
CA GLU A 66 4.27 10.25 -3.73
C GLU A 66 4.20 11.26 -4.87
N ARG A 67 4.42 12.51 -4.53
CA ARG A 67 4.44 13.60 -5.50
C ARG A 67 5.36 14.69 -5.00
N GLU A 68 6.39 14.29 -4.28
CA GLU A 68 7.30 15.22 -3.66
C GLU A 68 8.72 15.05 -4.16
N SER A 69 8.93 14.05 -5.02
CA SER A 69 10.22 13.87 -5.66
C SER A 69 10.52 15.04 -6.60
N VAL B 16 -15.52 10.34 7.96
CA VAL B 16 -14.74 10.37 6.71
C VAL B 16 -15.63 9.98 5.53
N LYS B 17 -15.56 10.77 4.46
CA LYS B 17 -16.33 10.50 3.26
C LYS B 17 -15.54 9.58 2.35
N ASP B 18 -16.20 8.55 1.85
CA ASP B 18 -15.55 7.55 1.00
C ASP B 18 -15.10 8.16 -0.32
N ALA B 19 -15.72 9.27 -0.69
CA ALA B 19 -15.34 10.00 -1.89
C ALA B 19 -13.90 10.54 -1.76
N VAL B 20 -13.50 10.82 -0.53
CA VAL B 20 -12.16 11.32 -0.26
C VAL B 20 -11.14 10.22 -0.50
N LEU B 21 -11.55 9.00 -0.18
CA LEU B 21 -10.73 7.84 -0.48
C LEU B 21 -10.71 7.61 -1.98
N LYS B 22 -11.87 7.76 -2.60
CA LYS B 22 -12.03 7.51 -4.03
C LYS B 22 -11.07 8.37 -4.85
N GLU B 23 -10.99 9.65 -4.52
CA GLU B 23 -10.14 10.57 -5.27
C GLU B 23 -8.67 10.21 -5.10
N ARG B 24 -8.31 9.66 -3.95
CA ARG B 24 -6.94 9.27 -3.69
C ARG B 24 -6.66 7.89 -4.31
N GLU B 25 -7.64 6.99 -4.21
CA GLU B 25 -7.55 5.68 -4.84
C GLU B 25 -7.33 5.82 -6.34
N SER B 26 -8.03 6.78 -6.93
CA SER B 26 -7.92 7.03 -8.37
C SER B 26 -6.49 7.39 -8.75
N TYR B 27 -5.87 8.27 -7.96
CA TYR B 27 -4.50 8.69 -8.22
C TYR B 27 -3.53 7.55 -7.95
N LEU B 28 -3.80 6.75 -6.92
CA LEU B 28 -2.93 5.63 -6.58
C LEU B 28 -2.91 4.60 -7.70
N GLN B 29 -4.08 4.30 -8.26
CA GLN B 29 -4.19 3.33 -9.35
C GLN B 29 -3.41 3.81 -10.56
N ASN B 30 -3.50 5.09 -10.84
CA ASN B 30 -2.81 5.67 -11.99
C ASN B 30 -1.31 5.78 -11.73
N TYR B 31 -0.95 6.00 -10.47
CA TYR B 31 0.46 6.21 -10.12
C TYR B 31 1.24 4.90 -10.18
N PHE B 32 0.71 3.85 -9.54
CA PHE B 32 1.42 2.56 -9.54
C PHE B 32 1.09 1.76 -10.80
N GLY B 33 0.11 2.24 -11.56
CA GLY B 33 -0.28 1.58 -12.78
C GLY B 33 -0.94 0.25 -12.52
N THR B 34 -1.79 0.19 -11.50
CA THR B 34 -2.39 -1.05 -11.09
C THR B 34 -3.65 -0.79 -10.25
N THR B 35 -4.32 -1.86 -9.85
CA THR B 35 -5.54 -1.73 -9.06
C THR B 35 -5.22 -1.43 -7.60
N VAL B 36 -5.95 -0.46 -7.04
CA VAL B 36 -5.77 -0.03 -5.66
C VAL B 36 -7.13 0.16 -5.01
N ASN B 37 -7.32 -0.46 -3.84
CA ASN B 37 -8.61 -0.42 -3.16
C ASN B 37 -8.42 -0.13 -1.68
N ILE B 38 -9.12 0.86 -1.16
CA ILE B 38 -9.07 1.14 0.26
C ILE B 38 -10.33 0.65 0.94
N LYS B 39 -10.17 -0.24 1.89
CA LYS B 39 -11.29 -0.77 2.65
C LYS B 39 -11.59 0.16 3.82
N ARG B 40 -12.83 0.63 3.90
CA ARG B 40 -13.23 1.55 4.94
C ARG B 40 -14.29 0.92 5.84
N GLN B 41 -13.92 0.68 7.09
CA GLN B 41 -14.82 0.06 8.04
C GLN B 41 -14.81 0.81 9.37
N LYS B 42 -15.35 2.04 9.35
CA LYS B 42 -15.46 2.86 10.56
C LYS B 42 -14.09 3.15 11.16
N LYS B 43 -13.35 4.07 10.54
CA LYS B 43 -11.99 4.42 10.94
C LYS B 43 -11.00 3.32 10.55
N LYS B 44 -11.40 2.08 10.77
CA LYS B 44 -10.55 0.93 10.51
C LYS B 44 -10.56 0.63 9.01
N GLY B 45 -9.50 -0.01 8.53
CA GLY B 45 -9.47 -0.42 7.15
C GLY B 45 -8.08 -0.80 6.69
N LYS B 46 -7.87 -0.77 5.38
CA LYS B 46 -6.60 -1.15 4.78
C LYS B 46 -6.55 -0.78 3.31
N ILE B 47 -5.40 -0.31 2.84
CA ILE B 47 -5.20 -0.04 1.44
C ILE B 47 -4.55 -1.24 0.78
N GLU B 48 -5.22 -1.85 -0.18
CA GLU B 48 -4.66 -3.00 -0.87
C GLU B 48 -4.16 -2.59 -2.25
N ILE B 49 -2.85 -2.71 -2.45
CA ILE B 49 -2.27 -2.46 -3.74
C ILE B 49 -2.08 -3.78 -4.47
N GLU B 50 -2.94 -4.04 -5.44
CA GLU B 50 -2.93 -5.33 -6.12
C GLU B 50 -1.90 -5.32 -7.23
N PHE B 51 -1.27 -6.46 -7.47
CA PHE B 51 -0.30 -6.57 -8.54
C PHE B 51 -0.46 -7.93 -9.22
N PHE B 52 -0.29 -7.94 -10.54
CA PHE B 52 -0.48 -9.17 -11.31
C PHE B 52 0.86 -9.76 -11.74
N SER B 53 1.94 -9.10 -11.34
CA SER B 53 3.28 -9.53 -11.69
C SER B 53 4.25 -9.20 -10.56
N ASN B 54 5.30 -10.00 -10.42
CA ASN B 54 6.28 -9.80 -9.36
C ASN B 54 7.15 -8.58 -9.67
N GLU B 55 7.09 -8.12 -10.91
CA GLU B 55 7.77 -6.90 -11.31
C GLU B 55 7.09 -5.70 -10.67
N ASP B 56 5.76 -5.66 -10.81
CA ASP B 56 4.95 -4.61 -10.20
C ASP B 56 5.12 -4.64 -8.70
N LEU B 57 5.25 -5.85 -8.14
CA LEU B 57 5.51 -6.02 -6.72
C LEU B 57 6.69 -5.16 -6.27
N ASP B 58 7.83 -5.35 -6.92
CA ASP B 58 9.05 -4.63 -6.55
C ASP B 58 8.86 -3.13 -6.77
N ARG B 59 8.18 -2.78 -7.86
CA ARG B 59 7.93 -1.39 -8.20
C ARG B 59 7.02 -0.73 -7.15
N ILE B 60 6.04 -1.46 -6.67
CA ILE B 60 5.10 -0.92 -5.68
C ILE B 60 5.76 -0.83 -4.31
N LEU B 61 6.47 -1.89 -3.93
CA LEU B 61 7.19 -1.91 -2.67
C LEU B 61 8.31 -0.88 -2.67
N GLU B 62 8.69 -0.41 -3.85
CA GLU B 62 9.70 0.62 -3.96
C GLU B 62 9.15 1.94 -3.42
N LEU B 63 7.89 2.23 -3.72
CA LEU B 63 7.23 3.43 -3.20
C LEU B 63 6.94 3.26 -1.72
N LEU B 64 6.54 2.05 -1.33
CA LEU B 64 6.24 1.74 0.06
C LEU B 64 7.51 1.81 0.91
N SER B 65 8.61 1.37 0.33
CA SER B 65 9.90 1.37 1.01
C SER B 65 10.62 2.69 0.74
N GLU B 66 9.92 3.79 0.96
CA GLU B 66 10.49 5.11 0.79
C GLU B 66 11.70 5.28 1.71
N ARG B 67 12.85 5.45 1.09
CA ARG B 67 14.10 5.68 1.80
C ARG B 67 15.03 6.52 0.94
N GLU B 68 14.43 7.37 0.13
CA GLU B 68 15.17 8.17 -0.83
C GLU B 68 15.01 9.67 -0.55
N SER B 69 14.17 10.01 0.42
CA SER B 69 14.05 11.39 0.83
C SER B 69 15.36 11.88 1.44
N VAL A 16 9.86 -16.05 -7.73
CA VAL A 16 9.84 -14.95 -6.74
C VAL A 16 10.07 -15.48 -5.34
N LYS A 17 10.95 -14.81 -4.60
CA LYS A 17 11.25 -15.22 -3.24
C LYS A 17 10.44 -14.41 -2.26
N ASP A 18 9.46 -15.06 -1.64
CA ASP A 18 8.57 -14.39 -0.69
C ASP A 18 9.32 -13.86 0.51
N ALA A 19 10.49 -14.44 0.77
CA ALA A 19 11.34 -14.02 1.87
C ALA A 19 11.83 -12.59 1.67
N VAL A 20 12.00 -12.20 0.41
CA VAL A 20 12.47 -10.85 0.08
C VAL A 20 11.37 -9.85 0.38
N LEU A 21 10.15 -10.21 0.03
CA LEU A 21 8.99 -9.37 0.30
C LEU A 21 8.75 -9.30 1.80
N LYS A 22 9.07 -10.39 2.50
CA LYS A 22 8.97 -10.43 3.96
C LYS A 22 9.87 -9.38 4.59
N GLU A 23 11.08 -9.23 4.05
CA GLU A 23 12.03 -8.28 4.59
C GLU A 23 11.56 -6.85 4.30
N ARG A 24 10.92 -6.66 3.16
CA ARG A 24 10.35 -5.35 2.85
C ARG A 24 9.16 -5.07 3.75
N GLU A 25 8.31 -6.08 3.97
CA GLU A 25 7.17 -5.94 4.88
C GLU A 25 7.62 -5.48 6.26
N SER A 26 8.75 -6.02 6.71
CA SER A 26 9.33 -5.65 8.00
C SER A 26 9.65 -4.15 8.03
N TYR A 27 10.30 -3.66 6.98
CA TYR A 27 10.65 -2.26 6.88
C TYR A 27 9.42 -1.37 6.69
N LEU A 28 8.44 -1.87 5.94
CA LEU A 28 7.21 -1.11 5.68
C LEU A 28 6.45 -0.85 6.98
N GLN A 29 6.29 -1.90 7.78
CA GLN A 29 5.56 -1.79 9.04
C GLN A 29 6.26 -0.85 10.01
N ASN A 30 7.57 -0.69 9.86
CA ASN A 30 8.33 0.21 10.70
C ASN A 30 8.35 1.62 10.15
N TYR A 31 8.31 1.76 8.83
CA TYR A 31 8.43 3.07 8.20
C TYR A 31 7.21 3.93 8.48
N PHE A 32 6.02 3.43 8.11
CA PHE A 32 4.78 4.17 8.37
C PHE A 32 4.04 3.58 9.57
N GLY A 33 4.74 2.73 10.31
CA GLY A 33 4.29 2.33 11.64
C GLY A 33 2.88 1.80 11.69
N THR A 34 2.59 0.79 10.88
CA THR A 34 1.29 0.16 10.90
C THR A 34 1.41 -1.28 10.40
N THR A 35 0.30 -2.02 10.45
CA THR A 35 0.30 -3.41 10.06
C THR A 35 0.27 -3.57 8.53
N VAL A 36 1.17 -4.39 8.02
CA VAL A 36 1.29 -4.62 6.58
C VAL A 36 1.44 -6.12 6.31
N ASN A 37 0.68 -6.62 5.34
CA ASN A 37 0.77 -8.02 4.95
C ASN A 37 0.66 -8.14 3.44
N ILE A 38 1.57 -8.88 2.81
CA ILE A 38 1.47 -9.14 1.39
C ILE A 38 1.00 -10.56 1.14
N LYS A 39 0.06 -10.71 0.23
CA LYS A 39 -0.47 -12.02 -0.10
C LYS A 39 0.15 -12.51 -1.41
N ARG A 40 1.05 -13.47 -1.31
CA ARG A 40 1.71 -14.02 -2.50
C ARG A 40 0.86 -15.14 -3.10
N GLN A 41 0.47 -14.96 -4.35
CA GLN A 41 -0.29 -15.97 -5.07
C GLN A 41 0.35 -16.21 -6.44
N LYS A 42 1.56 -16.75 -6.43
CA LYS A 42 2.29 -17.06 -7.66
C LYS A 42 2.52 -15.79 -8.49
N LYS A 43 3.32 -14.88 -7.92
CA LYS A 43 3.65 -13.59 -8.56
C LYS A 43 2.48 -12.61 -8.50
N LYS A 44 1.29 -13.12 -8.24
CA LYS A 44 0.11 -12.29 -8.14
C LYS A 44 -0.28 -12.12 -6.68
N GLY A 45 -1.21 -11.22 -6.40
CA GLY A 45 -1.70 -11.05 -5.05
C GLY A 45 -2.03 -9.62 -4.74
N LYS A 46 -1.76 -9.21 -3.51
CA LYS A 46 -2.06 -7.83 -3.09
C LYS A 46 -1.39 -7.52 -1.75
N ILE A 47 -0.92 -6.28 -1.61
CA ILE A 47 -0.41 -5.81 -0.34
C ILE A 47 -1.53 -5.12 0.42
N GLU A 48 -1.78 -5.53 1.65
CA GLU A 48 -2.82 -4.89 2.44
C GLU A 48 -2.21 -4.11 3.60
N ILE A 49 -2.45 -2.81 3.59
CA ILE A 49 -2.00 -1.95 4.67
C ILE A 49 -3.15 -1.67 5.61
N GLU A 50 -3.10 -2.24 6.80
CA GLU A 50 -4.21 -2.15 7.72
C GLU A 50 -4.05 -0.94 8.62
N PHE A 51 -5.13 -0.21 8.84
CA PHE A 51 -5.09 0.99 9.65
C PHE A 51 -6.28 1.01 10.60
N PHE A 52 -6.11 1.62 11.76
CA PHE A 52 -7.18 1.71 12.74
C PHE A 52 -7.51 3.16 13.05
N SER A 53 -7.21 4.02 12.09
CA SER A 53 -7.45 5.45 12.24
C SER A 53 -7.40 6.12 10.87
N ASN A 54 -8.23 7.14 10.69
CA ASN A 54 -8.28 7.89 9.44
C ASN A 54 -7.01 8.72 9.29
N GLU A 55 -6.34 8.96 10.41
CA GLU A 55 -5.09 9.73 10.39
C GLU A 55 -4.01 8.88 9.76
N ASP A 56 -3.92 7.63 10.19
CA ASP A 56 -2.97 6.69 9.61
C ASP A 56 -3.29 6.43 8.15
N LEU A 57 -4.58 6.31 7.84
CA LEU A 57 -5.03 6.11 6.46
C LEU A 57 -4.47 7.20 5.55
N ASP A 58 -4.68 8.45 5.93
CA ASP A 58 -4.22 9.57 5.14
C ASP A 58 -2.70 9.57 5.00
N ARG A 59 -2.03 9.19 6.09
CA ARG A 59 -0.56 9.14 6.13
C ARG A 59 -0.02 7.97 5.30
N ILE A 60 -0.75 6.86 5.28
CA ILE A 60 -0.32 5.68 4.54
C ILE A 60 -0.40 5.93 3.04
N LEU A 61 -1.48 6.56 2.61
CA LEU A 61 -1.68 6.89 1.21
C LEU A 61 -0.62 7.85 0.72
N GLU A 62 -0.02 8.60 1.65
CA GLU A 62 1.07 9.50 1.31
C GLU A 62 2.25 8.73 0.74
N LEU A 63 2.51 7.55 1.30
CA LEU A 63 3.58 6.68 0.81
C LEU A 63 3.31 6.30 -0.63
N LEU A 64 2.08 5.91 -0.91
CA LEU A 64 1.68 5.50 -2.24
C LEU A 64 1.58 6.69 -3.18
N SER A 65 1.49 7.88 -2.60
CA SER A 65 1.44 9.11 -3.38
C SER A 65 2.85 9.56 -3.76
N GLU A 66 3.79 9.41 -2.83
CA GLU A 66 5.16 9.87 -3.02
C GLU A 66 5.16 11.31 -3.54
N ARG A 67 4.69 12.21 -2.69
CA ARG A 67 4.50 13.60 -3.10
C ARG A 67 5.83 14.36 -3.06
N GLU A 68 6.81 13.78 -2.41
CA GLU A 68 8.15 14.35 -2.43
C GLU A 68 8.91 13.85 -3.65
N SER A 69 9.09 12.53 -3.71
CA SER A 69 9.77 11.88 -4.82
C SER A 69 11.14 12.52 -5.10
N VAL B 16 -14.87 10.85 8.70
CA VAL B 16 -13.97 10.66 7.54
C VAL B 16 -14.77 10.59 6.25
N LYS B 17 -14.31 11.33 5.24
CA LYS B 17 -14.98 11.35 3.96
C LYS B 17 -14.33 10.38 3.00
N ASP B 18 -15.01 9.28 2.73
CA ASP B 18 -14.49 8.21 1.87
C ASP B 18 -14.24 8.74 0.46
N ALA B 19 -14.93 9.82 0.11
CA ALA B 19 -14.77 10.44 -1.20
C ALA B 19 -13.35 10.99 -1.38
N VAL B 20 -12.75 11.42 -0.28
CA VAL B 20 -11.40 11.97 -0.33
C VAL B 20 -10.40 10.86 -0.60
N LEU B 21 -10.62 9.73 0.04
CA LEU B 21 -9.78 8.56 -0.17
C LEU B 21 -9.98 8.02 -1.58
N LYS B 22 -11.19 8.17 -2.09
CA LYS B 22 -11.50 7.78 -3.47
C LYS B 22 -10.65 8.56 -4.45
N GLU B 23 -10.48 9.86 -4.20
CA GLU B 23 -9.70 10.70 -5.08
C GLU B 23 -8.22 10.35 -4.99
N ARG B 24 -7.77 9.94 -3.81
CA ARG B 24 -6.40 9.47 -3.66
C ARG B 24 -6.23 8.13 -4.36
N GLU B 25 -7.20 7.24 -4.21
CA GLU B 25 -7.16 5.94 -4.89
C GLU B 25 -6.99 6.13 -6.40
N SER B 26 -7.69 7.13 -6.94
CA SER B 26 -7.59 7.44 -8.35
C SER B 26 -6.16 7.78 -8.74
N TYR B 27 -5.51 8.64 -7.94
CA TYR B 27 -4.14 9.05 -8.20
C TYR B 27 -3.17 7.89 -7.96
N LEU B 28 -3.45 7.07 -6.95
CA LEU B 28 -2.58 5.94 -6.62
C LEU B 28 -2.53 4.94 -7.77
N GLN B 29 -3.70 4.60 -8.31
CA GLN B 29 -3.78 3.63 -9.40
C GLN B 29 -3.08 4.15 -10.66
N ASN B 30 -2.98 5.46 -10.78
CA ASN B 30 -2.31 6.06 -11.92
C ASN B 30 -0.81 6.23 -11.67
N TYR B 31 -0.43 6.45 -10.42
CA TYR B 31 0.97 6.71 -10.10
C TYR B 31 1.83 5.48 -10.30
N PHE B 32 1.48 4.38 -9.63
CA PHE B 32 2.23 3.13 -9.78
C PHE B 32 1.48 2.16 -10.68
N GLY B 33 0.46 2.67 -11.36
CA GLY B 33 -0.15 1.96 -12.48
C GLY B 33 -0.60 0.56 -12.15
N THR B 34 -1.42 0.42 -11.12
CA THR B 34 -1.96 -0.88 -10.76
C THR B 34 -3.30 -0.70 -10.03
N THR B 35 -3.95 -1.81 -9.71
CA THR B 35 -5.26 -1.76 -9.06
C THR B 35 -5.12 -1.50 -7.56
N VAL B 36 -5.89 -0.53 -7.08
CA VAL B 36 -5.85 -0.13 -5.67
C VAL B 36 -7.27 0.04 -5.14
N ASN B 37 -7.53 -0.52 -3.96
CA ASN B 37 -8.84 -0.39 -3.33
C ASN B 37 -8.67 -0.21 -1.84
N ILE B 38 -9.32 0.80 -1.27
CA ILE B 38 -9.30 0.97 0.18
C ILE B 38 -10.62 0.54 0.78
N LYS B 39 -10.55 -0.21 1.87
CA LYS B 39 -11.73 -0.68 2.55
C LYS B 39 -12.00 0.17 3.78
N ARG B 40 -13.02 1.02 3.71
CA ARG B 40 -13.39 1.87 4.82
C ARG B 40 -14.32 1.15 5.79
N GLN B 41 -13.88 1.00 7.02
CA GLN B 41 -14.68 0.39 8.06
C GLN B 41 -14.70 1.28 9.31
N LYS B 42 -15.31 2.46 9.17
CA LYS B 42 -15.43 3.41 10.28
C LYS B 42 -14.04 3.83 10.77
N LYS B 43 -13.29 4.52 9.90
CA LYS B 43 -11.93 5.00 10.20
C LYS B 43 -10.91 3.85 10.18
N LYS B 44 -11.39 2.62 10.26
CA LYS B 44 -10.52 1.47 10.22
C LYS B 44 -10.61 0.79 8.85
N GLY B 45 -9.72 -0.15 8.59
CA GLY B 45 -9.79 -0.89 7.35
C GLY B 45 -8.41 -1.24 6.83
N LYS B 46 -8.25 -1.22 5.52
CA LYS B 46 -6.98 -1.55 4.91
C LYS B 46 -6.96 -1.16 3.43
N ILE B 47 -5.81 -0.71 2.96
CA ILE B 47 -5.60 -0.45 1.54
C ILE B 47 -5.01 -1.69 0.90
N GLU B 48 -5.61 -2.18 -0.17
CA GLU B 48 -5.09 -3.34 -0.85
C GLU B 48 -4.57 -2.96 -2.23
N ILE B 49 -3.28 -3.15 -2.44
CA ILE B 49 -2.67 -2.91 -3.72
C ILE B 49 -2.50 -4.23 -4.46
N GLU B 50 -3.28 -4.42 -5.50
CA GLU B 50 -3.30 -5.69 -6.21
C GLU B 50 -2.29 -5.68 -7.34
N PHE B 51 -1.55 -6.77 -7.48
CA PHE B 51 -0.53 -6.88 -8.51
C PHE B 51 -0.61 -8.23 -9.19
N PHE B 52 -0.24 -8.27 -10.46
CA PHE B 52 -0.29 -9.51 -11.23
C PHE B 52 1.10 -9.86 -11.73
N SER B 53 2.11 -9.35 -11.05
CA SER B 53 3.50 -9.59 -11.41
C SER B 53 4.41 -9.26 -10.24
N ASN B 54 5.48 -10.02 -10.11
CA ASN B 54 6.46 -9.80 -9.05
C ASN B 54 7.23 -8.51 -9.31
N GLU B 55 7.22 -8.06 -10.56
CA GLU B 55 7.89 -6.82 -10.94
C GLU B 55 7.12 -5.65 -10.36
N ASP B 56 5.80 -5.68 -10.54
CA ASP B 56 4.93 -4.66 -9.99
C ASP B 56 4.98 -4.69 -8.47
N LEU B 57 4.99 -5.89 -7.91
CA LEU B 57 5.09 -6.07 -6.46
C LEU B 57 6.29 -5.31 -5.89
N ASP B 58 7.45 -5.55 -6.47
CA ASP B 58 8.68 -4.93 -6.02
C ASP B 58 8.59 -3.40 -6.17
N ARG B 59 8.00 -2.97 -7.27
CA ARG B 59 7.85 -1.55 -7.58
C ARG B 59 6.83 -0.88 -6.65
N ILE B 60 5.78 -1.61 -6.27
CA ILE B 60 4.73 -1.08 -5.41
C ILE B 60 5.27 -0.85 -4.00
N LEU B 61 6.03 -1.82 -3.52
CA LEU B 61 6.63 -1.73 -2.19
C LEU B 61 7.60 -0.56 -2.12
N GLU B 62 8.13 -0.15 -3.27
CA GLU B 62 9.01 1.02 -3.33
C GLU B 62 8.29 2.27 -2.86
N LEU B 63 7.01 2.38 -3.21
CA LEU B 63 6.18 3.50 -2.78
C LEU B 63 6.10 3.52 -1.26
N LEU B 64 5.85 2.36 -0.68
CA LEU B 64 5.71 2.22 0.76
C LEU B 64 7.07 2.34 1.45
N SER B 65 8.13 2.17 0.68
CA SER B 65 9.49 2.30 1.19
C SER B 65 9.92 3.76 1.21
N GLU B 66 9.53 4.49 0.16
CA GLU B 66 9.93 5.89 -0.01
C GLU B 66 11.44 6.02 0.21
N ARG B 67 12.20 5.41 -0.70
CA ARG B 67 13.65 5.34 -0.54
C ARG B 67 14.31 6.65 -0.97
N GLU B 68 13.56 7.48 -1.67
CA GLU B 68 14.04 8.80 -2.03
C GLU B 68 13.73 9.76 -0.90
N SER B 69 12.44 9.93 -0.63
CA SER B 69 11.97 10.80 0.46
C SER B 69 12.57 12.21 0.33
N VAL A 16 9.47 -16.99 -7.32
CA VAL A 16 9.48 -15.94 -6.28
C VAL A 16 9.76 -16.57 -4.91
N LYS A 17 10.40 -15.81 -4.05
CA LYS A 17 10.66 -16.26 -2.68
C LYS A 17 9.80 -15.45 -1.72
N ASP A 18 9.03 -16.13 -0.88
CA ASP A 18 8.14 -15.46 0.06
C ASP A 18 8.93 -14.68 1.10
N ALA A 19 10.19 -15.03 1.25
CA ALA A 19 11.09 -14.32 2.16
C ALA A 19 11.29 -12.88 1.71
N VAL A 20 11.23 -12.66 0.40
CA VAL A 20 11.42 -11.34 -0.17
C VAL A 20 10.27 -10.43 0.24
N LEU A 21 9.08 -11.00 0.33
CA LEU A 21 7.92 -10.26 0.77
C LEU A 21 8.01 -9.98 2.26
N LYS A 22 8.45 -10.98 3.01
CA LYS A 22 8.46 -10.87 4.46
C LYS A 22 9.53 -9.88 4.94
N GLU A 23 10.65 -9.83 4.24
CA GLU A 23 11.74 -8.92 4.61
C GLU A 23 11.33 -7.47 4.39
N ARG A 24 10.47 -7.24 3.41
CA ARG A 24 10.03 -5.88 3.11
C ARG A 24 8.84 -5.50 3.99
N GLU A 25 8.03 -6.50 4.37
CA GLU A 25 6.93 -6.27 5.32
C GLU A 25 7.46 -5.65 6.61
N SER A 26 8.60 -6.16 7.07
CA SER A 26 9.20 -5.70 8.31
C SER A 26 9.48 -4.20 8.26
N TYR A 27 10.04 -3.74 7.15
CA TYR A 27 10.38 -2.34 6.99
C TYR A 27 9.12 -1.49 6.84
N LEU A 28 8.15 -2.00 6.10
CA LEU A 28 6.91 -1.26 5.86
C LEU A 28 6.13 -1.05 7.16
N GLN A 29 6.00 -2.11 7.96
CA GLN A 29 5.27 -2.02 9.23
C GLN A 29 5.88 -0.99 10.15
N ASN A 30 7.21 -1.05 10.28
CA ASN A 30 7.91 -0.15 11.19
C ASN A 30 7.94 1.27 10.65
N TYR A 31 7.91 1.42 9.33
CA TYR A 31 8.03 2.72 8.72
C TYR A 31 6.79 3.57 8.97
N PHE A 32 5.60 3.02 8.69
CA PHE A 32 4.37 3.77 8.92
C PHE A 32 3.87 3.55 10.34
N GLY A 33 4.45 2.57 11.02
CA GLY A 33 4.05 2.26 12.38
C GLY A 33 2.73 1.53 12.45
N THR A 34 2.43 0.74 11.44
CA THR A 34 1.15 0.05 11.38
C THR A 34 1.32 -1.36 10.80
N THR A 35 0.22 -2.10 10.74
CA THR A 35 0.25 -3.48 10.29
C THR A 35 0.24 -3.56 8.76
N VAL A 36 1.10 -4.41 8.22
CA VAL A 36 1.24 -4.59 6.78
C VAL A 36 1.33 -6.09 6.45
N ASN A 37 0.58 -6.52 5.44
CA ASN A 37 0.60 -7.92 5.03
C ASN A 37 0.59 -8.02 3.51
N ILE A 38 1.50 -8.81 2.96
CA ILE A 38 1.49 -9.08 1.53
C ILE A 38 1.00 -10.49 1.26
N LYS A 39 0.06 -10.62 0.33
CA LYS A 39 -0.52 -11.91 0.01
C LYS A 39 -0.23 -12.29 -1.43
N ARG A 40 0.67 -13.25 -1.61
CA ARG A 40 1.05 -13.72 -2.94
C ARG A 40 0.05 -14.75 -3.45
N GLN A 41 -0.36 -14.59 -4.71
CA GLN A 41 -1.26 -15.53 -5.35
C GLN A 41 -0.78 -15.87 -6.76
N LYS A 42 0.36 -16.54 -6.84
CA LYS A 42 0.93 -16.97 -8.13
C LYS A 42 1.17 -15.78 -9.04
N LYS A 43 2.27 -15.07 -8.80
CA LYS A 43 2.64 -13.84 -9.54
C LYS A 43 1.75 -12.67 -9.13
N LYS A 44 0.47 -12.93 -8.91
CA LYS A 44 -0.46 -11.91 -8.51
C LYS A 44 -0.45 -11.76 -7.00
N GLY A 45 -1.17 -10.77 -6.50
CA GLY A 45 -1.27 -10.57 -5.08
C GLY A 45 -1.62 -9.15 -4.73
N LYS A 46 -1.38 -8.76 -3.49
CA LYS A 46 -1.70 -7.42 -3.04
C LYS A 46 -1.02 -7.12 -1.70
N ILE A 47 -0.58 -5.88 -1.52
CA ILE A 47 -0.08 -5.43 -0.25
C ILE A 47 -1.17 -4.67 0.47
N GLU A 48 -1.54 -5.12 1.65
CA GLU A 48 -2.56 -4.43 2.42
C GLU A 48 -1.94 -3.69 3.59
N ILE A 49 -2.05 -2.37 3.57
CA ILE A 49 -1.59 -1.56 4.68
C ILE A 49 -2.79 -1.20 5.54
N GLU A 50 -2.83 -1.73 6.74
CA GLU A 50 -3.98 -1.53 7.61
C GLU A 50 -3.82 -0.24 8.40
N PHE A 51 -4.93 0.40 8.71
CA PHE A 51 -4.94 1.61 9.51
C PHE A 51 -6.07 1.55 10.53
N PHE A 52 -5.86 2.17 11.68
CA PHE A 52 -6.86 2.14 12.74
C PHE A 52 -7.46 3.53 12.94
N SER A 53 -6.98 4.49 12.16
CA SER A 53 -7.46 5.86 12.22
C SER A 53 -7.33 6.50 10.85
N ASN A 54 -8.09 7.57 10.61
CA ASN A 54 -7.97 8.34 9.37
C ASN A 54 -6.62 9.03 9.32
N GLU A 55 -6.02 9.19 10.50
CA GLU A 55 -4.69 9.77 10.63
C GLU A 55 -3.66 8.87 9.97
N ASP A 56 -3.68 7.58 10.31
CA ASP A 56 -2.76 6.62 9.72
C ASP A 56 -3.05 6.50 8.24
N LEU A 57 -4.34 6.52 7.91
CA LEU A 57 -4.79 6.49 6.52
C LEU A 57 -4.10 7.55 5.69
N ASP A 58 -4.17 8.79 6.16
CA ASP A 58 -3.59 9.92 5.44
C ASP A 58 -2.09 9.73 5.29
N ARG A 59 -1.45 9.27 6.36
CA ARG A 59 -0.01 9.02 6.34
C ARG A 59 0.36 7.97 5.30
N ILE A 60 -0.32 6.84 5.34
CA ILE A 60 -0.01 5.70 4.48
C ILE A 60 -0.14 6.07 3.01
N LEU A 61 -1.21 6.78 2.66
CA LEU A 61 -1.43 7.17 1.29
C LEU A 61 -0.40 8.19 0.83
N GLU A 62 0.18 8.92 1.77
CA GLU A 62 1.27 9.84 1.46
C GLU A 62 2.50 9.06 1.04
N LEU A 63 2.77 7.96 1.74
CA LEU A 63 3.86 7.07 1.38
C LEU A 63 3.63 6.51 -0.02
N LEU A 64 2.44 5.96 -0.22
CA LEU A 64 2.07 5.37 -1.51
C LEU A 64 2.24 6.37 -2.65
N SER A 65 2.00 7.63 -2.36
CA SER A 65 2.12 8.67 -3.35
C SER A 65 3.59 9.04 -3.59
N GLU A 66 4.43 8.83 -2.58
CA GLU A 66 5.82 9.27 -2.62
C GLU A 66 5.88 10.72 -3.10
N ARG A 67 5.30 11.59 -2.28
CA ARG A 67 5.07 12.97 -2.66
C ARG A 67 6.22 13.88 -2.23
N GLU A 68 7.16 13.33 -1.48
CA GLU A 68 8.33 14.10 -1.05
C GLU A 68 9.48 13.91 -2.03
N SER A 69 9.17 13.33 -3.17
CA SER A 69 10.15 13.14 -4.23
C SER A 69 9.78 13.98 -5.45
N VAL B 16 -15.85 10.38 8.57
CA VAL B 16 -15.02 10.20 7.35
C VAL B 16 -15.91 10.18 6.11
N LYS B 17 -15.37 10.65 5.00
CA LYS B 17 -16.08 10.63 3.74
C LYS B 17 -15.42 9.62 2.81
N ASP B 18 -16.20 8.68 2.29
CA ASP B 18 -15.66 7.63 1.43
C ASP B 18 -15.14 8.21 0.12
N ALA B 19 -15.59 9.42 -0.20
CA ALA B 19 -15.12 10.13 -1.38
C ALA B 19 -13.63 10.44 -1.27
N VAL B 20 -13.16 10.65 -0.03
CA VAL B 20 -11.77 10.98 0.22
C VAL B 20 -10.88 9.79 -0.13
N LEU B 21 -11.39 8.61 0.10
CA LEU B 21 -10.69 7.39 -0.23
C LEU B 21 -10.68 7.19 -1.73
N LYS B 22 -11.83 7.45 -2.36
CA LYS B 22 -12.00 7.18 -3.77
C LYS B 22 -11.18 8.15 -4.62
N GLU B 23 -11.08 9.39 -4.17
CA GLU B 23 -10.32 10.39 -4.92
C GLU B 23 -8.83 10.06 -4.92
N ARG B 24 -8.36 9.43 -3.85
CA ARG B 24 -6.96 9.09 -3.75
C ARG B 24 -6.67 7.76 -4.44
N GLU B 25 -7.67 6.87 -4.45
CA GLU B 25 -7.56 5.60 -5.20
C GLU B 25 -7.23 5.89 -6.66
N SER B 26 -7.88 6.89 -7.22
CA SER B 26 -7.71 7.26 -8.63
C SER B 26 -6.23 7.56 -8.92
N TYR B 27 -5.61 8.35 -8.04
CA TYR B 27 -4.22 8.75 -8.24
C TYR B 27 -3.29 7.56 -8.02
N LEU B 28 -3.60 6.73 -7.02
CA LEU B 28 -2.75 5.58 -6.70
C LEU B 28 -2.74 4.58 -7.84
N GLN B 29 -3.92 4.26 -8.38
CA GLN B 29 -4.03 3.30 -9.47
C GLN B 29 -3.22 3.75 -10.68
N ASN B 30 -3.39 5.01 -11.05
CA ASN B 30 -2.72 5.54 -12.23
C ASN B 30 -1.23 5.72 -12.00
N TYR B 31 -0.85 5.95 -10.76
CA TYR B 31 0.55 6.21 -10.43
C TYR B 31 1.40 4.95 -10.61
N PHE B 32 0.99 3.83 -10.01
CA PHE B 32 1.75 2.60 -10.14
C PHE B 32 1.30 1.82 -11.37
N GLY B 33 0.18 2.23 -11.94
CA GLY B 33 -0.35 1.57 -13.12
C GLY B 33 -0.99 0.24 -12.79
N THR B 34 -1.58 0.14 -11.60
CA THR B 34 -2.16 -1.12 -11.17
C THR B 34 -3.44 -0.88 -10.36
N THR B 35 -4.09 -1.95 -9.96
CA THR B 35 -5.36 -1.87 -9.27
C THR B 35 -5.17 -1.58 -7.77
N VAL B 36 -5.95 -0.63 -7.26
CA VAL B 36 -5.86 -0.22 -5.85
C VAL B 36 -7.27 -0.10 -5.26
N ASN B 37 -7.46 -0.64 -4.07
CA ASN B 37 -8.76 -0.58 -3.40
C ASN B 37 -8.57 -0.28 -1.92
N ILE B 38 -9.30 0.69 -1.40
CA ILE B 38 -9.29 0.96 0.02
C ILE B 38 -10.59 0.50 0.65
N LYS B 39 -10.49 -0.23 1.75
CA LYS B 39 -11.66 -0.77 2.42
C LYS B 39 -11.79 -0.21 3.83
N ARG B 40 -12.73 0.69 4.02
CA ARG B 40 -12.97 1.32 5.31
C ARG B 40 -13.83 0.42 6.20
N GLN B 41 -13.41 0.26 7.44
CA GLN B 41 -14.17 -0.51 8.42
C GLN B 41 -14.26 0.23 9.76
N LYS B 42 -14.97 1.36 9.74
CA LYS B 42 -15.18 2.16 10.96
C LYS B 42 -13.85 2.59 11.56
N LYS B 43 -13.26 3.64 10.98
CA LYS B 43 -11.96 4.17 11.39
C LYS B 43 -10.82 3.25 10.94
N LYS B 44 -11.05 1.95 11.01
CA LYS B 44 -10.06 0.97 10.60
C LYS B 44 -10.20 0.69 9.11
N GLY B 45 -9.29 -0.09 8.58
CA GLY B 45 -9.35 -0.47 7.20
C GLY B 45 -8.00 -0.85 6.65
N LYS B 46 -7.86 -0.85 5.34
CA LYS B 46 -6.61 -1.22 4.69
C LYS B 46 -6.61 -0.82 3.23
N ILE B 47 -5.46 -0.39 2.73
CA ILE B 47 -5.28 -0.14 1.32
C ILE B 47 -4.61 -1.34 0.68
N GLU B 48 -5.24 -1.93 -0.29
CA GLU B 48 -4.66 -3.08 -0.97
C GLU B 48 -4.19 -2.69 -2.36
N ILE B 49 -2.88 -2.76 -2.58
CA ILE B 49 -2.32 -2.52 -3.89
C ILE B 49 -2.06 -3.85 -4.56
N GLU B 50 -2.80 -4.14 -5.62
CA GLU B 50 -2.69 -5.44 -6.27
C GLU B 50 -1.60 -5.42 -7.31
N PHE B 51 -0.96 -6.56 -7.51
CA PHE B 51 0.07 -6.68 -8.52
C PHE B 51 -0.10 -8.00 -9.27
N PHE B 52 0.29 -8.01 -10.54
CA PHE B 52 0.11 -9.20 -11.36
C PHE B 52 1.46 -9.79 -11.72
N SER B 53 2.52 -9.14 -11.25
CA SER B 53 3.89 -9.60 -11.48
C SER B 53 4.77 -9.18 -10.31
N ASN B 54 5.90 -9.86 -10.14
CA ASN B 54 6.88 -9.48 -9.13
C ASN B 54 7.48 -8.13 -9.47
N GLU B 55 7.39 -7.78 -10.75
CA GLU B 55 7.85 -6.50 -11.24
C GLU B 55 7.04 -5.36 -10.62
N ASP B 56 5.72 -5.49 -10.70
CA ASP B 56 4.82 -4.49 -10.11
C ASP B 56 5.00 -4.48 -8.61
N LEU B 57 5.16 -5.67 -8.06
CA LEU B 57 5.41 -5.85 -6.63
C LEU B 57 6.58 -4.97 -6.17
N ASP B 58 7.70 -5.11 -6.85
CA ASP B 58 8.91 -4.38 -6.49
C ASP B 58 8.67 -2.88 -6.59
N ARG B 59 7.98 -2.47 -7.64
CA ARG B 59 7.65 -1.07 -7.86
C ARG B 59 6.80 -0.52 -6.72
N ILE B 60 5.71 -1.22 -6.41
CA ILE B 60 4.74 -0.77 -5.42
C ILE B 60 5.39 -0.60 -4.05
N LEU B 61 6.20 -1.56 -3.66
CA LEU B 61 6.86 -1.50 -2.36
C LEU B 61 7.90 -0.38 -2.32
N GLU B 62 8.39 0.02 -3.48
CA GLU B 62 9.30 1.16 -3.56
C GLU B 62 8.54 2.45 -3.24
N LEU B 63 7.31 2.54 -3.76
CA LEU B 63 6.44 3.67 -3.44
C LEU B 63 6.15 3.70 -1.94
N LEU B 64 5.72 2.57 -1.41
CA LEU B 64 5.41 2.43 0.02
C LEU B 64 6.60 2.86 0.89
N SER B 65 7.79 2.59 0.41
CA SER B 65 9.00 2.93 1.14
C SER B 65 9.31 4.42 1.02
N GLU B 66 8.87 5.04 -0.08
CA GLU B 66 9.22 6.43 -0.38
C GLU B 66 10.74 6.61 -0.22
N ARG B 67 11.46 5.89 -1.06
CA ARG B 67 12.91 5.77 -0.93
C ARG B 67 13.64 6.83 -1.74
N GLU B 68 12.91 7.59 -2.53
CA GLU B 68 13.51 8.66 -3.31
C GLU B 68 13.45 9.98 -2.55
N SER B 69 13.11 9.90 -1.28
CA SER B 69 13.06 11.07 -0.42
C SER B 69 14.13 10.96 0.67
N VAL A 16 9.07 -18.04 -6.61
CA VAL A 16 9.39 -16.82 -5.84
C VAL A 16 9.45 -17.14 -4.35
N LYS A 17 10.41 -16.55 -3.66
CA LYS A 17 10.59 -16.80 -2.24
C LYS A 17 9.94 -15.71 -1.41
N ASP A 18 9.08 -16.12 -0.49
CA ASP A 18 8.30 -15.19 0.33
C ASP A 18 9.19 -14.45 1.32
N ALA A 19 10.42 -14.95 1.49
CA ALA A 19 11.39 -14.31 2.37
C ALA A 19 11.64 -12.87 1.95
N VAL A 20 11.63 -12.62 0.64
CA VAL A 20 11.84 -11.27 0.12
C VAL A 20 10.70 -10.35 0.53
N LEU A 21 9.50 -10.90 0.48
CA LEU A 21 8.31 -10.16 0.89
C LEU A 21 8.39 -9.84 2.37
N LYS A 22 8.78 -10.85 3.17
CA LYS A 22 8.86 -10.70 4.61
C LYS A 22 9.85 -9.60 5.01
N GLU A 23 10.98 -9.56 4.32
CA GLU A 23 12.01 -8.56 4.62
C GLU A 23 11.48 -7.16 4.37
N ARG A 24 10.72 -6.99 3.29
CA ARG A 24 10.21 -5.68 2.94
C ARG A 24 9.01 -5.33 3.82
N GLU A 25 8.17 -6.32 4.11
CA GLU A 25 7.04 -6.13 5.02
C GLU A 25 7.52 -5.65 6.39
N SER A 26 8.65 -6.21 6.83
CA SER A 26 9.25 -5.84 8.11
C SER A 26 9.57 -4.34 8.14
N TYR A 27 10.14 -3.85 7.05
CA TYR A 27 10.52 -2.44 6.95
C TYR A 27 9.29 -1.55 6.78
N LEU A 28 8.32 -2.01 5.99
CA LEU A 28 7.12 -1.22 5.72
C LEU A 28 6.31 -0.99 7.00
N GLN A 29 6.14 -2.05 7.79
CA GLN A 29 5.36 -1.96 9.02
C GLN A 29 5.96 -0.96 9.99
N ASN A 30 7.28 -0.91 10.04
CA ASN A 30 7.97 -0.02 10.95
C ASN A 30 8.01 1.40 10.37
N TYR A 31 7.96 1.51 9.06
CA TYR A 31 8.11 2.79 8.39
C TYR A 31 6.88 3.69 8.60
N PHE A 32 5.68 3.13 8.47
CA PHE A 32 4.47 3.93 8.73
C PHE A 32 3.84 3.56 10.06
N GLY A 33 4.57 2.76 10.85
CA GLY A 33 4.12 2.41 12.19
C GLY A 33 2.75 1.74 12.21
N THR A 34 2.54 0.79 11.31
CA THR A 34 1.26 0.13 11.22
C THR A 34 1.42 -1.29 10.69
N THR A 35 0.32 -2.03 10.59
CA THR A 35 0.36 -3.40 10.14
C THR A 35 0.33 -3.49 8.61
N VAL A 36 1.17 -4.36 8.06
CA VAL A 36 1.29 -4.56 6.62
C VAL A 36 1.33 -6.04 6.31
N ASN A 37 0.58 -6.48 5.31
CA ASN A 37 0.57 -7.89 4.92
C ASN A 37 0.53 -7.99 3.39
N ILE A 38 1.48 -8.71 2.82
CA ILE A 38 1.47 -8.97 1.40
C ILE A 38 0.91 -10.36 1.13
N LYS A 39 -0.21 -10.41 0.45
CA LYS A 39 -0.87 -11.67 0.15
C LYS A 39 -0.37 -12.20 -1.19
N ARG A 40 0.59 -13.10 -1.14
CA ARG A 40 1.14 -13.71 -2.34
C ARG A 40 0.19 -14.80 -2.85
N GLN A 41 -0.55 -14.48 -3.91
CA GLN A 41 -1.53 -15.40 -4.46
C GLN A 41 -1.18 -15.79 -5.90
N LYS A 42 -0.03 -16.45 -6.06
CA LYS A 42 0.40 -16.93 -7.38
C LYS A 42 0.55 -15.76 -8.36
N LYS A 43 1.54 -14.90 -8.11
CA LYS A 43 1.81 -13.71 -8.93
C LYS A 43 0.75 -12.62 -8.70
N LYS A 44 -0.51 -13.02 -8.60
CA LYS A 44 -1.61 -12.09 -8.44
C LYS A 44 -1.86 -11.81 -6.96
N GLY A 45 -1.06 -10.94 -6.38
CA GLY A 45 -1.18 -10.67 -4.97
C GLY A 45 -1.58 -9.25 -4.67
N LYS A 46 -1.39 -8.84 -3.42
CA LYS A 46 -1.75 -7.49 -3.01
C LYS A 46 -1.08 -7.13 -1.68
N ILE A 47 -0.56 -5.92 -1.59
CA ILE A 47 -0.04 -5.40 -0.33
C ILE A 47 -1.14 -4.64 0.38
N GLU A 48 -1.56 -5.12 1.53
CA GLU A 48 -2.63 -4.47 2.26
C GLU A 48 -2.08 -3.77 3.50
N ILE A 49 -2.16 -2.45 3.48
CA ILE A 49 -1.71 -1.65 4.61
C ILE A 49 -2.90 -1.33 5.49
N GLU A 50 -2.92 -1.90 6.68
CA GLU A 50 -4.05 -1.70 7.59
C GLU A 50 -3.88 -0.40 8.33
N PHE A 51 -4.97 0.29 8.60
CA PHE A 51 -4.92 1.52 9.38
C PHE A 51 -6.01 1.50 10.44
N PHE A 52 -5.69 2.04 11.61
CA PHE A 52 -6.59 1.99 12.75
C PHE A 52 -7.42 3.25 12.86
N SER A 53 -7.06 4.27 12.09
CA SER A 53 -7.75 5.55 12.12
C SER A 53 -7.62 6.26 10.78
N ASN A 54 -8.33 7.38 10.64
CA ASN A 54 -8.23 8.20 9.43
C ASN A 54 -6.93 8.99 9.45
N GLU A 55 -6.28 9.03 10.61
CA GLU A 55 -5.00 9.70 10.73
C GLU A 55 -3.91 8.85 10.07
N ASP A 56 -3.90 7.56 10.40
CA ASP A 56 -2.97 6.63 9.77
C ASP A 56 -3.22 6.58 8.28
N LEU A 57 -4.50 6.63 7.90
CA LEU A 57 -4.90 6.63 6.50
C LEU A 57 -4.15 7.68 5.71
N ASP A 58 -4.24 8.93 6.15
CA ASP A 58 -3.60 10.04 5.46
C ASP A 58 -2.09 9.86 5.41
N ARG A 59 -1.54 9.39 6.53
CA ARG A 59 -0.10 9.19 6.67
C ARG A 59 0.41 8.05 5.78
N ILE A 60 -0.40 7.03 5.60
CA ILE A 60 0.00 5.86 4.82
C ILE A 60 -0.11 6.13 3.33
N LEU A 61 -1.23 6.73 2.92
CA LEU A 61 -1.43 7.08 1.52
C LEU A 61 -0.39 8.08 1.05
N GLU A 62 0.20 8.80 2.00
CA GLU A 62 1.29 9.72 1.71
C GLU A 62 2.44 8.97 1.03
N LEU A 63 2.79 7.81 1.58
CA LEU A 63 3.84 6.98 1.02
C LEU A 63 3.52 6.59 -0.43
N LEU A 64 2.29 6.19 -0.65
CA LEU A 64 1.85 5.74 -1.97
C LEU A 64 1.74 6.91 -2.95
N SER A 65 1.50 8.09 -2.42
CA SER A 65 1.35 9.28 -3.25
C SER A 65 2.70 9.79 -3.72
N GLU A 66 3.69 9.74 -2.83
CA GLU A 66 5.05 10.18 -3.15
C GLU A 66 5.04 11.56 -3.82
N ARG A 67 4.43 12.52 -3.14
CA ARG A 67 4.35 13.87 -3.67
C ARG A 67 5.53 14.72 -3.20
N GLU A 68 6.40 14.13 -2.42
CA GLU A 68 7.59 14.82 -1.94
C GLU A 68 8.79 14.50 -2.82
N SER A 69 8.51 14.04 -4.03
CA SER A 69 9.56 13.71 -4.98
C SER A 69 9.52 14.68 -6.16
N VAL B 16 -16.97 9.78 8.23
CA VAL B 16 -15.94 9.98 7.18
C VAL B 16 -16.54 9.73 5.81
N LYS B 17 -16.14 10.56 4.84
CA LYS B 17 -16.67 10.45 3.49
C LYS B 17 -15.72 9.67 2.60
N ASP B 18 -16.25 8.64 1.95
CA ASP B 18 -15.45 7.74 1.12
C ASP B 18 -14.96 8.43 -0.13
N ALA B 19 -15.55 9.59 -0.42
CA ALA B 19 -15.15 10.39 -1.57
C ALA B 19 -13.66 10.75 -1.51
N VAL B 20 -13.17 11.00 -0.30
CA VAL B 20 -11.77 11.34 -0.10
C VAL B 20 -10.88 10.17 -0.47
N LEU B 21 -11.33 8.98 -0.09
CA LEU B 21 -10.63 7.75 -0.40
C LEU B 21 -10.60 7.55 -1.91
N LYS B 22 -11.75 7.75 -2.55
CA LYS B 22 -11.88 7.55 -3.98
C LYS B 22 -10.94 8.47 -4.76
N GLU B 23 -10.83 9.71 -4.32
CA GLU B 23 -9.98 10.68 -5.00
C GLU B 23 -8.52 10.24 -4.93
N ARG B 24 -8.11 9.72 -3.78
CA ARG B 24 -6.72 9.30 -3.62
C ARG B 24 -6.47 7.96 -4.30
N GLU B 25 -7.46 7.06 -4.23
CA GLU B 25 -7.37 5.79 -4.93
C GLU B 25 -7.20 6.01 -6.43
N SER B 26 -7.89 7.01 -6.96
CA SER B 26 -7.80 7.36 -8.37
C SER B 26 -6.36 7.70 -8.76
N TYR B 27 -5.70 8.48 -7.91
CA TYR B 27 -4.33 8.89 -8.18
C TYR B 27 -3.35 7.74 -7.95
N LEU B 28 -3.60 6.93 -6.92
CA LEU B 28 -2.70 5.83 -6.59
C LEU B 28 -2.67 4.80 -7.71
N GLN B 29 -3.84 4.45 -8.24
CA GLN B 29 -3.94 3.44 -9.29
C GLN B 29 -3.19 3.87 -10.54
N ASN B 30 -3.23 5.15 -10.84
CA ASN B 30 -2.55 5.68 -12.02
C ASN B 30 -1.06 5.85 -11.75
N TYR B 31 -0.70 6.07 -10.49
CA TYR B 31 0.68 6.37 -10.14
C TYR B 31 1.58 5.14 -10.29
N PHE B 32 1.13 3.97 -9.83
CA PHE B 32 1.92 2.76 -10.01
C PHE B 32 1.35 1.88 -11.10
N GLY B 33 0.38 2.41 -11.84
CA GLY B 33 -0.20 1.71 -12.98
C GLY B 33 -0.78 0.36 -12.61
N THR B 34 -1.52 0.30 -11.51
CA THR B 34 -2.08 -0.95 -11.05
C THR B 34 -3.39 -0.72 -10.29
N THR B 35 -4.02 -1.79 -9.86
CA THR B 35 -5.29 -1.71 -9.16
C THR B 35 -5.09 -1.44 -7.67
N VAL B 36 -5.87 -0.53 -7.12
CA VAL B 36 -5.80 -0.15 -5.71
C VAL B 36 -7.20 -0.06 -5.13
N ASN B 37 -7.39 -0.62 -3.94
CA ASN B 37 -8.70 -0.58 -3.28
C ASN B 37 -8.52 -0.33 -1.80
N ILE B 38 -9.16 0.71 -1.29
CA ILE B 38 -9.15 0.96 0.15
C ILE B 38 -10.42 0.44 0.78
N LYS B 39 -10.28 -0.54 1.66
CA LYS B 39 -11.42 -1.15 2.32
C LYS B 39 -11.71 -0.41 3.61
N ARG B 40 -12.67 0.50 3.56
CA ARG B 40 -13.08 1.26 4.74
C ARG B 40 -13.98 0.41 5.62
N GLN B 41 -13.43 -0.11 6.71
CA GLN B 41 -14.18 -0.98 7.61
C GLN B 41 -14.29 -0.36 8.99
N LYS B 42 -14.99 0.77 9.07
CA LYS B 42 -15.23 1.45 10.35
C LYS B 42 -13.92 1.80 11.04
N LYS B 43 -13.18 2.73 10.44
CA LYS B 43 -11.87 3.18 10.95
C LYS B 43 -10.78 2.13 10.72
N LYS B 44 -11.12 0.87 10.93
CA LYS B 44 -10.17 -0.22 10.80
C LYS B 44 -10.17 -0.75 9.37
N GLY B 45 -9.48 -0.06 8.49
CA GLY B 45 -9.47 -0.44 7.09
C GLY B 45 -8.11 -0.86 6.60
N LYS B 46 -7.94 -0.91 5.29
CA LYS B 46 -6.68 -1.31 4.70
C LYS B 46 -6.62 -0.91 3.22
N ILE B 47 -5.47 -0.39 2.80
CA ILE B 47 -5.24 -0.11 1.38
C ILE B 47 -4.57 -1.32 0.76
N GLU B 48 -5.24 -1.96 -0.18
CA GLU B 48 -4.67 -3.14 -0.81
C GLU B 48 -4.25 -2.83 -2.24
N ILE B 49 -2.94 -2.87 -2.47
CA ILE B 49 -2.40 -2.63 -3.79
C ILE B 49 -2.19 -3.96 -4.49
N GLU B 50 -2.96 -4.22 -5.52
CA GLU B 50 -2.88 -5.49 -6.22
C GLU B 50 -1.74 -5.44 -7.23
N PHE B 51 -1.06 -6.56 -7.42
CA PHE B 51 -0.01 -6.64 -8.42
C PHE B 51 -0.17 -7.90 -9.23
N PHE B 52 0.13 -7.80 -10.52
CA PHE B 52 -0.09 -8.90 -11.44
C PHE B 52 1.17 -9.72 -11.64
N SER B 53 2.30 -9.19 -11.17
CA SER B 53 3.58 -9.87 -11.32
C SER B 53 4.53 -9.47 -10.19
N ASN B 54 5.69 -10.10 -10.15
CA ASN B 54 6.72 -9.75 -9.17
C ASN B 54 7.41 -8.46 -9.58
N GLU B 55 7.19 -8.04 -10.82
CA GLU B 55 7.75 -6.81 -11.33
C GLU B 55 7.00 -5.63 -10.71
N ASP B 56 5.67 -5.71 -10.78
CA ASP B 56 4.81 -4.69 -10.16
C ASP B 56 5.07 -4.65 -8.67
N LEU B 57 5.26 -5.83 -8.09
CA LEU B 57 5.55 -5.96 -6.65
C LEU B 57 6.69 -5.04 -6.24
N ASP B 58 7.83 -5.19 -6.90
CA ASP B 58 9.02 -4.40 -6.55
C ASP B 58 8.76 -2.91 -6.76
N ARG B 59 8.05 -2.60 -7.84
CA ARG B 59 7.76 -1.22 -8.21
C ARG B 59 6.77 -0.57 -7.23
N ILE B 60 5.84 -1.36 -6.71
CA ILE B 60 4.82 -0.83 -5.80
C ILE B 60 5.38 -0.65 -4.39
N LEU B 61 6.11 -1.66 -3.91
CA LEU B 61 6.73 -1.58 -2.59
C LEU B 61 7.73 -0.45 -2.54
N GLU B 62 8.23 -0.04 -3.70
CA GLU B 62 9.12 1.11 -3.80
C GLU B 62 8.45 2.35 -3.22
N LEU B 63 7.19 2.55 -3.57
CA LEU B 63 6.41 3.68 -3.07
C LEU B 63 6.33 3.65 -1.55
N LEU B 64 6.05 2.47 -1.02
CA LEU B 64 5.88 2.30 0.42
C LEU B 64 7.22 2.39 1.15
N SER B 65 8.29 2.08 0.46
CA SER B 65 9.62 2.11 1.06
C SER B 65 10.13 3.54 1.16
N GLU B 66 9.87 4.35 0.13
CA GLU B 66 10.27 5.75 0.10
C GLU B 66 11.75 5.89 0.47
N ARG B 67 12.61 5.20 -0.26
CA ARG B 67 14.04 5.24 0.01
C ARG B 67 14.71 6.33 -0.83
N GLU B 68 13.93 7.00 -1.65
CA GLU B 68 14.44 8.10 -2.45
C GLU B 68 14.22 9.44 -1.76
N SER B 69 14.02 9.39 -0.46
CA SER B 69 13.81 10.59 0.32
C SER B 69 14.99 10.79 1.27
N VAL A 16 9.57 -16.89 -7.26
CA VAL A 16 9.55 -15.84 -6.21
C VAL A 16 9.50 -16.48 -4.82
N LYS A 17 10.27 -15.92 -3.91
CA LYS A 17 10.32 -16.40 -2.55
C LYS A 17 9.45 -15.53 -1.65
N ASP A 18 8.59 -16.17 -0.87
CA ASP A 18 7.67 -15.44 0.00
C ASP A 18 8.43 -14.79 1.15
N ALA A 19 9.64 -15.27 1.39
CA ALA A 19 10.52 -14.69 2.40
C ALA A 19 10.92 -13.27 2.01
N VAL A 20 10.99 -13.02 0.71
CA VAL A 20 11.34 -11.70 0.18
C VAL A 20 10.25 -10.70 0.54
N LEU A 21 9.03 -11.19 0.57
CA LEU A 21 7.89 -10.38 0.95
C LEU A 21 7.91 -10.12 2.45
N LYS A 22 8.15 -11.17 3.22
CA LYS A 22 8.09 -11.08 4.68
C LYS A 22 9.13 -10.12 5.22
N GLU A 23 10.32 -10.13 4.62
CA GLU A 23 11.40 -9.26 5.08
C GLU A 23 11.08 -7.79 4.79
N ARG A 24 10.37 -7.54 3.68
CA ARG A 24 10.00 -6.19 3.33
C ARG A 24 8.78 -5.75 4.11
N GLU A 25 7.91 -6.71 4.42
CA GLU A 25 6.75 -6.46 5.29
C GLU A 25 7.23 -5.99 6.66
N SER A 26 8.35 -6.56 7.12
CA SER A 26 8.92 -6.20 8.40
C SER A 26 9.33 -4.73 8.41
N TYR A 27 9.93 -4.28 7.31
CA TYR A 27 10.35 -2.89 7.19
C TYR A 27 9.14 -1.97 7.09
N LEU A 28 8.12 -2.39 6.36
CA LEU A 28 6.91 -1.57 6.19
C LEU A 28 6.17 -1.39 7.51
N GLN A 29 6.03 -2.48 8.26
CA GLN A 29 5.30 -2.43 9.53
C GLN A 29 6.00 -1.53 10.54
N ASN A 30 7.32 -1.50 10.49
CA ASN A 30 8.09 -0.63 11.37
C ASN A 30 8.11 0.81 10.86
N TYR A 31 8.08 0.97 9.55
CA TYR A 31 8.18 2.29 8.94
C TYR A 31 6.96 3.14 9.25
N PHE A 32 5.77 2.54 9.16
CA PHE A 32 4.54 3.28 9.47
C PHE A 32 4.02 2.94 10.86
N GLY A 33 4.73 2.03 11.54
CA GLY A 33 4.33 1.62 12.87
C GLY A 33 2.94 0.99 12.90
N THR A 34 2.61 0.26 11.84
CA THR A 34 1.28 -0.30 11.70
C THR A 34 1.35 -1.72 11.14
N THR A 35 0.21 -2.36 11.00
CA THR A 35 0.14 -3.72 10.49
C THR A 35 0.16 -3.74 8.95
N VAL A 36 0.97 -4.61 8.38
CA VAL A 36 1.12 -4.73 6.94
C VAL A 36 1.17 -6.20 6.54
N ASN A 37 0.47 -6.55 5.47
CA ASN A 37 0.46 -7.92 4.98
C ASN A 37 0.51 -7.93 3.46
N ILE A 38 1.41 -8.71 2.89
CA ILE A 38 1.43 -8.89 1.45
C ILE A 38 0.90 -10.26 1.09
N LYS A 39 -0.06 -10.29 0.19
CA LYS A 39 -0.68 -11.52 -0.23
C LYS A 39 -0.10 -11.93 -1.58
N ARG A 40 0.51 -13.10 -1.62
CA ARG A 40 1.04 -13.65 -2.87
C ARG A 40 0.06 -14.66 -3.45
N GLN A 41 -0.57 -14.29 -4.56
CA GLN A 41 -1.57 -15.14 -5.17
C GLN A 41 -1.23 -15.39 -6.63
N LYS A 42 -0.26 -16.26 -6.87
CA LYS A 42 0.18 -16.60 -8.22
C LYS A 42 0.60 -15.33 -8.97
N LYS A 43 1.53 -14.59 -8.37
CA LYS A 43 2.03 -13.31 -8.93
C LYS A 43 0.99 -12.19 -8.77
N LYS A 44 -0.28 -12.54 -8.87
CA LYS A 44 -1.36 -11.57 -8.76
C LYS A 44 -1.75 -11.37 -7.30
N GLY A 45 -0.92 -10.66 -6.57
CA GLY A 45 -1.17 -10.46 -5.16
C GLY A 45 -1.53 -9.03 -4.84
N LYS A 46 -1.29 -8.63 -3.60
CA LYS A 46 -1.64 -7.28 -3.16
C LYS A 46 -0.99 -6.97 -1.81
N ILE A 47 -0.51 -5.74 -1.65
CA ILE A 47 0.00 -5.28 -0.38
C ILE A 47 -1.09 -4.52 0.34
N GLU A 48 -1.46 -4.97 1.53
CA GLU A 48 -2.52 -4.30 2.27
C GLU A 48 -1.95 -3.65 3.53
N ILE A 49 -1.95 -2.33 3.53
CA ILE A 49 -1.48 -1.55 4.67
C ILE A 49 -2.66 -1.20 5.55
N GLU A 50 -2.67 -1.70 6.77
CA GLU A 50 -3.79 -1.48 7.67
C GLU A 50 -3.63 -0.18 8.44
N PHE A 51 -4.71 0.55 8.58
CA PHE A 51 -4.69 1.80 9.32
C PHE A 51 -5.83 1.84 10.33
N PHE A 52 -5.59 2.44 11.49
CA PHE A 52 -6.58 2.44 12.55
C PHE A 52 -7.27 3.80 12.66
N SER A 53 -6.87 4.73 11.78
CA SER A 53 -7.47 6.06 11.74
C SER A 53 -7.27 6.65 10.36
N ASN A 54 -7.93 7.78 10.09
CA ASN A 54 -7.73 8.48 8.83
C ASN A 54 -6.42 9.26 8.88
N GLU A 55 -5.89 9.41 10.09
CA GLU A 55 -4.59 10.05 10.28
C GLU A 55 -3.49 9.17 9.71
N ASP A 56 -3.58 7.87 9.98
CA ASP A 56 -2.65 6.90 9.40
C ASP A 56 -2.89 6.83 7.90
N LEU A 57 -4.16 6.92 7.52
CA LEU A 57 -4.58 6.84 6.13
C LEU A 57 -3.81 7.82 5.25
N ASP A 58 -3.92 9.11 5.55
CA ASP A 58 -3.31 10.13 4.70
C ASP A 58 -1.80 10.01 4.72
N ARG A 59 -1.27 9.51 5.83
CA ARG A 59 0.16 9.29 5.98
C ARG A 59 0.63 8.13 5.08
N ILE A 60 -0.17 7.08 4.98
CA ILE A 60 0.21 5.91 4.21
C ILE A 60 0.04 6.17 2.72
N LEU A 61 -1.09 6.77 2.34
CA LEU A 61 -1.33 7.13 0.94
C LEU A 61 -0.33 8.18 0.49
N GLU A 62 0.22 8.93 1.44
CA GLU A 62 1.21 9.94 1.13
C GLU A 62 2.45 9.31 0.50
N LEU A 63 2.85 8.16 1.03
CA LEU A 63 3.96 7.39 0.47
C LEU A 63 3.67 6.96 -0.95
N LEU A 64 2.49 6.39 -1.16
CA LEU A 64 2.09 5.87 -2.47
C LEU A 64 1.86 7.01 -3.44
N SER A 65 1.45 8.16 -2.91
CA SER A 65 1.19 9.33 -3.73
C SER A 65 2.49 9.92 -4.26
N GLU A 66 3.54 9.84 -3.45
CA GLU A 66 4.84 10.42 -3.80
C GLU A 66 4.65 11.88 -4.24
N ARG A 67 4.09 12.65 -3.34
CA ARG A 67 3.74 14.04 -3.63
C ARG A 67 4.93 14.97 -3.43
N GLU A 68 6.00 14.44 -2.87
CA GLU A 68 7.21 15.21 -2.68
C GLU A 68 8.03 15.20 -3.96
N SER A 69 8.42 14.00 -4.40
CA SER A 69 9.21 13.80 -5.61
C SER A 69 10.38 14.79 -5.71
N VAL B 16 -15.74 10.43 8.53
CA VAL B 16 -14.91 10.23 7.32
C VAL B 16 -15.80 9.89 6.12
N LYS B 17 -15.46 10.48 4.98
CA LYS B 17 -16.20 10.26 3.75
C LYS B 17 -15.47 9.24 2.89
N ASP B 18 -16.19 8.24 2.42
CA ASP B 18 -15.59 7.18 1.62
C ASP B 18 -15.22 7.71 0.23
N ALA B 19 -15.80 8.84 -0.12
CA ALA B 19 -15.46 9.53 -1.37
C ALA B 19 -14.02 10.02 -1.35
N VAL B 20 -13.54 10.35 -0.15
CA VAL B 20 -12.17 10.82 0.02
C VAL B 20 -11.19 9.70 -0.31
N LEU B 21 -11.61 8.49 -0.03
CA LEU B 21 -10.82 7.32 -0.35
C LEU B 21 -10.85 7.06 -1.84
N LYS B 22 -12.04 7.12 -2.42
CA LYS B 22 -12.23 6.77 -3.82
C LYS B 22 -11.45 7.73 -4.73
N GLU B 23 -11.41 9.00 -4.38
CA GLU B 23 -10.71 9.98 -5.18
C GLU B 23 -9.20 9.77 -5.13
N ARG B 24 -8.70 9.29 -3.98
CA ARG B 24 -7.27 9.02 -3.84
C ARG B 24 -6.93 7.67 -4.46
N GLU B 25 -7.88 6.73 -4.40
CA GLU B 25 -7.73 5.45 -5.08
C GLU B 25 -7.56 5.67 -6.58
N SER B 26 -8.27 6.65 -7.11
CA SER B 26 -8.19 6.98 -8.53
C SER B 26 -6.78 7.41 -8.90
N TYR B 27 -6.16 8.20 -8.04
CA TYR B 27 -4.81 8.69 -8.27
C TYR B 27 -3.80 7.54 -8.14
N LEU B 28 -4.02 6.66 -7.16
CA LEU B 28 -3.12 5.53 -6.93
C LEU B 28 -3.15 4.55 -8.10
N GLN B 29 -4.35 4.25 -8.59
CA GLN B 29 -4.51 3.28 -9.68
C GLN B 29 -3.85 3.80 -10.96
N ASN B 30 -3.87 5.11 -11.16
CA ASN B 30 -3.24 5.71 -12.33
C ASN B 30 -1.74 5.86 -12.13
N TYR B 31 -1.33 6.08 -10.89
CA TYR B 31 0.08 6.33 -10.58
C TYR B 31 0.91 5.07 -10.81
N PHE B 32 0.41 3.92 -10.39
CA PHE B 32 1.15 2.67 -10.61
C PHE B 32 0.58 1.89 -11.78
N GLY B 33 -0.47 2.42 -12.39
CA GLY B 33 -1.12 1.77 -13.52
C GLY B 33 -1.64 0.39 -13.17
N THR B 34 -2.14 0.25 -11.94
CA THR B 34 -2.59 -1.03 -11.45
C THR B 34 -3.88 -0.88 -10.64
N THR B 35 -4.42 -1.99 -10.17
CA THR B 35 -5.65 -1.97 -9.40
C THR B 35 -5.37 -1.67 -7.92
N VAL B 36 -6.17 -0.78 -7.36
CA VAL B 36 -6.02 -0.35 -5.96
C VAL B 36 -7.39 -0.27 -5.31
N ASN B 37 -7.49 -0.75 -4.07
CA ASN B 37 -8.74 -0.69 -3.32
C ASN B 37 -8.46 -0.36 -1.86
N ILE B 38 -9.18 0.62 -1.33
CA ILE B 38 -9.08 0.92 0.09
C ILE B 38 -10.33 0.44 0.80
N LYS B 39 -10.11 -0.34 1.85
CA LYS B 39 -11.22 -0.89 2.62
C LYS B 39 -11.40 -0.06 3.89
N ARG B 40 -12.58 0.52 4.05
CA ARG B 40 -12.90 1.27 5.26
C ARG B 40 -13.72 0.41 6.20
N GLN B 41 -13.11 0.01 7.31
CA GLN B 41 -13.77 -0.88 8.25
C GLN B 41 -13.75 -0.27 9.65
N LYS B 42 -14.62 0.72 9.86
CA LYS B 42 -14.72 1.40 11.15
C LYS B 42 -13.36 1.98 11.55
N LYS B 43 -12.80 2.80 10.66
CA LYS B 43 -11.48 3.42 10.84
C LYS B 43 -10.35 2.40 10.65
N LYS B 44 -10.59 1.16 11.06
CA LYS B 44 -9.60 0.11 10.96
C LYS B 44 -9.68 -0.56 9.59
N GLY B 45 -9.15 0.12 8.59
CA GLY B 45 -9.21 -0.38 7.24
C GLY B 45 -7.84 -0.77 6.72
N LYS B 46 -7.70 -0.76 5.40
CA LYS B 46 -6.45 -1.16 4.77
C LYS B 46 -6.44 -0.78 3.30
N ILE B 47 -5.29 -0.32 2.81
CA ILE B 47 -5.11 -0.06 1.40
C ILE B 47 -4.43 -1.25 0.76
N GLU B 48 -5.07 -1.86 -0.22
CA GLU B 48 -4.50 -3.02 -0.87
C GLU B 48 -4.14 -2.69 -2.32
N ILE B 49 -2.84 -2.66 -2.58
CA ILE B 49 -2.33 -2.41 -3.92
C ILE B 49 -2.08 -3.73 -4.62
N GLU B 50 -2.79 -3.98 -5.70
CA GLU B 50 -2.69 -5.26 -6.38
C GLU B 50 -1.57 -5.22 -7.41
N PHE B 51 -0.81 -6.30 -7.50
CA PHE B 51 0.27 -6.39 -8.46
C PHE B 51 0.17 -7.69 -9.23
N PHE B 52 0.54 -7.67 -10.51
CA PHE B 52 0.40 -8.85 -11.36
C PHE B 52 1.75 -9.52 -11.59
N SER B 53 2.79 -8.95 -11.00
CA SER B 53 4.13 -9.49 -11.11
C SER B 53 4.97 -9.03 -9.93
N ASN B 54 6.17 -9.59 -9.78
CA ASN B 54 7.08 -9.14 -8.73
C ASN B 54 7.76 -7.85 -9.18
N GLU B 55 7.65 -7.55 -10.47
CA GLU B 55 8.17 -6.31 -11.03
C GLU B 55 7.35 -5.13 -10.50
N ASP B 56 6.03 -5.30 -10.51
CA ASP B 56 5.14 -4.30 -9.92
C ASP B 56 5.36 -4.24 -8.41
N LEU B 57 5.60 -5.42 -7.84
CA LEU B 57 5.80 -5.56 -6.40
C LEU B 57 6.89 -4.61 -5.89
N ASP B 58 8.10 -4.76 -6.40
CA ASP B 58 9.22 -3.96 -5.91
C ASP B 58 9.03 -2.49 -6.20
N ARG B 59 8.28 -2.20 -7.26
CA ARG B 59 7.96 -0.83 -7.62
C ARG B 59 6.97 -0.21 -6.62
N ILE B 60 6.01 -1.01 -6.17
CA ILE B 60 4.98 -0.50 -5.26
C ILE B 60 5.53 -0.39 -3.84
N LEU B 61 6.26 -1.40 -3.39
CA LEU B 61 6.89 -1.36 -2.07
C LEU B 61 7.95 -0.27 -2.02
N GLU B 62 8.46 0.11 -3.19
CA GLU B 62 9.46 1.16 -3.28
C GLU B 62 8.89 2.48 -2.77
N LEU B 63 7.63 2.74 -3.12
CA LEU B 63 6.93 3.93 -2.65
C LEU B 63 6.79 3.91 -1.14
N LEU B 64 6.33 2.78 -0.61
CA LEU B 64 6.10 2.63 0.82
C LEU B 64 7.42 2.62 1.59
N SER B 65 8.46 2.14 0.93
CA SER B 65 9.78 2.06 1.53
C SER B 65 10.39 3.45 1.67
N GLU B 66 10.08 4.32 0.72
CA GLU B 66 10.64 5.67 0.70
C GLU B 66 12.16 5.61 0.87
N ARG B 67 12.80 4.88 -0.04
CA ARG B 67 14.22 4.63 0.04
C ARG B 67 15.03 5.78 -0.56
N GLU B 68 14.34 6.71 -1.19
CA GLU B 68 14.98 7.88 -1.75
C GLU B 68 15.18 8.94 -0.67
N SER B 69 14.07 9.38 -0.08
CA SER B 69 14.05 10.39 0.97
C SER B 69 14.99 11.56 0.65
#